data_7EDP
# 
_entry.id   7EDP 
# 
_audit_conform.dict_name       mmcif_pdbx.dic 
_audit_conform.dict_version    5.380 
_audit_conform.dict_location   http://mmcif.pdb.org/dictionaries/ascii/mmcif_pdbx.dic 
# 
loop_
_database_2.database_id 
_database_2.database_code 
_database_2.pdbx_database_accession 
_database_2.pdbx_DOI 
PDB   7EDP         pdb_00007edp 10.2210/pdb7edp/pdb 
WWPDB D_1300021195 ?            ?                   
# 
_pdbx_database_status.status_code                     REL 
_pdbx_database_status.status_code_sf                  REL 
_pdbx_database_status.status_code_mr                  ? 
_pdbx_database_status.entry_id                        7EDP 
_pdbx_database_status.recvd_initial_deposition_date   2021-03-16 
_pdbx_database_status.SG_entry                        N 
_pdbx_database_status.deposit_site                    PDBJ 
_pdbx_database_status.process_site                    PDBJ 
_pdbx_database_status.status_code_cs                  ? 
_pdbx_database_status.status_code_nmr_data            ? 
_pdbx_database_status.methods_development_category    ? 
_pdbx_database_status.pdb_format_compatible           Y 
# 
loop_
_audit_author.name 
_audit_author.pdbx_ordinal 
_audit_author.identifier_ORCID 
'Chen, S.' 1 0000-0002-7634-2141 
'Zhou, Z.' 2 0000-0002-4057-7512 
# 
_citation.abstract                  ? 
_citation.abstract_id_CAS           ? 
_citation.book_id_ISBN              ? 
_citation.book_publisher            ? 
_citation.book_publisher_city       ? 
_citation.book_title                ? 
_citation.coordinate_linkage        ? 
_citation.country                   ? 
_citation.database_id_Medline       ? 
_citation.details                   ? 
_citation.id                        primary 
_citation.journal_abbrev            'J Leukoc Biol' 
_citation.journal_id_ASTM           ? 
_citation.journal_id_CSD            ? 
_citation.journal_id_ISSN           1938-3673 
_citation.journal_full              ? 
_citation.journal_issue             ? 
_citation.journal_volume            110 
_citation.language                  ? 
_citation.page_first                1091 
_citation.page_last                 1099 
_citation.title                     
'Structural characteristics of coiled-coil regions in AF10-DOT1L and AF10-inhibitory peptide complex.' 
_citation.year                      2021 
_citation.database_id_CSD           ? 
_citation.pdbx_database_id_DOI      10.1002/JLB.1MA0421-010R 
_citation.pdbx_database_id_PubMed   33993518 
_citation.pdbx_database_id_patent   ? 
_citation.unpublished_flag          ? 
# 
loop_
_citation_author.citation_id 
_citation_author.name 
_citation_author.ordinal 
_citation_author.identifier_ORCID 
primary 'Zhou, Z.'  1 ? 
primary 'Kang, S.'  2 ? 
primary 'Huang, Z.' 3 ? 
primary 'Zhou, Z.'  4 ? 
primary 'Chen, S.'  5 ? 
# 
_cell.angle_alpha                  90.000 
_cell.angle_alpha_esd              ? 
_cell.angle_beta                   90.000 
_cell.angle_beta_esd               ? 
_cell.angle_gamma                  120.000 
_cell.angle_gamma_esd              ? 
_cell.entry_id                     7EDP 
_cell.details                      ? 
_cell.formula_units_Z              ? 
_cell.length_a                     37.524 
_cell.length_a_esd                 ? 
_cell.length_b                     37.524 
_cell.length_b_esd                 ? 
_cell.length_c                     157.445 
_cell.length_c_esd                 ? 
_cell.volume                       ? 
_cell.volume_esd                   ? 
_cell.Z_PDB                        6 
_cell.reciprocal_angle_alpha       ? 
_cell.reciprocal_angle_beta        ? 
_cell.reciprocal_angle_gamma       ? 
_cell.reciprocal_angle_alpha_esd   ? 
_cell.reciprocal_angle_beta_esd    ? 
_cell.reciprocal_angle_gamma_esd   ? 
_cell.reciprocal_length_a          ? 
_cell.reciprocal_length_b          ? 
_cell.reciprocal_length_c          ? 
_cell.reciprocal_length_a_esd      ? 
_cell.reciprocal_length_b_esd      ? 
_cell.reciprocal_length_c_esd      ? 
_cell.pdbx_unique_axis             ? 
# 
_symmetry.entry_id                         7EDP 
_symmetry.cell_setting                     ? 
_symmetry.Int_Tables_number                152 
_symmetry.space_group_name_Hall            ? 
_symmetry.space_group_name_H-M             'P 31 2 1' 
_symmetry.pdbx_full_space_group_name_H-M   ? 
# 
loop_
_entity.id 
_entity.type 
_entity.src_method 
_entity.pdbx_description 
_entity.formula_weight 
_entity.pdbx_number_of_molecules 
_entity.pdbx_ec 
_entity.pdbx_mutation 
_entity.pdbx_fragment 
_entity.details 
1 polymer man 'Histone-lysine N-methyltransferase, H3 lysine-79 specific' 4715.509 1  2.1.1.360 ? ? ? 
2 polymer man 'Protein AF-10'                                             5007.853 1  ?         ? ? ? 
3 water   nat water                                                       18.015   34 ?         ? ? ? 
# 
_entity_name_com.entity_id   1 
_entity_name_com.name        'DOT1-like protein,Histone H3-K79 methyltransferase,H3-K79-HMTase,Lysine N-methyltransferase 4' 
# 
loop_
_entity_poly.entity_id 
_entity_poly.type 
_entity_poly.nstd_linkage 
_entity_poly.nstd_monomer 
_entity_poly.pdbx_seq_one_letter_code 
_entity_poly.pdbx_seq_one_letter_code_can 
_entity_poly.pdbx_strand_id 
_entity_poly.pdbx_target_identifier 
1 'polypeptide(L)' no no DWATLSLEKLLKEKQALKSQISEKQRHCLELQISIVELEK    DWATLSLEKLLKEKQALKSQISEKQRHCLELQISIVELEK    B ? 
2 'polypeptide(L)' no no SDILGMLKSLHQLQVENRRLEEQIKNLTAKKERLQLLNAQLSV SDILGMLKSLHQLQVENRRLEEQIKNLTAKKERLQLLNAQLSV A ? 
# 
loop_
_entity_poly_seq.entity_id 
_entity_poly_seq.num 
_entity_poly_seq.mon_id 
_entity_poly_seq.hetero 
1 1  ASP n 
1 2  TRP n 
1 3  ALA n 
1 4  THR n 
1 5  LEU n 
1 6  SER n 
1 7  LEU n 
1 8  GLU n 
1 9  LYS n 
1 10 LEU n 
1 11 LEU n 
1 12 LYS n 
1 13 GLU n 
1 14 LYS n 
1 15 GLN n 
1 16 ALA n 
1 17 LEU n 
1 18 LYS n 
1 19 SER n 
1 20 GLN n 
1 21 ILE n 
1 22 SER n 
1 23 GLU n 
1 24 LYS n 
1 25 GLN n 
1 26 ARG n 
1 27 HIS n 
1 28 CYS n 
1 29 LEU n 
1 30 GLU n 
1 31 LEU n 
1 32 GLN n 
1 33 ILE n 
1 34 SER n 
1 35 ILE n 
1 36 VAL n 
1 37 GLU n 
1 38 LEU n 
1 39 GLU n 
1 40 LYS n 
2 1  SER n 
2 2  ASP n 
2 3  ILE n 
2 4  LEU n 
2 5  GLY n 
2 6  MET n 
2 7  LEU n 
2 8  LYS n 
2 9  SER n 
2 10 LEU n 
2 11 HIS n 
2 12 GLN n 
2 13 LEU n 
2 14 GLN n 
2 15 VAL n 
2 16 GLU n 
2 17 ASN n 
2 18 ARG n 
2 19 ARG n 
2 20 LEU n 
2 21 GLU n 
2 22 GLU n 
2 23 GLN n 
2 24 ILE n 
2 25 LYS n 
2 26 ASN n 
2 27 LEU n 
2 28 THR n 
2 29 ALA n 
2 30 LYS n 
2 31 LYS n 
2 32 GLU n 
2 33 ARG n 
2 34 LEU n 
2 35 GLN n 
2 36 LEU n 
2 37 LEU n 
2 38 ASN n 
2 39 ALA n 
2 40 GLN n 
2 41 LEU n 
2 42 SER n 
2 43 VAL n 
# 
loop_
_entity_src_gen.entity_id 
_entity_src_gen.pdbx_src_id 
_entity_src_gen.pdbx_alt_source_flag 
_entity_src_gen.pdbx_seq_type 
_entity_src_gen.pdbx_beg_seq_num 
_entity_src_gen.pdbx_end_seq_num 
_entity_src_gen.gene_src_common_name 
_entity_src_gen.gene_src_genus 
_entity_src_gen.pdbx_gene_src_gene 
_entity_src_gen.gene_src_species 
_entity_src_gen.gene_src_strain 
_entity_src_gen.gene_src_tissue 
_entity_src_gen.gene_src_tissue_fraction 
_entity_src_gen.gene_src_details 
_entity_src_gen.pdbx_gene_src_fragment 
_entity_src_gen.pdbx_gene_src_scientific_name 
_entity_src_gen.pdbx_gene_src_ncbi_taxonomy_id 
_entity_src_gen.pdbx_gene_src_variant 
_entity_src_gen.pdbx_gene_src_cell_line 
_entity_src_gen.pdbx_gene_src_atcc 
_entity_src_gen.pdbx_gene_src_organ 
_entity_src_gen.pdbx_gene_src_organelle 
_entity_src_gen.pdbx_gene_src_cell 
_entity_src_gen.pdbx_gene_src_cellular_location 
_entity_src_gen.host_org_common_name 
_entity_src_gen.pdbx_host_org_scientific_name 
_entity_src_gen.pdbx_host_org_ncbi_taxonomy_id 
_entity_src_gen.host_org_genus 
_entity_src_gen.pdbx_host_org_gene 
_entity_src_gen.pdbx_host_org_organ 
_entity_src_gen.host_org_species 
_entity_src_gen.pdbx_host_org_tissue 
_entity_src_gen.pdbx_host_org_tissue_fraction 
_entity_src_gen.pdbx_host_org_strain 
_entity_src_gen.pdbx_host_org_variant 
_entity_src_gen.pdbx_host_org_cell_line 
_entity_src_gen.pdbx_host_org_atcc 
_entity_src_gen.pdbx_host_org_culture_collection 
_entity_src_gen.pdbx_host_org_cell 
_entity_src_gen.pdbx_host_org_organelle 
_entity_src_gen.pdbx_host_org_cellular_location 
_entity_src_gen.pdbx_host_org_vector_type 
_entity_src_gen.pdbx_host_org_vector 
_entity_src_gen.host_org_details 
_entity_src_gen.expression_system_id 
_entity_src_gen.plasmid_name 
_entity_src_gen.plasmid_details 
_entity_src_gen.pdbx_description 
1 1 sample 'Biological sequence' 1 40 Human ? DOT1L  ? ? ? ? ? ? 'Homo sapiens' 9606 ? ? ? ? ? ? ? ? 'Escherichia coli' 562 ? ? ? 
? ? ? ? ? ? ? ? ? ? ? ? ? ? ? ? ? ? 
2 1 sample 'Biological sequence' 1 43 Human ? MLLT10 ? ? ? ? ? ? 'Homo sapiens' 9606 ? ? ? ? ? ? ? ? 'Escherichia coli' 562 ? ? ? 
? ? ? ? ? ? ? ? ? ? ? ? ? ? ? ? ? ? 
# 
loop_
_struct_ref.id 
_struct_ref.db_name 
_struct_ref.db_code 
_struct_ref.pdbx_db_accession 
_struct_ref.pdbx_db_isoform 
_struct_ref.entity_id 
_struct_ref.pdbx_seq_one_letter_code 
_struct_ref.pdbx_align_begin 
1 UNP DOT1L_HUMAN  Q8TEK3 ? 1 DWATLSLEKLLKEKQALKSQISEKQRHCLELQISIVELEK    610 
2 UNP Q5JT35_HUMAN Q5JT35 ? 2 SDILGMLKSLHQLQVENRRLEEQIKNLTAKKERLQLLNAQLSV 433 
# 
loop_
_struct_ref_seq.align_id 
_struct_ref_seq.ref_id 
_struct_ref_seq.pdbx_PDB_id_code 
_struct_ref_seq.pdbx_strand_id 
_struct_ref_seq.seq_align_beg 
_struct_ref_seq.pdbx_seq_align_beg_ins_code 
_struct_ref_seq.seq_align_end 
_struct_ref_seq.pdbx_seq_align_end_ins_code 
_struct_ref_seq.pdbx_db_accession 
_struct_ref_seq.db_align_beg 
_struct_ref_seq.pdbx_db_align_beg_ins_code 
_struct_ref_seq.db_align_end 
_struct_ref_seq.pdbx_db_align_end_ins_code 
_struct_ref_seq.pdbx_auth_seq_align_beg 
_struct_ref_seq.pdbx_auth_seq_align_end 
1 1 7EDP B 1 ? 40 ? Q8TEK3 610 ? 649 ? 610 649 
2 2 7EDP A 1 ? 43 ? Q5JT35 433 ? 475 ? 754 796 
# 
loop_
_chem_comp.id 
_chem_comp.type 
_chem_comp.mon_nstd_flag 
_chem_comp.name 
_chem_comp.pdbx_synonyms 
_chem_comp.formula 
_chem_comp.formula_weight 
ALA 'L-peptide linking' y ALANINE         ? 'C3 H7 N O2'     89.093  
ARG 'L-peptide linking' y ARGININE        ? 'C6 H15 N4 O2 1' 175.209 
ASN 'L-peptide linking' y ASPARAGINE      ? 'C4 H8 N2 O3'    132.118 
ASP 'L-peptide linking' y 'ASPARTIC ACID' ? 'C4 H7 N O4'     133.103 
CYS 'L-peptide linking' y CYSTEINE        ? 'C3 H7 N O2 S'   121.158 
GLN 'L-peptide linking' y GLUTAMINE       ? 'C5 H10 N2 O3'   146.144 
GLU 'L-peptide linking' y 'GLUTAMIC ACID' ? 'C5 H9 N O4'     147.129 
GLY 'peptide linking'   y GLYCINE         ? 'C2 H5 N O2'     75.067  
HIS 'L-peptide linking' y HISTIDINE       ? 'C6 H10 N3 O2 1' 156.162 
HOH non-polymer         . WATER           ? 'H2 O'           18.015  
ILE 'L-peptide linking' y ISOLEUCINE      ? 'C6 H13 N O2'    131.173 
LEU 'L-peptide linking' y LEUCINE         ? 'C6 H13 N O2'    131.173 
LYS 'L-peptide linking' y LYSINE          ? 'C6 H15 N2 O2 1' 147.195 
MET 'L-peptide linking' y METHIONINE      ? 'C5 H11 N O2 S'  149.211 
SER 'L-peptide linking' y SERINE          ? 'C3 H7 N O3'     105.093 
THR 'L-peptide linking' y THREONINE       ? 'C4 H9 N O3'     119.119 
TRP 'L-peptide linking' y TRYPTOPHAN      ? 'C11 H12 N2 O2'  204.225 
VAL 'L-peptide linking' y VALINE          ? 'C5 H11 N O2'    117.146 
# 
_exptl.absorpt_coefficient_mu     ? 
_exptl.absorpt_correction_T_max   ? 
_exptl.absorpt_correction_T_min   ? 
_exptl.absorpt_correction_type    ? 
_exptl.absorpt_process_details    ? 
_exptl.entry_id                   7EDP 
_exptl.crystals_number            1 
_exptl.details                    ? 
_exptl.method                     'X-RAY DIFFRACTION' 
_exptl.method_details             ? 
# 
_exptl_crystal.colour                      ? 
_exptl_crystal.density_diffrn              ? 
_exptl_crystal.density_Matthews            3.29 
_exptl_crystal.density_method              ? 
_exptl_crystal.density_percent_sol         62.62 
_exptl_crystal.description                 ? 
_exptl_crystal.F_000                       ? 
_exptl_crystal.id                          1 
_exptl_crystal.preparation                 ? 
_exptl_crystal.size_max                    ? 
_exptl_crystal.size_mid                    ? 
_exptl_crystal.size_min                    ? 
_exptl_crystal.size_rad                    ? 
_exptl_crystal.colour_lustre               ? 
_exptl_crystal.colour_modifier             ? 
_exptl_crystal.colour_primary              ? 
_exptl_crystal.density_meas                ? 
_exptl_crystal.density_meas_esd            ? 
_exptl_crystal.density_meas_gt             ? 
_exptl_crystal.density_meas_lt             ? 
_exptl_crystal.density_meas_temp           ? 
_exptl_crystal.density_meas_temp_esd       ? 
_exptl_crystal.density_meas_temp_gt        ? 
_exptl_crystal.density_meas_temp_lt        ? 
_exptl_crystal.pdbx_crystal_image_url      ? 
_exptl_crystal.pdbx_crystal_image_format   ? 
_exptl_crystal.pdbx_mosaicity              ? 
_exptl_crystal.pdbx_mosaicity_esd          ? 
# 
_exptl_crystal_grow.apparatus       ? 
_exptl_crystal_grow.atmosphere      ? 
_exptl_crystal_grow.crystal_id      1 
_exptl_crystal_grow.details         ? 
_exptl_crystal_grow.method          'VAPOR DIFFUSION, HANGING DROP' 
_exptl_crystal_grow.method_ref      ? 
_exptl_crystal_grow.pH              ? 
_exptl_crystal_grow.pressure        ? 
_exptl_crystal_grow.pressure_esd    ? 
_exptl_crystal_grow.seeding         ? 
_exptl_crystal_grow.seeding_ref     ? 
_exptl_crystal_grow.temp            293 
_exptl_crystal_grow.temp_details    ? 
_exptl_crystal_grow.temp_esd        ? 
_exptl_crystal_grow.time            ? 
_exptl_crystal_grow.pdbx_details    '25% Ethylene glycol' 
_exptl_crystal_grow.pdbx_pH_range   ? 
# 
_diffrn.ambient_environment              ? 
_diffrn.ambient_temp                     100 
_diffrn.ambient_temp_details             ? 
_diffrn.ambient_temp_esd                 ? 
_diffrn.crystal_id                       1 
_diffrn.crystal_support                  ? 
_diffrn.crystal_treatment                ? 
_diffrn.details                          ? 
_diffrn.id                               1 
_diffrn.ambient_pressure                 ? 
_diffrn.ambient_pressure_esd             ? 
_diffrn.ambient_pressure_gt              ? 
_diffrn.ambient_pressure_lt              ? 
_diffrn.ambient_temp_gt                  ? 
_diffrn.ambient_temp_lt                  ? 
_diffrn.pdbx_serial_crystal_experiment   N 
# 
_diffrn_detector.details                      ? 
_diffrn_detector.detector                     PIXEL 
_diffrn_detector.diffrn_id                    1 
_diffrn_detector.type                         'DECTRIS PILATUS3 6M' 
_diffrn_detector.area_resol_mean              ? 
_diffrn_detector.dtime                        ? 
_diffrn_detector.pdbx_frames_total            ? 
_diffrn_detector.pdbx_collection_time_total   ? 
_diffrn_detector.pdbx_collection_date         2015-03-31 
_diffrn_detector.pdbx_frequency               ? 
# 
_diffrn_radiation.collimation                      ? 
_diffrn_radiation.diffrn_id                        1 
_diffrn_radiation.filter_edge                      ? 
_diffrn_radiation.inhomogeneity                    ? 
_diffrn_radiation.monochromator                    ? 
_diffrn_radiation.polarisn_norm                    ? 
_diffrn_radiation.polarisn_ratio                   ? 
_diffrn_radiation.probe                            ? 
_diffrn_radiation.type                             ? 
_diffrn_radiation.xray_symbol                      ? 
_diffrn_radiation.wavelength_id                    1 
_diffrn_radiation.pdbx_monochromatic_or_laue_m_l   M 
_diffrn_radiation.pdbx_wavelength_list             ? 
_diffrn_radiation.pdbx_wavelength                  ? 
_diffrn_radiation.pdbx_diffrn_protocol             'SINGLE WAVELENGTH' 
_diffrn_radiation.pdbx_analyzer                    ? 
_diffrn_radiation.pdbx_scattering_type             x-ray 
# 
_diffrn_radiation_wavelength.id           1 
_diffrn_radiation_wavelength.wavelength   0.9788 
_diffrn_radiation_wavelength.wt           1.0 
# 
_diffrn_source.current                     ? 
_diffrn_source.details                     ? 
_diffrn_source.diffrn_id                   1 
_diffrn_source.power                       ? 
_diffrn_source.size                        ? 
_diffrn_source.source                      SYNCHROTRON 
_diffrn_source.target                      ? 
_diffrn_source.type                        'SSRF BEAMLINE BL18U1' 
_diffrn_source.voltage                     ? 
_diffrn_source.take-off_angle              ? 
_diffrn_source.pdbx_wavelength_list        0.9788 
_diffrn_source.pdbx_wavelength             ? 
_diffrn_source.pdbx_synchrotron_beamline   BL18U1 
_diffrn_source.pdbx_synchrotron_site       SSRF 
# 
_reflns.B_iso_Wilson_estimate            38.9 
_reflns.entry_id                         7EDP 
_reflns.data_reduction_details           ? 
_reflns.data_reduction_method            ? 
_reflns.d_resolution_high                2.19971 
_reflns.d_resolution_low                 31.8260 
_reflns.details                          ? 
_reflns.limit_h_max                      ? 
_reflns.limit_h_min                      ? 
_reflns.limit_k_max                      ? 
_reflns.limit_k_min                      ? 
_reflns.limit_l_max                      ? 
_reflns.limit_l_min                      ? 
_reflns.number_all                       ? 
_reflns.number_obs                       6826 
_reflns.observed_criterion               ? 
_reflns.observed_criterion_F_max         ? 
_reflns.observed_criterion_F_min         ? 
_reflns.observed_criterion_I_max         ? 
_reflns.observed_criterion_I_min         ? 
_reflns.observed_criterion_sigma_F       ? 
_reflns.observed_criterion_sigma_I       ? 
_reflns.percent_possible_obs             95.5 
_reflns.R_free_details                   ? 
_reflns.Rmerge_F_all                     ? 
_reflns.Rmerge_F_obs                     ? 
_reflns.Friedel_coverage                 ? 
_reflns.number_gt                        ? 
_reflns.threshold_expression             ? 
_reflns.pdbx_redundancy                  8.9 
_reflns.pdbx_Rmerge_I_obs                0.124 
_reflns.pdbx_Rmerge_I_all                ? 
_reflns.pdbx_Rsym_value                  ? 
_reflns.pdbx_netI_over_av_sigmaI         ? 
_reflns.pdbx_netI_over_sigmaI            22.7 
_reflns.pdbx_res_netI_over_av_sigmaI_2   ? 
_reflns.pdbx_res_netI_over_sigmaI_2      ? 
_reflns.pdbx_chi_squared                 ? 
_reflns.pdbx_scaling_rejects             ? 
_reflns.pdbx_d_res_high_opt              ? 
_reflns.pdbx_d_res_low_opt               ? 
_reflns.pdbx_d_res_opt_method            ? 
_reflns.phase_calculation_details        ? 
_reflns.pdbx_Rrim_I_all                  0.132 
_reflns.pdbx_Rpim_I_all                  0.043 
_reflns.pdbx_d_opt                       ? 
_reflns.pdbx_number_measured_all         ? 
_reflns.pdbx_diffrn_id                   1 
_reflns.pdbx_ordinal                     1 
_reflns.pdbx_CC_half                     ? 
_reflns.pdbx_CC_star                     ? 
_reflns.pdbx_R_split                     ? 
# 
_reflns_shell.d_res_high                  2.2 
_reflns_shell.d_res_low                   2.24 
_reflns_shell.meanI_over_sigI_all         ? 
_reflns_shell.meanI_over_sigI_obs         ? 
_reflns_shell.number_measured_all         ? 
_reflns_shell.number_measured_obs         ? 
_reflns_shell.number_possible             ? 
_reflns_shell.number_unique_all           ? 
_reflns_shell.number_unique_obs           237 
_reflns_shell.percent_possible_all        ? 
_reflns_shell.percent_possible_obs        ? 
_reflns_shell.Rmerge_F_all                ? 
_reflns_shell.Rmerge_F_obs                ? 
_reflns_shell.Rmerge_I_all                ? 
_reflns_shell.Rmerge_I_obs                ? 
_reflns_shell.meanI_over_sigI_gt          ? 
_reflns_shell.meanI_over_uI_all           ? 
_reflns_shell.meanI_over_uI_gt            ? 
_reflns_shell.number_measured_gt          ? 
_reflns_shell.number_unique_gt            ? 
_reflns_shell.percent_possible_gt         ? 
_reflns_shell.Rmerge_F_gt                 ? 
_reflns_shell.Rmerge_I_gt                 ? 
_reflns_shell.pdbx_redundancy             ? 
_reflns_shell.pdbx_Rsym_value             ? 
_reflns_shell.pdbx_chi_squared            ? 
_reflns_shell.pdbx_netI_over_sigmaI_all   ? 
_reflns_shell.pdbx_netI_over_sigmaI_obs   ? 
_reflns_shell.pdbx_Rrim_I_all             ? 
_reflns_shell.pdbx_Rpim_I_all             ? 
_reflns_shell.pdbx_rejects                ? 
_reflns_shell.pdbx_ordinal                1 
_reflns_shell.pdbx_diffrn_id              1 
_reflns_shell.pdbx_CC_half                0.935 
_reflns_shell.pdbx_CC_star                ? 
_reflns_shell.pdbx_R_split                ? 
# 
_refine.aniso_B[1][1]                            ? 
_refine.aniso_B[1][2]                            ? 
_refine.aniso_B[1][3]                            ? 
_refine.aniso_B[2][2]                            ? 
_refine.aniso_B[2][3]                            ? 
_refine.aniso_B[3][3]                            ? 
_refine.B_iso_max                                108.560 
_refine.B_iso_mean                               57.0047 
_refine.B_iso_min                                29.060 
_refine.correlation_coeff_Fo_to_Fc               ? 
_refine.correlation_coeff_Fo_to_Fc_free          ? 
_refine.details                                  ? 
_refine.diff_density_max                         ? 
_refine.diff_density_max_esd                     ? 
_refine.diff_density_min                         ? 
_refine.diff_density_min_esd                     ? 
_refine.diff_density_rms                         ? 
_refine.diff_density_rms_esd                     ? 
_refine.entry_id                                 7EDP 
_refine.pdbx_refine_id                           'X-RAY DIFFRACTION' 
_refine.ls_abs_structure_details                 ? 
_refine.ls_abs_structure_Flack                   ? 
_refine.ls_abs_structure_Flack_esd               ? 
_refine.ls_abs_structure_Rogers                  ? 
_refine.ls_abs_structure_Rogers_esd              ? 
_refine.ls_d_res_high                            2.2000 
_refine.ls_d_res_low                             31.8260 
_refine.ls_extinction_coef                       ? 
_refine.ls_extinction_coef_esd                   ? 
_refine.ls_extinction_expression                 ? 
_refine.ls_extinction_method                     ? 
_refine.ls_goodness_of_fit_all                   ? 
_refine.ls_goodness_of_fit_all_esd               ? 
_refine.ls_goodness_of_fit_obs                   ? 
_refine.ls_goodness_of_fit_obs_esd               ? 
_refine.ls_hydrogen_treatment                    ? 
_refine.ls_matrix_type                           ? 
_refine.ls_number_constraints                    ? 
_refine.ls_number_parameters                     ? 
_refine.ls_number_reflns_all                     ? 
_refine.ls_number_reflns_obs                     6763 
_refine.ls_number_reflns_R_free                  696 
_refine.ls_number_reflns_R_work                  6067 
_refine.ls_number_restraints                     ? 
_refine.ls_percent_reflns_obs                    95.2700 
_refine.ls_percent_reflns_R_free                 10.2900 
_refine.ls_R_factor_all                          ? 
_refine.ls_R_factor_obs                          0.2261 
_refine.ls_R_factor_R_free                       0.2682 
_refine.ls_R_factor_R_free_error                 ? 
_refine.ls_R_factor_R_free_error_details         ? 
_refine.ls_R_factor_R_work                       0.2213 
_refine.ls_R_Fsqd_factor_obs                     ? 
_refine.ls_R_I_factor_obs                        ? 
_refine.ls_redundancy_reflns_all                 ? 
_refine.ls_redundancy_reflns_obs                 ? 
_refine.ls_restrained_S_all                      ? 
_refine.ls_restrained_S_obs                      ? 
_refine.ls_shift_over_esd_max                    ? 
_refine.ls_shift_over_esd_mean                   ? 
_refine.ls_structure_factor_coef                 ? 
_refine.ls_weighting_details                     ? 
_refine.ls_weighting_scheme                      ? 
_refine.ls_wR_factor_all                         ? 
_refine.ls_wR_factor_obs                         ? 
_refine.ls_wR_factor_R_free                      ? 
_refine.ls_wR_factor_R_work                      ? 
_refine.occupancy_max                            ? 
_refine.occupancy_min                            ? 
_refine.solvent_model_details                    'FLAT BULK SOLVENT MODEL' 
_refine.solvent_model_param_bsol                 ? 
_refine.solvent_model_param_ksol                 ? 
_refine.pdbx_R_complete                          ? 
_refine.ls_R_factor_gt                           ? 
_refine.ls_goodness_of_fit_gt                    ? 
_refine.ls_goodness_of_fit_ref                   ? 
_refine.ls_shift_over_su_max                     ? 
_refine.ls_shift_over_su_max_lt                  ? 
_refine.ls_shift_over_su_mean                    ? 
_refine.ls_shift_over_su_mean_lt                 ? 
_refine.pdbx_ls_sigma_I                          ? 
_refine.pdbx_ls_sigma_F                          1.350 
_refine.pdbx_ls_sigma_Fsqd                       ? 
_refine.pdbx_data_cutoff_high_absF               ? 
_refine.pdbx_data_cutoff_high_rms_absF           ? 
_refine.pdbx_data_cutoff_low_absF                ? 
_refine.pdbx_isotropic_thermal_model             ? 
_refine.pdbx_ls_cross_valid_method               THROUGHOUT 
_refine.pdbx_method_to_determine_struct          'MOLECULAR REPLACEMENT' 
_refine.pdbx_starting_model                      1ZIK 
_refine.pdbx_stereochemistry_target_values       ML 
_refine.pdbx_R_Free_selection_details            ? 
_refine.pdbx_stereochem_target_val_spec_case     ? 
_refine.pdbx_overall_ESU_R                       ? 
_refine.pdbx_overall_ESU_R_Free                  ? 
_refine.pdbx_solvent_vdw_probe_radii             1.1100 
_refine.pdbx_solvent_ion_probe_radii             ? 
_refine.pdbx_solvent_shrinkage_radii             0.9000 
_refine.pdbx_real_space_R                        ? 
_refine.pdbx_density_correlation                 ? 
_refine.pdbx_pd_number_of_powder_patterns        ? 
_refine.pdbx_pd_number_of_points                 ? 
_refine.pdbx_pd_meas_number_of_points            ? 
_refine.pdbx_pd_proc_ls_prof_R_factor            ? 
_refine.pdbx_pd_proc_ls_prof_wR_factor           ? 
_refine.pdbx_pd_Marquardt_correlation_coeff      ? 
_refine.pdbx_pd_Fsqrd_R_factor                   ? 
_refine.pdbx_pd_ls_matrix_band_width             ? 
_refine.pdbx_overall_phase_error                 30.8800 
_refine.pdbx_overall_SU_R_free_Cruickshank_DPI   ? 
_refine.pdbx_overall_SU_R_free_Blow_DPI          ? 
_refine.pdbx_overall_SU_R_Blow_DPI               ? 
_refine.pdbx_TLS_residual_ADP_flag               ? 
_refine.pdbx_diffrn_id                           1 
_refine.overall_SU_B                             ? 
_refine.overall_SU_ML                            0.3100 
_refine.overall_SU_R_Cruickshank_DPI             ? 
_refine.overall_SU_R_free                        ? 
_refine.overall_FOM_free_R_set                   ? 
_refine.overall_FOM_work_R_set                   ? 
_refine.pdbx_average_fsc_overall                 ? 
_refine.pdbx_average_fsc_work                    ? 
_refine.pdbx_average_fsc_free                    ? 
# 
_refine_hist.pdbx_refine_id                   'X-RAY DIFFRACTION' 
_refine_hist.cycle_id                         final 
_refine_hist.details                          ? 
_refine_hist.d_res_high                       2.2000 
_refine_hist.d_res_low                        31.8260 
_refine_hist.number_atoms_solvent             34 
_refine_hist.number_atoms_total               687 
_refine_hist.number_reflns_all                ? 
_refine_hist.number_reflns_obs                ? 
_refine_hist.number_reflns_R_free             ? 
_refine_hist.number_reflns_R_work             ? 
_refine_hist.R_factor_all                     ? 
_refine_hist.R_factor_obs                     ? 
_refine_hist.R_factor_R_free                  ? 
_refine_hist.R_factor_R_work                  ? 
_refine_hist.pdbx_number_residues_total       83 
_refine_hist.pdbx_B_iso_mean_ligand           ? 
_refine_hist.pdbx_B_iso_mean_solvent          56.72 
_refine_hist.pdbx_number_atoms_protein        653 
_refine_hist.pdbx_number_atoms_nucleic_acid   0 
_refine_hist.pdbx_number_atoms_ligand         0 
_refine_hist.pdbx_number_atoms_lipid          ? 
_refine_hist.pdbx_number_atoms_carb           ? 
_refine_hist.pdbx_pseudo_atom_details         ? 
# 
loop_
_refine_ls_restr.pdbx_refine_id 
_refine_ls_restr.criterion 
_refine_ls_restr.dev_ideal 
_refine_ls_restr.dev_ideal_target 
_refine_ls_restr.number 
_refine_ls_restr.rejects 
_refine_ls_restr.type 
_refine_ls_restr.weight 
_refine_ls_restr.pdbx_restraint_function 
'X-RAY DIFFRACTION' ? 0.007  ? 653 ? f_bond_d           ? ? 
'X-RAY DIFFRACTION' ? 0.866  ? 873 ? f_angle_d          ? ? 
'X-RAY DIFFRACTION' ? 0.033  ? 110 ? f_chiral_restr     ? ? 
'X-RAY DIFFRACTION' ? 0.003  ? 110 ? f_plane_restr      ? ? 
'X-RAY DIFFRACTION' ? 17.726 ? 259 ? f_dihedral_angle_d ? ? 
# 
loop_
_refine_ls_shell.pdbx_refine_id 
_refine_ls_shell.d_res_high 
_refine_ls_shell.d_res_low 
_refine_ls_shell.number_reflns_all 
_refine_ls_shell.number_reflns_obs 
_refine_ls_shell.number_reflns_R_free 
_refine_ls_shell.number_reflns_R_work 
_refine_ls_shell.percent_reflns_obs 
_refine_ls_shell.percent_reflns_R_free 
_refine_ls_shell.R_factor_all 
_refine_ls_shell.R_factor_obs 
_refine_ls_shell.R_factor_R_free 
_refine_ls_shell.R_factor_R_free_error 
_refine_ls_shell.R_factor_R_work 
_refine_ls_shell.redundancy_reflns_all 
_refine_ls_shell.redundancy_reflns_obs 
_refine_ls_shell.wR_factor_all 
_refine_ls_shell.wR_factor_obs 
_refine_ls_shell.wR_factor_R_free 
_refine_ls_shell.wR_factor_R_work 
_refine_ls_shell.pdbx_R_complete 
_refine_ls_shell.pdbx_total_number_of_bins_used 
_refine_ls_shell.pdbx_phase_error 
_refine_ls_shell.pdbx_fsc_work 
_refine_ls_shell.pdbx_fsc_free 
'X-RAY DIFFRACTION' 2.2    2.3695  . . 104 960  78.0000  . . . 0.3957 0.0000 0.3068 . . . . . . . . . . . 
'X-RAY DIFFRACTION' 2.3695 2.6079  . . 144 1225 99.0000  . . . 0.2851 0.0000 0.2722 . . . . . . . . . . . 
'X-RAY DIFFRACTION' 2.6079 2.9850  . . 143 1243 100.0000 . . . 0.3072 0.0000 0.2508 . . . . . . . . . . . 
'X-RAY DIFFRACTION' 2.9850 3.7598  . . 147 1283 100.0000 . . . 0.2897 0.0000 0.2235 . . . . . . . . . . . 
'X-RAY DIFFRACTION' 3.7598 31.8260 . . 158 1356 99.0000  . . . 0.2287 0.0000 0.1891 . . . . . . . . . . . 
# 
_struct.entry_id                     7EDP 
_struct.title                        'Crystal structure of AF10-DOT1L complex' 
_struct.pdbx_model_details           ? 
_struct.pdbx_formula_weight          ? 
_struct.pdbx_formula_weight_method   ? 
_struct.pdbx_model_type_details      ? 
_struct.pdbx_CASP_flag               N 
# 
_struct_keywords.entry_id        7EDP 
_struct_keywords.text            'complex, PROTEIN BINDING' 
_struct_keywords.pdbx_keywords   'PROTEIN BINDING' 
# 
loop_
_struct_asym.id 
_struct_asym.pdbx_blank_PDB_chainid_flag 
_struct_asym.pdbx_modified 
_struct_asym.entity_id 
_struct_asym.details 
A N N 1 ? 
B N N 2 ? 
C N N 3 ? 
D N N 3 ? 
# 
loop_
_struct_conf.conf_type_id 
_struct_conf.id 
_struct_conf.pdbx_PDB_helix_id 
_struct_conf.beg_label_comp_id 
_struct_conf.beg_label_asym_id 
_struct_conf.beg_label_seq_id 
_struct_conf.pdbx_beg_PDB_ins_code 
_struct_conf.end_label_comp_id 
_struct_conf.end_label_asym_id 
_struct_conf.end_label_seq_id 
_struct_conf.pdbx_end_PDB_ins_code 
_struct_conf.beg_auth_comp_id 
_struct_conf.beg_auth_asym_id 
_struct_conf.beg_auth_seq_id 
_struct_conf.end_auth_comp_id 
_struct_conf.end_auth_asym_id 
_struct_conf.end_auth_seq_id 
_struct_conf.pdbx_PDB_helix_class 
_struct_conf.details 
_struct_conf.pdbx_PDB_helix_length 
HELX_P HELX_P1 AA1 ASP A 1 ? LYS A 40 ? ASP B 610 LYS B 649 1 ? 40 
HELX_P HELX_P2 AA2 ASP B 2 ? LEU B 41 ? ASP A 755 LEU A 794 1 ? 40 
# 
_struct_conf_type.id          HELX_P 
_struct_conf_type.criteria    ? 
_struct_conf_type.reference   ? 
# 
_atom_sites.entry_id                    7EDP 
_atom_sites.Cartn_transf_matrix[1][1]   ? 
_atom_sites.Cartn_transf_matrix[1][2]   ? 
_atom_sites.Cartn_transf_matrix[1][3]   ? 
_atom_sites.Cartn_transf_matrix[2][1]   ? 
_atom_sites.Cartn_transf_matrix[2][2]   ? 
_atom_sites.Cartn_transf_matrix[2][3]   ? 
_atom_sites.Cartn_transf_matrix[3][1]   ? 
_atom_sites.Cartn_transf_matrix[3][2]   ? 
_atom_sites.Cartn_transf_matrix[3][3]   ? 
_atom_sites.Cartn_transf_vector[1]      ? 
_atom_sites.Cartn_transf_vector[2]      ? 
_atom_sites.Cartn_transf_vector[3]      ? 
_atom_sites.fract_transf_matrix[1][1]   -0.02619229 
_atom_sites.fract_transf_matrix[1][2]   0.01357501 
_atom_sites.fract_transf_matrix[1][3]   -0.00875413 
_atom_sites.fract_transf_matrix[2][1]   -0.02555756 
_atom_sites.fract_transf_matrix[2][2]   -0.00363405 
_atom_sites.fract_transf_matrix[2][3]   0.01674875 
_atom_sites.fract_transf_matrix[3][1]   0.00151443 
_atom_sites.fract_transf_matrix[3][2]   0.00513008 
_atom_sites.fract_transf_matrix[3][3]   0.00342403 
_atom_sites.fract_transf_vector[1]      0.698116 
_atom_sites.fract_transf_vector[2]      0.339975 
_atom_sites.fract_transf_vector[3]      0.373633 
_atom_sites.solution_primary            ? 
_atom_sites.solution_secondary          ? 
_atom_sites.solution_hydrogens          ? 
_atom_sites.special_details             ? 
# 
loop_
_atom_type.symbol 
C 
N 
O 
S 
# 
loop_
_atom_site.group_PDB 
_atom_site.id 
_atom_site.type_symbol 
_atom_site.label_atom_id 
_atom_site.label_alt_id 
_atom_site.label_comp_id 
_atom_site.label_asym_id 
_atom_site.label_entity_id 
_atom_site.label_seq_id 
_atom_site.pdbx_PDB_ins_code 
_atom_site.Cartn_x 
_atom_site.Cartn_y 
_atom_site.Cartn_z 
_atom_site.occupancy 
_atom_site.B_iso_or_equiv 
_atom_site.pdbx_formal_charge 
_atom_site.auth_seq_id 
_atom_site.auth_comp_id 
_atom_site.auth_asym_id 
_atom_site.auth_atom_id 
_atom_site.pdbx_PDB_model_num 
ATOM   1   N N   . ASP A 1 1  ? 1.344   25.712  22.966  1.00 108.56 ? 610 ASP B N   1 
ATOM   2   C CA  . ASP A 1 1  ? 0.671   24.472  23.336  1.00 103.24 ? 610 ASP B CA  1 
ATOM   3   C C   . ASP A 1 1  ? -0.397  24.110  22.313  1.00 100.22 ? 610 ASP B C   1 
ATOM   4   O O   . ASP A 1 1  ? -0.286  23.088  21.635  1.00 87.08  ? 610 ASP B O   1 
ATOM   5   C CB  . ASP A 1 1  ? 0.045   24.581  24.727  1.00 103.37 ? 610 ASP B CB  1 
ATOM   6   N N   . TRP A 1 2  ? -1.418  24.960  22.202  1.00 106.21 ? 611 TRP B N   1 
ATOM   7   C CA  . TRP A 1 2  ? -2.561  24.734  21.303  1.00 104.78 ? 611 TRP B CA  1 
ATOM   8   C C   . TRP A 1 2  ? -2.198  24.269  19.884  1.00 102.87 ? 611 TRP B C   1 
ATOM   9   O O   . TRP A 1 2  ? -2.524  23.149  19.481  1.00 99.87  ? 611 TRP B O   1 
ATOM   10  C CB  . TRP A 1 2  ? -3.393  26.017  21.204  1.00 106.31 ? 611 TRP B CB  1 
ATOM   11  N N   . ALA A 1 3  ? -1.526  25.136  19.135  1.00 103.39 ? 612 ALA B N   1 
ATOM   12  C CA  . ALA A 1 3  ? -1.198  24.877  17.735  1.00 94.04  ? 612 ALA B CA  1 
ATOM   13  C C   . ALA A 1 3  ? -0.122  23.799  17.585  1.00 84.67  ? 612 ALA B C   1 
ATOM   14  O O   . ALA A 1 3  ? -0.271  22.865  16.795  1.00 79.64  ? 612 ALA B O   1 
ATOM   15  C CB  . ALA A 1 3  ? -0.752  26.157  17.071  1.00 100.13 ? 612 ALA B CB  1 
ATOM   16  N N   . THR A 1 4  ? 0.949   23.929  18.366  1.00 82.78  ? 613 THR B N   1 
ATOM   17  C CA  . THR A 1 4  ? 2.075   22.996  18.336  1.00 82.53  ? 613 THR B CA  1 
ATOM   18  C C   . THR A 1 4  ? 1.627   21.530  18.576  1.00 85.38  ? 613 THR B C   1 
ATOM   19  O O   . THR A 1 4  ? 2.133   20.606  17.927  1.00 78.03  ? 613 THR B O   1 
ATOM   20  C CB  . THR A 1 4  ? 3.174   23.437  19.369  1.00 86.97  ? 613 THR B CB  1 
ATOM   21  O OG1 . THR A 1 4  ? 4.421   22.793  19.085  1.00 90.56  ? 613 THR B OG1 1 
ATOM   22  C CG2 . THR A 1 4  ? 2.767   23.141  20.804  1.00 88.54  ? 613 THR B CG2 1 
ATOM   23  N N   . LEU A 1 5  ? 0.651   21.323  19.463  1.00 93.73  ? 614 LEU B N   1 
ATOM   24  C CA  . LEU A 1 5  ? 0.168   19.982  19.811  1.00 88.54  ? 614 LEU B CA  1 
ATOM   25  C C   . LEU A 1 5  ? -0.600  19.366  18.645  1.00 79.67  ? 614 LEU B C   1 
ATOM   26  O O   . LEU A 1 5  ? -0.488  18.170  18.357  1.00 66.59  ? 614 LEU B O   1 
ATOM   27  C CB  . LEU A 1 5  ? -0.720  20.044  21.059  1.00 89.30  ? 614 LEU B CB  1 
ATOM   28  C CG  . LEU A 1 5  ? -0.359  19.149  22.249  1.00 90.74  ? 614 LEU B CG  1 
ATOM   29  C CD1 . LEU A 1 5  ? 1.145   18.946  22.345  1.00 94.13  ? 614 LEU B CD1 1 
ATOM   30  C CD2 . LEU A 1 5  ? -0.896  19.748  23.546  1.00 93.00  ? 614 LEU B CD2 1 
ATOM   31  N N   . SER A 1 6  ? -1.392  20.208  17.992  1.00 81.34  ? 615 SER B N   1 
ATOM   32  C CA  . SER A 1 6  ? -2.097  19.833  16.783  1.00 79.80  ? 615 SER B CA  1 
ATOM   33  C C   . SER A 1 6  ? -1.089  19.354  15.745  1.00 76.81  ? 615 SER B C   1 
ATOM   34  O O   . SER A 1 6  ? -1.184  18.235  15.235  1.00 72.85  ? 615 SER B O   1 
ATOM   35  C CB  . SER A 1 6  ? -2.905  21.024  16.249  1.00 85.70  ? 615 SER B CB  1 
ATOM   36  O OG  . SER A 1 6  ? -3.742  20.653  15.169  1.00 91.04  ? 615 SER B OG  1 
ATOM   37  N N   . LEU A 1 7  ? -0.107  20.208  15.467  1.00 74.11  ? 616 LEU B N   1 
ATOM   38  C CA  . LEU A 1 7  ? 0.868   19.980  14.406  1.00 65.36  ? 616 LEU B CA  1 
ATOM   39  C C   . LEU A 1 7  ? 1.636   18.683  14.570  1.00 59.97  ? 616 LEU B C   1 
ATOM   40  O O   . LEU A 1 7  ? 1.970   18.038  13.592  1.00 57.31  ? 616 LEU B O   1 
ATOM   41  C CB  . LEU A 1 7  ? 1.862   21.139  14.341  1.00 69.88  ? 616 LEU B CB  1 
ATOM   42  C CG  . LEU A 1 7  ? 1.381   22.479  13.788  1.00 71.22  ? 616 LEU B CG  1 
ATOM   43  C CD1 . LEU A 1 7  ? 2.535   23.460  13.703  1.00 73.86  ? 616 LEU B CD1 1 
ATOM   44  C CD2 . LEU A 1 7  ? 0.746   22.281  12.427  1.00 64.51  ? 616 LEU B CD2 1 
ATOM   45  N N   . GLU A 1 8  ? 1.919   18.307  15.809  1.00 62.27  ? 617 GLU B N   1 
ATOM   46  C CA  . GLU A 1 8  ? 2.753   17.146  16.071  1.00 61.94  ? 617 GLU B CA  1 
ATOM   47  C C   . GLU A 1 8  ? 1.985   15.849  15.834  1.00 57.38  ? 617 GLU B C   1 
ATOM   48  O O   . GLU A 1 8  ? 2.558   14.856  15.380  1.00 55.77  ? 617 GLU B O   1 
ATOM   49  C CB  . GLU A 1 8  ? 3.295   17.202  17.501  1.00 68.19  ? 617 GLU B CB  1 
ATOM   50  C CG  . GLU A 1 8  ? 4.387   18.261  17.676  1.00 76.30  ? 617 GLU B CG  1 
ATOM   51  C CD  . GLU A 1 8  ? 4.764   18.509  19.129  1.00 87.87  ? 617 GLU B CD  1 
ATOM   52  O OE1 . GLU A 1 8  ? 3.883   18.394  20.008  1.00 85.97  ? 617 GLU B OE1 1 
ATOM   53  O OE2 . GLU A 1 8  ? 5.945   18.833  19.391  1.00 99.50  ? 617 GLU B OE2 1 
ATOM   54  N N   . LYS A 1 9  ? 0.687   15.873  16.133  1.00 59.23  ? 618 LYS B N   1 
ATOM   55  C CA  . LYS A 1 9  ? -0.182  14.728  15.876  1.00 63.86  ? 618 LYS B CA  1 
ATOM   56  C C   . LYS A 1 9  ? -0.316  14.529  14.373  1.00 60.72  ? 618 LYS B C   1 
ATOM   57  O O   . LYS A 1 9  ? -0.227  13.410  13.871  1.00 62.98  ? 618 LYS B O   1 
ATOM   58  C CB  . LYS A 1 9  ? -1.560  14.921  16.516  1.00 61.26  ? 618 LYS B CB  1 
ATOM   59  N N   . LEU A 1 10 ? -0.519  15.629  13.654  1.00 58.37  ? 619 LEU B N   1 
ATOM   60  C CA  . LEU A 1 10 ? -0.641  15.565  12.209  1.00 55.26  ? 619 LEU B CA  1 
ATOM   61  C C   . LEU A 1 10 ? 0.635   15.034  11.595  1.00 55.53  ? 619 LEU B C   1 
ATOM   62  O O   . LEU A 1 10 ? 0.598   14.235  10.666  1.00 52.48  ? 619 LEU B O   1 
ATOM   63  C CB  . LEU A 1 10 ? -0.965  16.931  11.630  1.00 55.80  ? 619 LEU B CB  1 
ATOM   64  C CG  . LEU A 1 10 ? -2.434  17.322  11.512  1.00 63.24  ? 619 LEU B CG  1 
ATOM   65  C CD1 . LEU A 1 10 ? -3.105  17.436  12.872  1.00 70.32  ? 619 LEU B CD1 1 
ATOM   66  C CD2 . LEU A 1 10 ? -2.540  18.626  10.731  1.00 72.42  ? 619 LEU B CD2 1 
ATOM   67  N N   . LEU A 1 11 ? 1.771   15.465  12.129  1.00 56.48  ? 620 LEU B N   1 
ATOM   68  C CA  . LEU A 1 11 ? 3.055   14.980  11.645  1.00 56.11  ? 620 LEU B CA  1 
ATOM   69  C C   . LEU A 1 11 ? 3.216   13.472  11.888  1.00 54.60  ? 620 LEU B C   1 
ATOM   70  O O   . LEU A 1 11 ? 3.627   12.733  10.990  1.00 46.92  ? 620 LEU B O   1 
ATOM   71  C CB  . LEU A 1 11 ? 4.193   15.759  12.303  1.00 59.29  ? 620 LEU B CB  1 
ATOM   72  C CG  . LEU A 1 11 ? 5.612   15.378  11.866  1.00 58.85  ? 620 LEU B CG  1 
ATOM   73  C CD1 . LEU A 1 11 ? 5.803   15.567  10.367  1.00 54.61  ? 620 LEU B CD1 1 
ATOM   74  C CD2 . LEU A 1 11 ? 6.651   16.177  12.657  1.00 62.21  ? 620 LEU B CD2 1 
ATOM   75  N N   . LYS A 1 12 ? 2.883   13.013  13.093  1.00 55.08  ? 621 LYS B N   1 
ATOM   76  C CA  . LYS A 1 12 ? 3.007   11.593  13.407  1.00 52.47  ? 621 LYS B CA  1 
ATOM   77  C C   . LYS A 1 12 ? 2.072   10.773  12.535  1.00 47.91  ? 621 LYS B C   1 
ATOM   78  O O   . LYS A 1 12 ? 2.435   9.686   12.086  1.00 46.95  ? 621 LYS B O   1 
ATOM   79  C CB  . LYS A 1 12 ? 2.722   11.317  14.885  1.00 58.10  ? 621 LYS B CB  1 
ATOM   80  C CG  . LYS A 1 12 ? 3.830   11.780  15.827  1.00 68.97  ? 621 LYS B CG  1 
ATOM   81  N N   . GLU A 1 13 ? 0.874   11.290  12.291  1.00 47.43  ? 622 GLU B N   1 
ATOM   82  C CA  . GLU A 1 13 ? -0.097  10.562  11.473  1.00 50.30  ? 622 GLU B CA  1 
ATOM   83  C C   . GLU A 1 13 ? 0.375   10.465  10.017  1.00 49.16  ? 622 GLU B C   1 
ATOM   84  O O   . GLU A 1 13 ? 0.219   9.436   9.369   1.00 48.34  ? 622 GLU B O   1 
ATOM   85  C CB  . GLU A 1 13 ? -1.476  11.223  11.562  1.00 58.57  ? 622 GLU B CB  1 
ATOM   86  C CG  . GLU A 1 13 ? -2.157  11.022  12.927  1.00 74.36  ? 622 GLU B CG  1 
ATOM   87  C CD  . GLU A 1 13 ? -3.314  11.993  13.197  1.00 83.87  ? 622 GLU B CD  1 
ATOM   88  O OE1 . GLU A 1 13 ? -3.436  12.473  14.349  1.00 94.61  ? 622 GLU B OE1 1 
ATOM   89  O OE2 . GLU A 1 13 ? -4.106  12.271  12.270  1.00 79.92  ? 622 GLU B OE2 1 
ATOM   90  N N   . LYS A 1 14 ? 0.970   11.533  9.513   1.00 45.42  ? 623 LYS B N   1 
ATOM   91  C CA  . LYS A 1 14 ? 1.524   11.529  8.172   1.00 37.94  ? 623 LYS B CA  1 
ATOM   92  C C   . LYS A 1 14 ? 2.681   10.528  8.057   1.00 48.73  ? 623 LYS B C   1 
ATOM   93  O O   . LYS A 1 14 ? 2.783   9.793   7.073   1.00 48.50  ? 623 LYS B O   1 
ATOM   94  C CB  . LYS A 1 14 ? 1.977   12.931  7.801   1.00 41.76  ? 623 LYS B CB  1 
ATOM   95  C CG  . LYS A 1 14 ? 2.373   13.140  6.351   1.00 48.45  ? 623 LYS B CG  1 
ATOM   96  C CD  . LYS A 1 14 ? 2.280   14.618  5.987   1.00 57.41  ? 623 LYS B CD  1 
ATOM   97  C CE  . LYS A 1 14 ? 2.500   14.854  4.506   1.00 55.87  ? 623 LYS B CE  1 
ATOM   98  N NZ  . LYS A 1 14 ? 2.751   16.293  4.219   1.00 63.62  ? 623 LYS B NZ  1 
ATOM   99  N N   . GLN A 1 15 ? 3.541   10.478  9.067   1.00 43.55  ? 624 GLN B N   1 
ATOM   100 C CA  . GLN A 1 15 ? 4.688   9.573   9.041   1.00 44.93  ? 624 GLN B CA  1 
ATOM   101 C C   . GLN A 1 15 ? 4.241   8.119   9.111   1.00 45.67  ? 624 GLN B C   1 
ATOM   102 O O   . GLN A 1 15 ? 4.886   7.243   8.561   1.00 44.39  ? 624 GLN B O   1 
ATOM   103 C CB  . GLN A 1 15 ? 5.653   9.872   10.187  1.00 48.84  ? 624 GLN B CB  1 
ATOM   104 C CG  . GLN A 1 15 ? 6.444   11.170  10.017  1.00 70.97  ? 624 GLN B CG  1 
ATOM   105 C CD  . GLN A 1 15 ? 7.309   11.194  8.752   1.00 83.53  ? 624 GLN B CD  1 
ATOM   106 O OE1 . GLN A 1 15 ? 6.985   11.873  7.774   1.00 84.16  ? 624 GLN B OE1 1 
ATOM   107 N NE2 . GLN A 1 15 ? 8.424   10.467  8.779   1.00 90.29  ? 624 GLN B NE2 1 
ATOM   108 N N   . ALA A 1 16 ? 3.130   7.875   9.793   1.00 43.85  ? 625 ALA B N   1 
ATOM   109 C CA  . ALA A 1 16 ? 2.599   6.537   9.940   1.00 41.54  ? 625 ALA B CA  1 
ATOM   110 C C   . ALA A 1 16 ? 1.994   6.063   8.620   1.00 48.36  ? 625 ALA B C   1 
ATOM   111 O O   . ALA A 1 16 ? 2.093   4.886   8.253   1.00 50.53  ? 625 ALA B O   1 
ATOM   112 C CB  . ALA A 1 16 ? 1.572   6.511   11.052  1.00 38.46  ? 625 ALA B CB  1 
ATOM   113 N N   . LEU A 1 17 ? 1.370   6.987   7.901   1.00 48.06  ? 626 LEU B N   1 
ATOM   114 C CA  . LEU A 1 17 ? 0.829   6.671   6.593   1.00 44.87  ? 626 LEU B CA  1 
ATOM   115 C C   . LEU A 1 17 ? 1.938   6.419   5.583   1.00 46.37  ? 626 LEU B C   1 
ATOM   116 O O   . LEU A 1 17 ? 1.843   5.483   4.801   1.00 49.07  ? 626 LEU B O   1 
ATOM   117 C CB  . LEU A 1 17 ? -0.078  7.787   6.095   1.00 42.01  ? 626 LEU B CB  1 
ATOM   118 C CG  . LEU A 1 17 ? -1.504  7.783   6.639   1.00 45.21  ? 626 LEU B CG  1 
ATOM   119 C CD1 . LEU A 1 17 ? -2.286  8.918   6.020   1.00 46.72  ? 626 LEU B CD1 1 
ATOM   120 C CD2 . LEU A 1 17 ? -2.158  6.464   6.317   1.00 49.31  ? 626 LEU B CD2 1 
ATOM   121 N N   . LYS A 1 18 ? 2.982   7.252   5.588   1.00 45.75  ? 627 LYS B N   1 
ATOM   122 C CA  . LYS A 1 18 ? 4.080   7.059   4.641   1.00 43.71  ? 627 LYS B CA  1 
ATOM   123 C C   . LYS A 1 18 ? 4.752   5.717   4.888   1.00 47.00  ? 627 LYS B C   1 
ATOM   124 O O   . LYS A 1 18 ? 5.120   5.017   3.944   1.00 46.07  ? 627 LYS B O   1 
ATOM   125 C CB  . LYS A 1 18 ? 5.106   8.170   4.727   1.00 41.35  ? 627 LYS B CB  1 
ATOM   126 C CG  . LYS A 1 18 ? 4.655   9.492   4.119   1.00 52.70  ? 627 LYS B CG  1 
ATOM   127 C CD  . LYS A 1 18 ? 5.733   10.552  4.274   1.00 57.50  ? 627 LYS B CD  1 
ATOM   128 C CE  . LYS A 1 18 ? 5.255   11.935  3.841   1.00 69.54  ? 627 LYS B CE  1 
ATOM   129 N NZ  . LYS A 1 18 ? 4.972   12.026  2.381   1.00 73.68  ? 627 LYS B NZ  1 
ATOM   130 N N   . SER A 1 19 ? 4.887   5.366   6.161   1.00 44.82  ? 628 SER B N   1 
ATOM   131 C CA  . SER A 1 19 ? 5.435   4.078   6.561   1.00 46.59  ? 628 SER B CA  1 
ATOM   132 C C   . SER A 1 19 ? 4.576   2.919   6.039   1.00 45.43  ? 628 SER B C   1 
ATOM   133 O O   . SER A 1 19 ? 5.100   1.919   5.549   1.00 46.32  ? 628 SER B O   1 
ATOM   134 C CB  . SER A 1 19 ? 5.556   4.019   8.084   1.00 48.53  ? 628 SER B CB  1 
ATOM   135 O OG  . SER A 1 19 ? 5.976   2.743   8.524   1.00 50.20  ? 628 SER B OG  1 
ATOM   136 N N   . GLN A 1 20 ? 3.258   3.053   6.131   1.00 41.35  ? 629 GLN B N   1 
ATOM   137 C CA  . GLN A 1 20 ? 2.371   2.008   5.632   1.00 44.12  ? 629 GLN B CA  1 
ATOM   138 C C   . GLN A 1 20 ? 2.443   1.910   4.116   1.00 49.51  ? 629 GLN B C   1 
ATOM   139 O O   . GLN A 1 20 ? 2.406   0.800   3.558   1.00 43.24  ? 629 GLN B O   1 
ATOM   140 C CB  . GLN A 1 20 ? 0.926   2.254   6.060   1.00 43.92  ? 629 GLN B CB  1 
ATOM   141 C CG  . GLN A 1 20 ? 0.707   2.134   7.563   1.00 58.98  ? 629 GLN B CG  1 
ATOM   142 C CD  . GLN A 1 20 ? -0.744  2.347   7.954   1.00 73.22  ? 629 GLN B CD  1 
ATOM   143 O OE1 . GLN A 1 20 ? -1.653  1.737   7.379   1.00 75.94  ? 629 GLN B OE1 1 
ATOM   144 N NE2 . GLN A 1 20 ? -0.970  3.220   8.931   1.00 78.70  ? 629 GLN B NE2 1 
ATOM   145 N N   . ILE A 1 21 ? 2.526   3.065   3.454   1.00 42.58  ? 630 ILE B N   1 
ATOM   146 C CA  . ILE A 1 21 ? 2.577   3.088   2.006   1.00 39.99  ? 630 ILE B CA  1 
ATOM   147 C C   . ILE A 1 21 ? 3.835   2.360   1.541   1.00 45.68  ? 630 ILE B C   1 
ATOM   148 O O   . ILE A 1 21 ? 3.758   1.477   0.698   1.00 43.92  ? 630 ILE B O   1 
ATOM   149 C CB  . ILE A 1 21 ? 2.503   4.515   1.469   1.00 38.96  ? 630 ILE B CB  1 
ATOM   150 C CG1 . ILE A 1 21 ? 1.065   5.020   1.555   1.00 43.83  ? 630 ILE B CG1 1 
ATOM   151 C CG2 . ILE A 1 21 ? 3.000   4.606   0.023   1.00 29.06  ? 630 ILE B CG2 1 
ATOM   152 C CD1 . ILE A 1 21 ? 0.934   6.507   1.327   1.00 44.42  ? 630 ILE B CD1 1 
ATOM   153 N N   . SER A 1 22 ? 4.973   2.699   2.130   1.00 40.54  ? 631 SER B N   1 
ATOM   154 C CA  . SER A 1 22 ? 6.245   2.074   1.779   1.00 43.33  ? 631 SER B CA  1 
ATOM   155 C C   . SER A 1 22 ? 6.201   0.558   1.950   1.00 43.03  ? 631 SER B C   1 
ATOM   156 O O   . SER A 1 22 ? 6.694   -0.183  1.097   1.00 40.42  ? 631 SER B O   1 
ATOM   157 C CB  . SER A 1 22 ? 7.381   2.664   2.616   1.00 43.76  ? 631 SER B CB  1 
ATOM   158 O OG  . SER A 1 22 ? 7.728   3.947   2.118   1.00 49.03  ? 631 SER B OG  1 
ATOM   159 N N   . GLU A 1 23 ? 5.592   0.107   3.039   1.00 39.88  ? 632 GLU B N   1 
ATOM   160 C CA  . GLU A 1 23 ? 5.440   -1.318  3.306   1.00 40.59  ? 632 GLU B CA  1 
ATOM   161 C C   . GLU A 1 23 ? 4.576   -1.975  2.216   1.00 46.27  ? 632 GLU B C   1 
ATOM   162 O O   . GLU A 1 23 ? 4.882   -3.062  1.720   1.00 51.22  ? 632 GLU B O   1 
ATOM   163 C CB  . GLU A 1 23 ? 4.833   -1.524  4.698   1.00 48.43  ? 632 GLU B CB  1 
ATOM   164 C CG  . GLU A 1 23 ? 5.024   -2.925  5.270   1.00 68.32  ? 632 GLU B CG  1 
ATOM   165 C CD  . GLU A 1 23 ? 3.916   -3.891  4.864   1.00 83.20  ? 632 GLU B CD  1 
ATOM   166 O OE1 . GLU A 1 23 ? 4.184   -5.112  4.782   1.00 82.41  ? 632 GLU B OE1 1 
ATOM   167 O OE2 . GLU A 1 23 ? 2.775   -3.426  4.636   1.00 88.63  ? 632 GLU B OE2 1 
ATOM   168 N N   . LYS A 1 24 ? 3.512   -1.294  1.816   1.00 45.95  ? 633 LYS B N   1 
ATOM   169 C CA  . LYS A 1 24 ? 2.609   -1.846  0.823   1.00 43.55  ? 633 LYS B CA  1 
ATOM   170 C C   . LYS A 1 24 ? 3.214   -1.843  -0.583  1.00 46.40  ? 633 LYS B C   1 
ATOM   171 O O   . LYS A 1 24 ? 2.917   -2.734  -1.383  1.00 47.62  ? 633 LYS B O   1 
ATOM   172 C CB  . LYS A 1 24 ? 1.287   -1.087  0.836   1.00 40.44  ? 633 LYS B CB  1 
ATOM   173 C CG  . LYS A 1 24 ? 0.380   -1.558  1.943   1.00 41.87  ? 633 LYS B CG  1 
ATOM   174 C CD  . LYS A 1 24 ? -0.885  -0.731  2.092   1.00 45.63  ? 633 LYS B CD  1 
ATOM   175 C CE  . LYS A 1 24 ? -1.506  -1.024  3.454   1.00 60.00  ? 633 LYS B CE  1 
ATOM   176 N NZ  . LYS A 1 24 ? -2.314  0.102   3.995   1.00 71.09  ? 633 LYS B NZ  1 
ATOM   177 N N   . GLN A 1 25 ? 4.061   -0.861  -0.893  1.00 33.53  ? 634 GLN B N   1 
ATOM   178 C CA  . GLN A 1 25 ? 4.706   -0.847  -2.204  1.00 40.57  ? 634 GLN B CA  1 
ATOM   179 C C   . GLN A 1 25 ? 5.651   -2.029  -2.284  1.00 47.41  ? 634 GLN B C   1 
ATOM   180 O O   . GLN A 1 25 ? 5.734   -2.709  -3.309  1.00 39.73  ? 634 GLN B O   1 
ATOM   181 C CB  . GLN A 1 25 ? 5.472   0.445   -2.464  1.00 36.20  ? 634 GLN B CB  1 
ATOM   182 C CG  . GLN A 1 25 ? 4.731   1.689   -1.985  1.00 53.04  ? 634 GLN B CG  1 
ATOM   183 C CD  . GLN A 1 25 ? 5.441   2.967   -2.382  1.00 61.37  ? 634 GLN B CD  1 
ATOM   184 O OE1 . GLN A 1 25 ? 5.367   3.397   -3.525  1.00 73.78  ? 634 GLN B OE1 1 
ATOM   185 N NE2 . GLN A 1 25 ? 6.151   3.566   -1.438  1.00 71.22  ? 634 GLN B NE2 1 
ATOM   186 N N   . ARG A 1 26 ? 6.395   -2.255  -1.208  1.00 49.82  ? 635 ARG B N   1 
ATOM   187 C CA  . ARG A 1 26 ? 7.315   -3.365  -1.204  1.00 44.68  ? 635 ARG B CA  1 
ATOM   188 C C   . ARG A 1 26 ? 6.539   -4.670  -1.312  1.00 44.88  ? 635 ARG B C   1 
ATOM   189 O O   . ARG A 1 26 ? 6.991   -5.583  -1.973  1.00 41.22  ? 635 ARG B O   1 
ATOM   190 C CB  . ARG A 1 26 ? 8.173   -3.362  0.042   1.00 34.76  ? 635 ARG B CB  1 
ATOM   191 C CG  . ARG A 1 26 ? 8.974   -4.644  0.205   1.00 43.45  ? 635 ARG B CG  1 
ATOM   192 C CD  . ARG A 1 26 ? 9.487   -4.813  1.615   1.00 57.97  ? 635 ARG B CD  1 
ATOM   193 N NE  . ARG A 1 26 ? 10.906  -4.480  1.705   1.00 79.11  ? 635 ARG B NE  1 
ATOM   194 C CZ  . ARG A 1 26 ? 11.893  -5.342  1.467   1.00 88.47  ? 635 ARG B CZ  1 
ATOM   195 N NH1 . ARG A 1 26 ? 11.611  -6.588  1.124   1.00 91.18  ? 635 ARG B NH1 1 
ATOM   196 N NH2 . ARG A 1 26 ? 13.160  -4.959  1.571   1.00 90.81  ? 635 ARG B NH2 1 
ATOM   197 N N   . HIS A 1 27 ? 5.382   -4.753  -0.658  1.00 44.17  ? 636 HIS B N   1 
ATOM   198 C CA  . HIS A 1 27 ? 4.561   -5.956  -0.716  1.00 41.64  ? 636 HIS B CA  1 
ATOM   199 C C   . HIS A 1 27 ? 4.169   -6.219  -2.175  1.00 44.63  ? 636 HIS B C   1 
ATOM   200 O O   . HIS A 1 27 ? 4.279   -7.349  -2.662  1.00 38.42  ? 636 HIS B O   1 
ATOM   201 C CB  . HIS A 1 27 ? 3.322   -5.815  0.177   1.00 44.09  ? 636 HIS B CB  1 
ATOM   202 C CG  . HIS A 1 27 ? 2.597   -7.104  0.446   1.00 54.58  ? 636 HIS B CG  1 
ATOM   203 N ND1 . HIS A 1 27 ? 1.559   -7.199  1.351   1.00 56.74  ? 636 HIS B ND1 1 
ATOM   204 C CD2 . HIS A 1 27 ? 2.755   -8.351  -0.069  1.00 59.94  ? 636 HIS B CD2 1 
ATOM   205 C CE1 . HIS A 1 27 ? 1.109   -8.442  1.380   1.00 62.26  ? 636 HIS B CE1 1 
ATOM   206 N NE2 . HIS A 1 27 ? 1.819   -9.161  0.527   1.00 58.90  ? 636 HIS B NE2 1 
ATOM   207 N N   . CYS A 1 28 ? 3.748   -5.162  -2.867  1.00 42.20  ? 637 CYS B N   1 
ATOM   208 C CA  . CYS A 1 28 ? 3.326   -5.263  -4.256  1.00 39.79  ? 637 CYS B CA  1 
ATOM   209 C C   . CYS A 1 28 ? 4.429   -5.802  -5.136  1.00 43.78  ? 637 CYS B C   1 
ATOM   210 O O   . CYS A 1 28 ? 4.200   -6.678  -5.958  1.00 46.41  ? 637 CYS B O   1 
ATOM   211 C CB  . CYS A 1 28 ? 2.886   -3.908  -4.802  1.00 35.65  ? 637 CYS B CB  1 
ATOM   212 S SG  . CYS A 1 28 ? 1.256   -3.417  -4.287  1.00 47.36  ? 637 CYS B SG  1 
ATOM   213 N N   . LEU A 1 29 ? 5.622   -5.253  -4.975  1.00 38.04  ? 638 LEU B N   1 
ATOM   214 C CA  . LEU A 1 29 ? 6.743   -5.678  -5.776  1.00 36.67  ? 638 LEU B CA  1 
ATOM   215 C C   . LEU A 1 29 ? 7.119   -7.119  -5.452  1.00 39.79  ? 638 LEU B C   1 
ATOM   216 O O   . LEU A 1 29 ? 7.621   -7.833  -6.313  1.00 41.72  ? 638 LEU B O   1 
ATOM   217 C CB  . LEU A 1 29 ? 7.931   -4.745  -5.558  1.00 40.97  ? 638 LEU B CB  1 
ATOM   218 C CG  . LEU A 1 29 ? 7.665   -3.274  -5.892  1.00 39.01  ? 638 LEU B CG  1 
ATOM   219 C CD1 . LEU A 1 29 ? 8.710   -2.371  -5.226  1.00 36.83  ? 638 LEU B CD1 1 
ATOM   220 C CD2 . LEU A 1 29 ? 7.626   -3.061  -7.406  1.00 29.08  ? 638 LEU B CD2 1 
ATOM   221 N N   . GLU A 1 30 ? 6.865   -7.560  -4.225  1.00 33.79  ? 639 GLU B N   1 
ATOM   222 C CA  . GLU A 1 30 ? 7.203   -8.929  -3.879  1.00 44.43  ? 639 GLU B CA  1 
ATOM   223 C C   . GLU A 1 30 ? 6.195   -9.922  -4.495  1.00 45.33  ? 639 GLU B C   1 
ATOM   224 O O   . GLU A 1 30 ? 6.573   -11.013 -4.919  1.00 36.20  ? 639 GLU B O   1 
ATOM   225 C CB  . GLU A 1 30 ? 7.295   -9.086  -2.372  1.00 42.58  ? 639 GLU B CB  1 
ATOM   226 C CG  . GLU A 1 30 ? 8.585   -8.501  -1.835  1.00 55.28  ? 639 GLU B CG  1 
ATOM   227 C CD  . GLU A 1 30 ? 8.660   -8.517  -0.322  1.00 68.55  ? 639 GLU B CD  1 
ATOM   228 O OE1 . GLU A 1 30 ? 9.744   -8.185  0.222   1.00 65.19  ? 639 GLU B OE1 1 
ATOM   229 O OE2 . GLU A 1 30 ? 7.641   -8.860  0.322   1.00 75.86  ? 639 GLU B OE2 1 
ATOM   230 N N   . LEU A 1 31 ? 4.929   -9.528  -4.558  1.00 40.75  ? 640 LEU B N   1 
ATOM   231 C CA  . LEU A 1 31 ? 3.935   -10.323 -5.238  1.00 42.13  ? 640 LEU B CA  1 
ATOM   232 C C   . LEU A 1 31 ? 4.278   -10.378 -6.724  1.00 41.87  ? 640 LEU B C   1 
ATOM   233 O O   . LEU A 1 31 ? 4.155   -11.424 -7.359  1.00 40.16  ? 640 LEU B O   1 
ATOM   234 C CB  . LEU A 1 31 ? 2.547   -9.741  -5.016  1.00 41.43  ? 640 LEU B CB  1 
ATOM   235 C CG  . LEU A 1 31 ? 1.984   -10.074 -3.639  1.00 44.93  ? 640 LEU B CG  1 
ATOM   236 C CD1 . LEU A 1 31 ? 0.890   -9.098  -3.264  1.00 38.26  ? 640 LEU B CD1 1 
ATOM   237 C CD2 . LEU A 1 31 ? 1.458   -11.505 -3.629  1.00 42.93  ? 640 LEU B CD2 1 
ATOM   238 N N   . GLN A 1 32 ? 4.740   -9.256  -7.268  1.00 32.89  ? 641 GLN B N   1 
ATOM   239 C CA  . GLN A 1 32 ? 5.055   -9.193  -8.684  1.00 39.79  ? 641 GLN B CA  1 
ATOM   240 C C   . GLN A 1 32 ? 6.215   -10.118 -9.016  1.00 44.53  ? 641 GLN B C   1 
ATOM   241 O O   . GLN A 1 32 ? 6.243   -10.733 -10.082 1.00 48.50  ? 641 GLN B O   1 
ATOM   242 C CB  . GLN A 1 32 ? 5.373   -7.765  -9.110  1.00 36.50  ? 641 GLN B CB  1 
ATOM   243 C CG  . GLN A 1 32 ? 4.129   -6.916  -9.318  1.00 52.11  ? 641 GLN B CG  1 
ATOM   244 C CD  . GLN A 1 32 ? 4.441   -5.439  -9.466  1.00 59.62  ? 641 GLN B CD  1 
ATOM   245 O OE1 . GLN A 1 32 ? 4.884   -4.989  -10.522 1.00 62.75  ? 641 GLN B OE1 1 
ATOM   246 N NE2 . GLN A 1 32 ? 4.212   -4.675  -8.400  1.00 62.46  ? 641 GLN B NE2 1 
ATOM   247 N N   . ILE A 1 33 ? 7.163   -10.217 -8.095  1.00 40.63  ? 642 ILE B N   1 
ATOM   248 C CA  . ILE A 1 33 ? 8.296   -11.109 -8.269  1.00 43.17  ? 642 ILE B CA  1 
ATOM   249 C C   . ILE A 1 33 ? 7.810   -12.552 -8.234  1.00 44.80  ? 642 ILE B C   1 
ATOM   250 O O   . ILE A 1 33 ? 8.272   -13.396 -9.003  1.00 48.73  ? 642 ILE B O   1 
ATOM   251 C CB  . ILE A 1 33 ? 9.379   -10.850 -7.199  1.00 40.10  ? 642 ILE B CB  1 
ATOM   252 C CG1 . ILE A 1 33 ? 10.118  -9.546  -7.500  1.00 40.00  ? 642 ILE B CG1 1 
ATOM   253 C CG2 . ILE A 1 33 ? 10.369  -11.994 -7.131  1.00 34.89  ? 642 ILE B CG2 1 
ATOM   254 C CD1 . ILE A 1 33 ? 11.179  -9.176  -6.446  1.00 38.13  ? 642 ILE B CD1 1 
ATOM   255 N N   . SER A 1 34 ? 6.872   -12.839 -7.340  1.00 42.45  ? 643 SER B N   1 
ATOM   256 C CA  . SER A 1 34 ? 6.290   -14.176 -7.276  1.00 46.17  ? 643 SER B CA  1 
ATOM   257 C C   . SER A 1 34 ? 5.617   -14.514 -8.594  1.00 44.05  ? 643 SER B C   1 
ATOM   258 O O   . SER A 1 34 ? 5.771   -15.618 -9.111  1.00 42.55  ? 643 SER B O   1 
ATOM   259 C CB  . SER A 1 34 ? 5.281   -14.284 -6.133  1.00 47.76  ? 643 SER B CB  1 
ATOM   260 O OG  . SER A 1 34 ? 5.950   -14.511 -4.911  1.00 57.39  ? 643 SER B OG  1 
ATOM   261 N N   . ILE A 1 35 ? 4.883   -13.545 -9.132  1.00 44.86  ? 644 ILE B N   1 
ATOM   262 C CA  . ILE A 1 35 ? 4.127   -13.745 -10.352 1.00 48.70  ? 644 ILE B CA  1 
ATOM   263 C C   . ILE A 1 35 ? 5.082   -14.010 -11.512 1.00 45.82  ? 644 ILE B C   1 
ATOM   264 O O   . ILE A 1 35 ? 4.819   -14.866 -12.357 1.00 41.84  ? 644 ILE B O   1 
ATOM   265 C CB  . ILE A 1 35 ? 3.202   -12.556 -10.617 1.00 46.74  ? 644 ILE B CB  1 
ATOM   266 C CG1 . ILE A 1 35 ? 2.080   -12.555 -9.577  1.00 47.56  ? 644 ILE B CG1 1 
ATOM   267 C CG2 . ILE A 1 35 ? 2.595   -12.637 -12.012 1.00 49.35  ? 644 ILE B CG2 1 
ATOM   268 C CD1 . ILE A 1 35 ? 1.185   -11.332 -9.624  1.00 46.31  ? 644 ILE B CD1 1 
ATOM   269 N N   . VAL A 1 36 ? 6.205   -13.306 -11.524 1.00 37.84  ? 645 VAL B N   1 
ATOM   270 C CA  . VAL A 1 36 ? 7.248   -13.539 -12.518 1.00 39.95  ? 645 VAL B CA  1 
ATOM   271 C C   . VAL A 1 36 ? 7.768   -14.969 -12.425 1.00 42.82  ? 645 VAL B C   1 
ATOM   272 O O   . VAL A 1 36 ? 8.009   -15.633 -13.446 1.00 52.19  ? 645 VAL B O   1 
ATOM   273 C CB  . VAL A 1 36 ? 8.402   -12.542 -12.342 1.00 46.30  ? 645 VAL B CB  1 
ATOM   274 C CG1 . VAL A 1 36 ? 9.625   -13.001 -13.126 1.00 48.56  ? 645 VAL B CG1 1 
ATOM   275 C CG2 . VAL A 1 36 ? 7.955   -11.139 -12.755 1.00 40.09  ? 645 VAL B CG2 1 
ATOM   276 N N   . GLU A 1 37 ? 7.932   -15.439 -11.195 1.00 41.12  ? 646 GLU B N   1 
ATOM   277 C CA  . GLU A 1 37 ? 8.412   -16.788 -10.952 1.00 50.12  ? 646 GLU B CA  1 
ATOM   278 C C   . GLU A 1 37 ? 7.428   -17.810 -11.486 1.00 50.28  ? 646 GLU B C   1 
ATOM   279 O O   . GLU A 1 37 ? 7.833   -18.781 -12.108 1.00 46.35  ? 646 GLU B O   1 
ATOM   280 C CB  . GLU A 1 37 ? 8.653   -17.021 -9.463  1.00 65.34  ? 646 GLU B CB  1 
ATOM   281 C CG  . GLU A 1 37 ? 9.986   -16.483 -8.982  1.00 76.50  ? 646 GLU B CG  1 
ATOM   282 C CD  . GLU A 1 37 ? 11.155  -17.156 -9.682  1.00 81.47  ? 646 GLU B CD  1 
ATOM   283 O OE1 . GLU A 1 37 ? 11.154  -18.405 -9.752  1.00 82.68  ? 646 GLU B OE1 1 
ATOM   284 O OE2 . GLU A 1 37 ? 12.061  -16.438 -10.167 1.00 80.03  ? 646 GLU B OE2 1 
ATOM   285 N N   . LEU A 1 38 ? 6.137   -17.578 -11.251 1.00 45.34  ? 647 LEU B N   1 
ATOM   286 C CA  . LEU A 1 38 ? 5.111   -18.528 -11.654 1.00 52.05  ? 647 LEU B CA  1 
ATOM   287 C C   . LEU A 1 38 ? 4.963   -18.564 -13.176 1.00 50.14  ? 647 LEU B C   1 
ATOM   288 O O   . LEU A 1 38 ? 4.509   -19.560 -13.747 1.00 54.36  ? 647 LEU B O   1 
ATOM   289 C CB  . LEU A 1 38 ? 3.778   -18.193 -10.989 1.00 51.39  ? 647 LEU B CB  1 
ATOM   290 C CG  . LEU A 1 38 ? 3.682   -18.483 -9.486  1.00 52.97  ? 647 LEU B CG  1 
ATOM   291 C CD1 . LEU A 1 38 ? 2.508   -17.735 -8.861  1.00 54.13  ? 647 LEU B CD1 1 
ATOM   292 C CD2 . LEU A 1 38 ? 3.581   -19.976 -9.198  1.00 58.61  ? 647 LEU B CD2 1 
ATOM   293 N N   . GLU A 1 39 ? 5.396   -17.489 -13.827 1.00 52.47  ? 648 GLU B N   1 
ATOM   294 C CA  . GLU A 1 39 ? 5.282   -17.371 -15.282 1.00 54.97  ? 648 GLU B CA  1 
ATOM   295 C C   . GLU A 1 39 ? 6.571   -17.749 -16.036 1.00 45.15  ? 648 GLU B C   1 
ATOM   296 O O   . GLU A 1 39 ? 6.589   -17.803 -17.265 1.00 50.41  ? 648 GLU B O   1 
ATOM   297 C CB  . GLU A 1 39 ? 4.849   -15.943 -15.631 1.00 50.54  ? 648 GLU B CB  1 
ATOM   298 C CG  . GLU A 1 39 ? 3.465   -15.592 -15.095 1.00 54.21  ? 648 GLU B CG  1 
ATOM   299 C CD  . GLU A 1 39 ? 2.995   -14.245 -15.576 1.00 61.17  ? 648 GLU B CD  1 
ATOM   300 O OE1 . GLU A 1 39 ? 1.833   -13.863 -15.301 1.00 63.98  ? 648 GLU B OE1 1 
ATOM   301 O OE2 . GLU A 1 39 ? 3.802   -13.568 -16.236 1.00 66.03  ? 648 GLU B OE2 1 
ATOM   302 N N   . LYS A 1 40 ? 7.630   -18.042 -15.288 1.00 44.05  ? 649 LYS B N   1 
ATOM   303 C CA  . LYS A 1 40 ? 8.951   -18.307 -15.847 1.00 54.28  ? 649 LYS B CA  1 
ATOM   304 C C   . LYS A 1 40 ? 8.941   -19.521 -16.778 1.00 58.17  ? 649 LYS B C   1 
ATOM   305 O O   . LYS A 1 40 ? 8.052   -20.368 -16.683 1.00 60.91  ? 649 LYS B O   1 
ATOM   306 C CB  . LYS A 1 40 ? 9.963   -18.525 -14.719 1.00 55.06  ? 649 LYS B CB  1 
ATOM   307 C CG  . LYS A 1 40 ? 11.401  -18.263 -15.115 1.00 55.41  ? 649 LYS B CG  1 
ATOM   308 N N   . SER B 2 1  ? -0.125  28.339  10.264  1.00 62.60  ? 754 SER A N   1 
ATOM   309 C CA  . SER B 2 1  ? 0.328   27.418  9.212   1.00 67.78  ? 754 SER A CA  1 
ATOM   310 C C   . SER B 2 1  ? -0.815  26.931  8.311   1.00 65.52  ? 754 SER A C   1 
ATOM   311 O O   . SER B 2 1  ? -1.995  27.155  8.605   1.00 70.56  ? 754 SER A O   1 
ATOM   312 C CB  . SER B 2 1  ? 1.058   26.218  9.822   1.00 64.37  ? 754 SER A CB  1 
ATOM   313 O OG  . SER B 2 1  ? 0.879   26.123  11.222  1.00 61.64  ? 754 SER A OG  1 
ATOM   314 N N   . ASP B 2 2  ? -0.449  26.283  7.206   1.00 68.01  ? 755 ASP A N   1 
ATOM   315 C CA  . ASP B 2 2  ? -1.420  25.854  6.197   1.00 70.32  ? 755 ASP A CA  1 
ATOM   316 C C   . ASP B 2 2  ? -2.008  24.479  6.537   1.00 63.86  ? 755 ASP A C   1 
ATOM   317 O O   . ASP B 2 2  ? -1.750  23.484  5.845   1.00 57.38  ? 755 ASP A O   1 
ATOM   318 C CB  . ASP B 2 2  ? -0.765  25.838  4.804   1.00 74.29  ? 755 ASP A CB  1 
ATOM   319 C CG  . ASP B 2 2  ? -1.708  25.350  3.701   1.00 76.56  ? 755 ASP A CG  1 
ATOM   320 O OD1 . ASP B 2 2  ? -1.201  24.916  2.639   1.00 74.62  ? 755 ASP A OD1 1 
ATOM   321 O OD2 . ASP B 2 2  ? -2.943  25.389  3.889   1.00 79.12  ? 755 ASP A OD2 1 
ATOM   322 N N   . ILE B 2 3  ? -2.816  24.428  7.593   1.00 62.91  ? 756 ILE A N   1 
ATOM   323 C CA  . ILE B 2 3  ? -3.371  23.157  8.056   1.00 63.49  ? 756 ILE A CA  1 
ATOM   324 C C   . ILE B 2 3  ? -4.323  22.542  7.013   1.00 60.09  ? 756 ILE A C   1 
ATOM   325 O O   . ILE B 2 3  ? -4.345  21.314  6.834   1.00 52.52  ? 756 ILE A O   1 
ATOM   326 C CB  . ILE B 2 3  ? -4.035  23.340  9.438   1.00 62.99  ? 756 ILE A CB  1 
ATOM   327 C CG1 . ILE B 2 3  ? -2.976  23.174  10.532  1.00 73.11  ? 756 ILE A CG1 1 
ATOM   328 C CG2 . ILE B 2 3  ? -5.146  22.345  9.664   1.00 57.22  ? 756 ILE A CG2 1 
ATOM   329 C CD1 . ILE B 2 3  ? -3.420  23.645  11.913  1.00 81.86  ? 756 ILE A CD1 1 
ATOM   330 N N   . LEU B 2 4  ? -5.075  23.380  6.298   1.00 58.52  ? 757 LEU A N   1 
ATOM   331 C CA  . LEU B 2 4  ? -5.905  22.880  5.193   1.00 60.87  ? 757 LEU A CA  1 
ATOM   332 C C   . LEU B 2 4  ? -5.052  22.124  4.172   1.00 58.81  ? 757 LEU A C   1 
ATOM   333 O O   . LEU B 2 4  ? -5.354  20.980  3.818   1.00 52.00  ? 757 LEU A O   1 
ATOM   334 C CB  . LEU B 2 4  ? -6.661  24.017  4.494   1.00 59.46  ? 757 LEU A CB  1 
ATOM   335 C CG  . LEU B 2 4  ? -7.624  24.885  5.312   1.00 66.41  ? 757 LEU A CG  1 
ATOM   336 C CD1 . LEU B 2 4  ? -8.576  25.655  4.397   1.00 67.73  ? 757 LEU A CD1 1 
ATOM   337 C CD2 . LEU B 2 4  ? -8.393  24.066  6.356   1.00 70.05  ? 757 LEU A CD2 1 
ATOM   338 N N   . GLY B 2 5  ? -3.987  22.767  3.706   1.00 58.09  ? 758 GLY A N   1 
ATOM   339 C CA  . GLY B 2 5  ? -3.078  22.141  2.767   1.00 53.86  ? 758 GLY A CA  1 
ATOM   340 C C   . GLY B 2 5  ? -2.507  20.846  3.308   1.00 56.64  ? 758 GLY A C   1 
ATOM   341 O O   . GLY B 2 5  ? -2.272  19.905  2.555   1.00 56.13  ? 758 GLY A O   1 
ATOM   342 N N   . MET B 2 6  ? -2.288  20.791  4.620   1.00 58.89  ? 759 MET A N   1 
ATOM   343 C CA  . MET B 2 6  ? -1.723  19.595  5.243   1.00 55.90  ? 759 MET A CA  1 
ATOM   344 C C   . MET B 2 6  ? -2.779  18.494  5.343   1.00 54.34  ? 759 MET A C   1 
ATOM   345 O O   . MET B 2 6  ? -2.475  17.321  5.136   1.00 49.80  ? 759 MET A O   1 
ATOM   346 C CB  . MET B 2 6  ? -1.149  19.914  6.632   1.00 55.72  ? 759 MET A CB  1 
ATOM   347 C CG  . MET B 2 6  ? -0.041  20.996  6.643   1.00 60.47  ? 759 MET A CG  1 
ATOM   348 S SD  . MET B 2 6  ? 0.315   21.643  8.302   1.00 68.04  ? 759 MET A SD  1 
ATOM   349 C CE  . MET B 2 6  ? 1.548   22.919  7.980   1.00 65.80  ? 759 MET A CE  1 
ATOM   350 N N   . LEU B 2 7  ? -4.017  18.863  5.646   1.00 50.19  ? 760 LEU A N   1 
ATOM   351 C CA  . LEU B 2 7  ? -5.081  17.868  5.717   1.00 50.90  ? 760 LEU A CA  1 
ATOM   352 C C   . LEU B 2 7  ? -5.333  17.281  4.333   1.00 51.74  ? 760 LEU A C   1 
ATOM   353 O O   . LEU B 2 7  ? -5.554  16.086  4.197   1.00 49.21  ? 760 LEU A O   1 
ATOM   354 C CB  . LEU B 2 7  ? -6.360  18.471  6.291   1.00 51.64  ? 760 LEU A CB  1 
ATOM   355 C CG  . LEU B 2 7  ? -6.271  18.663  7.807   1.00 56.50  ? 760 LEU A CG  1 
ATOM   356 C CD1 . LEU B 2 7  ? -7.416  19.497  8.350   1.00 54.65  ? 760 LEU A CD1 1 
ATOM   357 C CD2 . LEU B 2 7  ? -6.244  17.291  8.463   1.00 56.28  ? 760 LEU A CD2 1 
ATOM   358 N N   . LYS B 2 8  ? -5.263  18.135  3.316   1.00 52.70  ? 761 LYS A N   1 
ATOM   359 C CA  . LYS B 2 8  ? -5.379  17.697  1.940   1.00 52.88  ? 761 LYS A CA  1 
ATOM   360 C C   . LYS B 2 8  ? -4.367  16.611  1.627   1.00 53.71  ? 761 LYS A C   1 
ATOM   361 O O   . LYS B 2 8  ? -4.723  15.532  1.139   1.00 54.25  ? 761 LYS A O   1 
ATOM   362 C CB  . LYS B 2 8  ? -5.189  18.865  0.976   1.00 54.67  ? 761 LYS A CB  1 
ATOM   363 C CG  . LYS B 2 8  ? -5.520  18.498  -0.462  1.00 63.98  ? 761 LYS A CG  1 
ATOM   364 C CD  . LYS B 2 8  ? -5.194  19.624  -1.420  1.00 73.21  ? 761 LYS A CD  1 
ATOM   365 C CE  . LYS B 2 8  ? -5.571  19.257  -2.847  1.00 70.47  ? 761 LYS A CE  1 
ATOM   366 N NZ  . LYS B 2 8  ? -5.034  20.259  -3.806  1.00 73.42  ? 761 LYS A NZ  1 
ATOM   367 N N   . SER B 2 9  ? -3.105  16.899  1.913   1.00 51.35  ? 762 SER A N   1 
ATOM   368 C CA  . SER B 2 9  ? -2.034  15.980  1.569   1.00 55.41  ? 762 SER A CA  1 
ATOM   369 C C   . SER B 2 9  ? -2.181  14.690  2.362   1.00 55.91  ? 762 SER A C   1 
ATOM   370 O O   . SER B 2 9  ? -1.993  13.596  1.828   1.00 51.96  ? 762 SER A O   1 
ATOM   371 C CB  . SER B 2 9  ? -0.676  16.619  1.836   1.00 62.69  ? 762 SER A CB  1 
ATOM   372 O OG  . SER B 2 9  ? -0.109  16.073  3.009   1.00 65.44  ? 762 SER A OG  1 
ATOM   373 N N   . LEU B 2 10 ? -2.527  14.826  3.639   1.00 56.33  ? 763 LEU A N   1 
ATOM   374 C CA  . LEU B 2 10 ? -2.775  13.662  4.477   1.00 53.96  ? 763 LEU A CA  1 
ATOM   375 C C   . LEU B 2 10 ? -3.900  12.813  3.891   1.00 54.01  ? 763 LEU A C   1 
ATOM   376 O O   . LEU B 2 10 ? -3.815  11.581  3.879   1.00 51.92  ? 763 LEU A O   1 
ATOM   377 C CB  . LEU B 2 10 ? -3.122  14.074  5.905   1.00 58.20  ? 763 LEU A CB  1 
ATOM   378 C CG  . LEU B 2 10 ? -3.102  12.933  6.926   1.00 68.08  ? 763 LEU A CG  1 
ATOM   379 C CD1 . LEU B 2 10 ? -2.205  13.285  8.107   1.00 72.29  ? 763 LEU A CD1 1 
ATOM   380 C CD2 . LEU B 2 10 ? -4.507  12.572  7.403   1.00 72.71  ? 763 LEU A CD2 1 
ATOM   381 N N   . HIS B 2 11 ? -4.945  13.466  3.386   1.00 46.68  ? 764 HIS A N   1 
ATOM   382 C CA  . HIS B 2 11 ? -6.018  12.735  2.699   1.00 53.76  ? 764 HIS A CA  1 
ATOM   383 C C   . HIS B 2 11 ? -5.521  12.013  1.433   1.00 56.07  ? 764 HIS A C   1 
ATOM   384 O O   . HIS B 2 11 ? -5.938  10.880  1.150   1.00 49.79  ? 764 HIS A O   1 
ATOM   385 C CB  . HIS B 2 11 ? -7.166  13.676  2.334   1.00 53.72  ? 764 HIS A CB  1 
ATOM   386 C CG  . HIS B 2 11 ? -8.359  12.974  1.754   1.00 63.55  ? 764 HIS A CG  1 
ATOM   387 N ND1 . HIS B 2 11 ? -8.689  13.045  0.421   1.00 63.22  ? 764 HIS A ND1 1 
ATOM   388 C CD2 . HIS B 2 11 ? -9.298  12.187  2.336   1.00 68.53  ? 764 HIS A CD2 1 
ATOM   389 C CE1 . HIS B 2 11 ? -9.786  12.336  0.201   1.00 66.00  ? 764 HIS A CE1 1 
ATOM   390 N NE2 . HIS B 2 11 ? -10.171 11.805  1.345   1.00 68.52  ? 764 HIS A NE2 1 
ATOM   391 N N   . GLN B 2 12 ? -4.641  12.668  0.673   1.00 45.16  ? 765 GLN A N   1 
ATOM   392 C CA  . GLN B 2 12 ? -4.077  12.062  -0.532  1.00 47.88  ? 765 GLN A CA  1 
ATOM   393 C C   . GLN B 2 12 ? -3.304  10.811  -0.164  1.00 47.70  ? 765 GLN A C   1 
ATOM   394 O O   . GLN B 2 12 ? -3.331  9.829   -0.902  1.00 49.82  ? 765 GLN A O   1 
ATOM   395 C CB  . GLN B 2 12 ? -3.167  13.041  -1.288  1.00 48.06  ? 765 GLN A CB  1 
ATOM   396 C CG  . GLN B 2 12 ? -3.911  14.154  -2.030  1.00 58.59  ? 765 GLN A CG  1 
ATOM   397 C CD  . GLN B 2 12 ? -2.983  15.255  -2.535  1.00 67.62  ? 765 GLN A CD  1 
ATOM   398 O OE1 . GLN B 2 12 ? -1.862  15.414  -2.047  1.00 74.58  ? 765 GLN A OE1 1 
ATOM   399 N NE2 . GLN B 2 12 ? -3.452  16.023  -3.515  1.00 68.97  ? 765 GLN A NE2 1 
ATOM   400 N N   . LEU B 2 13 ? -2.624  10.842  0.979   1.00 48.29  ? 766 LEU A N   1 
ATOM   401 C CA  . LEU B 2 13 ? -1.910  9.660   1.452   1.00 49.22  ? 766 LEU A CA  1 
ATOM   402 C C   . LEU B 2 13 ? -2.881  8.543   1.823   1.00 49.93  ? 766 LEU A C   1 
ATOM   403 O O   . LEU B 2 13 ? -2.623  7.377   1.545   1.00 47.19  ? 766 LEU A O   1 
ATOM   404 C CB  . LEU B 2 13 ? -1.027  9.992   2.650   1.00 49.21  ? 766 LEU A CB  1 
ATOM   405 C CG  . LEU B 2 13 ? 0.195   10.866  2.372   1.00 48.10  ? 766 LEU A CG  1 
ATOM   406 C CD1 . LEU B 2 13 ? 0.845   11.290  3.690   1.00 45.53  ? 766 LEU A CD1 1 
ATOM   407 C CD2 . LEU B 2 13 ? 1.191   10.115  1.519   1.00 43.64  ? 766 LEU A CD2 1 
ATOM   408 N N   . GLN B 2 14 ? -4.000  8.908   2.439   1.00 48.27  ? 767 GLN A N   1 
ATOM   409 C CA  . GLN B 2 14 ? -4.990  7.939   2.868   1.00 50.41  ? 767 GLN A CA  1 
ATOM   410 C C   . GLN B 2 14 ? -5.599  7.240   1.682   1.00 51.28  ? 767 GLN A C   1 
ATOM   411 O O   . GLN B 2 14 ? -5.834  6.037   1.716   1.00 52.59  ? 767 GLN A O   1 
ATOM   412 C CB  . GLN B 2 14 ? -6.080  8.616   3.676   1.00 55.41  ? 767 GLN A CB  1 
ATOM   413 C CG  . GLN B 2 14 ? -5.684  8.902   5.093   1.00 58.54  ? 767 GLN A CG  1 
ATOM   414 C CD  . GLN B 2 14 ? -6.645  9.850   5.741   1.00 64.39  ? 767 GLN A CD  1 
ATOM   415 O OE1 . GLN B 2 14 ? -7.385  10.551  5.054   1.00 65.76  ? 767 GLN A OE1 1 
ATOM   416 N NE2 . GLN B 2 14 ? -6.654  9.882   7.067   1.00 66.68  ? 767 GLN A NE2 1 
ATOM   417 N N   . VAL B 2 15 ? -5.860  8.009   0.633   1.00 54.42  ? 768 VAL A N   1 
ATOM   418 C CA  . VAL B 2 15 ? -6.396  7.454   -0.596  1.00 54.27  ? 768 VAL A CA  1 
ATOM   419 C C   . VAL B 2 15 ? -5.381  6.493   -1.177  1.00 49.31  ? 768 VAL A C   1 
ATOM   420 O O   . VAL B 2 15 ? -5.707  5.367   -1.533  1.00 52.71  ? 768 VAL A O   1 
ATOM   421 C CB  . VAL B 2 15 ? -6.750  8.554   -1.610  1.00 52.90  ? 768 VAL A CB  1 
ATOM   422 C CG1 . VAL B 2 15 ? -7.072  7.938   -2.974  1.00 45.49  ? 768 VAL A CG1 1 
ATOM   423 C CG2 . VAL B 2 15 ? -7.920  9.414   -1.093  1.00 47.02  ? 768 VAL A CG2 1 
ATOM   424 N N   . GLU B 2 16 ? -4.137  6.944   -1.254  1.00 49.07  ? 769 GLU A N   1 
ATOM   425 C CA  . GLU B 2 16 ? -3.096  6.144   -1.857  1.00 44.26  ? 769 GLU A CA  1 
ATOM   426 C C   . GLU B 2 16 ? -2.907  4.844   -1.106  1.00 48.61  ? 769 GLU A C   1 
ATOM   427 O O   . GLU B 2 16 ? -2.699  3.792   -1.706  1.00 46.26  ? 769 GLU A O   1 
ATOM   428 C CB  . GLU B 2 16 ? -1.789  6.921   -1.903  1.00 48.45  ? 769 GLU A CB  1 
ATOM   429 C CG  . GLU B 2 16 ? -0.631  6.150   -2.528  1.00 53.90  ? 769 GLU A CG  1 
ATOM   430 C CD  . GLU B 2 16 ? -0.858  5.782   -3.989  1.00 63.26  ? 769 GLU A CD  1 
ATOM   431 O OE1 . GLU B 2 16 ? -1.938  6.089   -4.559  1.00 65.29  ? 769 GLU A OE1 1 
ATOM   432 O OE2 . GLU B 2 16 ? 0.068   5.183   -4.575  1.00 62.59  ? 769 GLU A OE2 1 
ATOM   433 N N   . ASN B 2 17 ? -3.008  4.923   0.214   1.00 47.57  ? 770 ASN A N   1 
ATOM   434 C CA  . ASN B 2 17 ? -2.915  3.748   1.066   1.00 42.78  ? 770 ASN A CA  1 
ATOM   435 C C   . ASN B 2 17 ? -4.002  2.716   0.727   1.00 48.11  ? 770 ASN A C   1 
ATOM   436 O O   . ASN B 2 17 ? -3.728  1.517   0.658   1.00 55.91  ? 770 ASN A O   1 
ATOM   437 C CB  . ASN B 2 17 ? -3.024  4.160   2.531   1.00 46.67  ? 770 ASN A CB  1 
ATOM   438 C CG  . ASN B 2 17 ? -2.483  3.112   3.467   1.00 50.37  ? 770 ASN A CG  1 
ATOM   439 O OD1 . ASN B 2 17 ? -1.515  2.420   3.150   1.00 45.37  ? 770 ASN A OD1 1 
ATOM   440 N ND2 . ASN B 2 17 ? -3.106  2.983   4.632   1.00 54.36  ? 770 ASN A ND2 1 
ATOM   441 N N   . ARG B 2 18 ? -5.233  3.177   0.519   1.00 51.06  ? 771 ARG A N   1 
ATOM   442 C CA  . ARG B 2 18 ? -6.338  2.281   0.147   1.00 51.88  ? 771 ARG A CA  1 
ATOM   443 C C   . ARG B 2 18 ? -6.196  1.772   -1.284  1.00 56.14  ? 771 ARG A C   1 
ATOM   444 O O   . ARG B 2 18 ? -6.597  0.651   -1.600  1.00 56.32  ? 771 ARG A O   1 
ATOM   445 C CB  . ARG B 2 18 ? -7.688  2.980   0.317   1.00 49.20  ? 771 ARG A CB  1 
ATOM   446 C CG  . ARG B 2 18 ? -8.092  3.176   1.777   1.00 55.24  ? 771 ARG A CG  1 
ATOM   447 C CD  . ARG B 2 18 ? -9.383  3.976   1.927   1.00 64.78  ? 771 ARG A CD  1 
ATOM   448 N NE  . ARG B 2 18 ? -9.189  5.386   1.590   1.00 72.61  ? 771 ARG A NE  1 
ATOM   449 C CZ  . ARG B 2 18 ? -9.577  6.404   2.350   1.00 75.03  ? 771 ARG A CZ  1 
ATOM   450 N NH1 . ARG B 2 18 ? -10.189 6.185   3.502   1.00 79.70  ? 771 ARG A NH1 1 
ATOM   451 N NH2 . ARG B 2 18 ? -9.356  7.648   1.955   1.00 81.19  ? 771 ARG A NH2 1 
ATOM   452 N N   . ARG B 2 19 ? -5.632  2.598   -2.154  1.00 57.29  ? 772 ARG A N   1 
ATOM   453 C CA  . ARG B 2 19 ? -5.390  2.180   -3.526  1.00 57.98  ? 772 ARG A CA  1 
ATOM   454 C C   . ARG B 2 19 ? -4.367  1.044   -3.540  1.00 59.37  ? 772 ARG A C   1 
ATOM   455 O O   . ARG B 2 19 ? -4.469  0.110   -4.330  1.00 53.42  ? 772 ARG A O   1 
ATOM   456 C CB  . ARG B 2 19 ? -4.900  3.358   -4.368  1.00 56.50  ? 772 ARG A CB  1 
ATOM   457 C CG  . ARG B 2 19 ? -4.454  2.974   -5.764  1.00 53.03  ? 772 ARG A CG  1 
ATOM   458 C CD  . ARG B 2 19 ? -3.291  3.856   -6.235  1.00 53.27  ? 772 ARG A CD  1 
ATOM   459 N NE  . ARG B 2 19 ? -2.399  3.106   -7.121  1.00 66.91  ? 772 ARG A NE  1 
ATOM   460 C CZ  . ARG B 2 19 ? -1.242  2.560   -6.751  1.00 74.02  ? 772 ARG A CZ  1 
ATOM   461 N NH1 . ARG B 2 19 ? -0.803  2.694   -5.513  1.00 68.86  ? 772 ARG A NH1 1 
ATOM   462 N NH2 . ARG B 2 19 ? -0.512  1.883   -7.629  1.00 84.44  ? 772 ARG A NH2 1 
ATOM   463 N N   . LEU B 2 20 ? -3.389  1.119   -2.643  1.00 61.52  ? 773 LEU A N   1 
ATOM   464 C CA  . LEU B 2 20 ? -2.345  0.104   -2.592  1.00 53.34  ? 773 LEU A CA  1 
ATOM   465 C C   . LEU B 2 20 ? -2.859  -1.209  -2.022  1.00 54.30  ? 773 LEU A C   1 
ATOM   466 O O   . LEU B 2 20 ? -2.496  -2.275  -2.524  1.00 46.33  ? 773 LEU A O   1 
ATOM   467 C CB  . LEU B 2 20 ? -1.143  0.584   -1.776  1.00 42.62  ? 773 LEU A CB  1 
ATOM   468 C CG  . LEU B 2 20 ? -0.113  1.459   -2.507  1.00 46.91  ? 773 LEU A CG  1 
ATOM   469 C CD1 . LEU B 2 20 ? 0.865   2.103   -1.529  1.00 39.12  ? 773 LEU A CD1 1 
ATOM   470 C CD2 . LEU B 2 20 ? 0.655   0.664   -3.554  1.00 38.07  ? 773 LEU A CD2 1 
ATOM   471 N N   . GLU B 2 21 ? -3.685  -1.137  -0.978  1.00 48.26  ? 774 GLU A N   1 
ATOM   472 C CA  . GLU B 2 21 ? -4.240  -2.345  -0.372  1.00 57.52  ? 774 GLU A CA  1 
ATOM   473 C C   . GLU B 2 21 ? -5.124  -3.071  -1.392  1.00 56.86  ? 774 GLU A C   1 
ATOM   474 O O   . GLU B 2 21 ? -5.202  -4.292  -1.387  1.00 51.54  ? 774 GLU A O   1 
ATOM   475 C CB  . GLU B 2 21 ? -5.025  -2.013  0.901   1.00 71.94  ? 774 GLU A CB  1 
ATOM   476 C CG  . GLU B 2 21 ? -5.327  -3.224  1.805   1.00 87.41  ? 774 GLU A CG  1 
ATOM   477 C CD  . GLU B 2 21 ? -4.074  -4.010  2.228   1.00 99.18  ? 774 GLU A CD  1 
ATOM   478 O OE1 . GLU B 2 21 ? -3.392  -3.603  3.199   1.00 106.38 ? 774 GLU A OE1 1 
ATOM   479 O OE2 . GLU B 2 21 ? -3.774  -5.046  1.606   1.00 100.21 ? 774 GLU A OE2 1 
ATOM   480 N N   . GLU B 2 22 ? -5.765  -2.305  -2.270  1.00 54.89  ? 775 GLU A N   1 
ATOM   481 C CA  . GLU B 2 22 ? -6.551  -2.846  -3.372  1.00 55.30  ? 775 GLU A CA  1 
ATOM   482 C C   . GLU B 2 22 ? -5.650  -3.508  -4.424  1.00 58.33  ? 775 GLU A C   1 
ATOM   483 O O   . GLU B 2 22 ? -6.008  -4.533  -4.996  1.00 60.16  ? 775 GLU A O   1 
ATOM   484 C CB  . GLU B 2 22 ? -7.398  -1.737  -4.012  1.00 63.64  ? 775 GLU A CB  1 
ATOM   485 C CG  . GLU B 2 22 ? -8.276  -2.178  -5.179  1.00 76.47  ? 775 GLU A CG  1 
ATOM   486 C CD  . GLU B 2 22 ? -9.508  -2.970  -4.743  1.00 87.85  ? 775 GLU A CD  1 
ATOM   487 O OE1 . GLU B 2 22 ? -10.160 -3.590  -5.621  1.00 88.90  ? 775 GLU A OE1 1 
ATOM   488 O OE2 . GLU B 2 22 ? -9.825  -2.969  -3.529  1.00 91.02  ? 775 GLU A OE2 1 
ATOM   489 N N   . GLN B 2 23 ? -4.482  -2.928  -4.674  1.00 57.46  ? 776 GLN A N   1 
ATOM   490 C CA  . GLN B 2 23 ? -3.534  -3.520  -5.611  1.00 52.38  ? 776 GLN A CA  1 
ATOM   491 C C   . GLN B 2 23 ? -2.992  -4.846  -5.066  1.00 46.18  ? 776 GLN A C   1 
ATOM   492 O O   . GLN B 2 23 ? -2.891  -5.836  -5.793  1.00 42.87  ? 776 GLN A O   1 
ATOM   493 C CB  . GLN B 2 23 ? -2.384  -2.547  -5.904  1.00 56.65  ? 776 GLN A CB  1 
ATOM   494 C CG  . GLN B 2 23 ? -1.399  -3.023  -6.980  1.00 69.92  ? 776 GLN A CG  1 
ATOM   495 C CD  . GLN B 2 23 ? -2.025  -3.084  -8.375  1.00 88.78  ? 776 GLN A CD  1 
ATOM   496 O OE1 . GLN B 2 23 ? -2.971  -2.350  -8.677  1.00 94.93  ? 776 GLN A OE1 1 
ATOM   497 N NE2 . GLN B 2 23 ? -1.494  -3.959  -9.232  1.00 92.93  ? 776 GLN A NE2 1 
ATOM   498 N N   . ILE B 2 24 ? -2.648  -4.853  -3.782  1.00 47.08  ? 777 ILE A N   1 
ATOM   499 C CA  . ILE B 2 24 ? -2.167  -6.053  -3.108  1.00 52.51  ? 777 ILE A CA  1 
ATOM   500 C C   . ILE B 2 24 ? -3.188  -7.182  -3.267  1.00 57.69  ? 777 ILE A C   1 
ATOM   501 O O   . ILE B 2 24 ? -2.840  -8.319  -3.588  1.00 53.57  ? 777 ILE A O   1 
ATOM   502 C CB  . ILE B 2 24 ? -1.875  -5.761  -1.621  1.00 45.12  ? 777 ILE A CB  1 
ATOM   503 C CG1 . ILE B 2 24 ? -0.615  -4.908  -1.495  1.00 51.52  ? 777 ILE A CG1 1 
ATOM   504 C CG2 . ILE B 2 24 ? -1.710  -7.056  -0.837  1.00 43.00  ? 777 ILE A CG2 1 
ATOM   505 C CD1 . ILE B 2 24 ? -0.364  -4.406  -0.085  1.00 58.68  ? 777 ILE A CD1 1 
ATOM   506 N N   . LYS B 2 25 ? -4.454  -6.842  -3.054  1.00 55.93  ? 778 LYS A N   1 
ATOM   507 C CA  . LYS B 2 25 ? -5.549  -7.793  -3.181  1.00 56.56  ? 778 LYS A CA  1 
ATOM   508 C C   . LYS B 2 25 ? -5.620  -8.397  -4.591  1.00 53.01  ? 778 LYS A C   1 
ATOM   509 O O   . LYS B 2 25 ? -5.778  -9.611  -4.734  1.00 56.49  ? 778 LYS A O   1 
ATOM   510 C CB  . LYS B 2 25 ? -6.874  -7.113  -2.823  1.00 54.81  ? 778 LYS A CB  1 
ATOM   511 C CG  . LYS B 2 25 ? -7.847  -7.983  -2.058  1.00 60.11  ? 778 LYS A CG  1 
ATOM   512 N N   . ASN B 2 26 ? -5.503  -7.568  -5.630  1.00 53.53  ? 779 ASN A N   1 
ATOM   513 C CA  . ASN B 2 26 ? -5.602  -8.094  -6.997  1.00 53.80  ? 779 ASN A CA  1 
ATOM   514 C C   . ASN B 2 26 ? -4.383  -8.944  -7.324  1.00 48.23  ? 779 ASN A C   1 
ATOM   515 O O   . ASN B 2 26 ? -4.514  -10.031 -7.863  1.00 52.60  ? 779 ASN A O   1 
ATOM   516 C CB  . ASN B 2 26 ? -5.752  -6.977  -8.032  1.00 56.14  ? 779 ASN A CB  1 
ATOM   517 C CG  . ASN B 2 26 ? -6.956  -6.092  -7.760  1.00 71.57  ? 779 ASN A CG  1 
ATOM   518 O OD1 . ASN B 2 26 ? -7.843  -6.456  -6.987  1.00 80.55  ? 779 ASN A OD1 1 
ATOM   519 N ND2 . ASN B 2 26 ? -6.990  -4.922  -8.389  1.00 73.00  ? 779 ASN A ND2 1 
ATOM   520 N N   . LEU B 2 27 ? -3.197  -8.465  -6.976  1.00 45.11  ? 780 LEU A N   1 
ATOM   521 C CA  . LEU B 2 27 ? -1.991  -9.222  -7.266  1.00 48.42  ? 780 LEU A CA  1 
ATOM   522 C C   . LEU B 2 27 ? -2.025  -10.573 -6.559  1.00 49.39  ? 780 LEU A C   1 
ATOM   523 O O   . LEU B 2 27 ? -1.641  -11.592 -7.141  1.00 46.89  ? 780 LEU A O   1 
ATOM   524 C CB  . LEU B 2 27 ? -0.743  -8.438  -6.860  1.00 36.43  ? 780 LEU A CB  1 
ATOM   525 C CG  . LEU B 2 27 ? -0.428  -7.252  -7.770  1.00 41.73  ? 780 LEU A CG  1 
ATOM   526 C CD1 . LEU B 2 27 ? 0.626   -6.374  -7.130  1.00 42.63  ? 780 LEU A CD1 1 
ATOM   527 C CD2 . LEU B 2 27 ? 0.044   -7.731  -9.113  1.00 36.17  ? 780 LEU A CD2 1 
ATOM   528 N N   . THR B 2 28 ? -2.491  -10.577 -5.310  1.00 41.95  ? 781 THR A N   1 
ATOM   529 C CA  . THR B 2 28 ? -2.583  -11.809 -4.536  1.00 45.01  ? 781 THR A CA  1 
ATOM   530 C C   . THR B 2 28 ? -3.496  -12.818 -5.238  1.00 48.71  ? 781 THR A C   1 
ATOM   531 O O   . THR B 2 28 ? -3.161  -13.992 -5.346  1.00 46.16  ? 781 THR A O   1 
ATOM   532 C CB  . THR B 2 28 ? -3.087  -11.531 -3.113  1.00 46.41  ? 781 THR A CB  1 
ATOM   533 O OG1 . THR B 2 28 ? -2.145  -10.681 -2.445  1.00 55.61  ? 781 THR A OG1 1 
ATOM   534 C CG2 . THR B 2 28 ? -3.231  -12.808 -2.314  1.00 41.03  ? 781 THR A CG2 1 
ATOM   535 N N   . ALA B 2 29 ? -4.647  -12.351 -5.718  1.00 50.32  ? 782 ALA A N   1 
ATOM   536 C CA  . ALA B 2 29 ? -5.567  -13.198 -6.464  1.00 51.02  ? 782 ALA A CA  1 
ATOM   537 C C   . ALA B 2 29 ? -4.939  -13.648 -7.782  1.00 49.29  ? 782 ALA A C   1 
ATOM   538 O O   . ALA B 2 29 ? -5.129  -14.793 -8.212  1.00 52.87  ? 782 ALA A O   1 
ATOM   539 C CB  . ALA B 2 29 ? -6.868  -12.470 -6.719  1.00 50.81  ? 782 ALA A CB  1 
ATOM   540 N N   . LYS B 2 30 ? -4.191  -12.759 -8.426  1.00 44.39  ? 783 LYS A N   1 
ATOM   541 C CA  . LYS B 2 30 ? -3.524  -13.139 -9.665  1.00 48.60  ? 783 LYS A CA  1 
ATOM   542 C C   . LYS B 2 30 ? -2.549  -14.273 -9.379  1.00 52.09  ? 783 LYS A C   1 
ATOM   543 O O   . LYS B 2 30 ? -2.556  -15.285 -10.078 1.00 55.75  ? 783 LYS A O   1 
ATOM   544 C CB  . LYS B 2 30 ? -2.796  -11.950 -10.292 1.00 51.84  ? 783 LYS A CB  1 
ATOM   545 C CG  . LYS B 2 30 ? -2.101  -12.283 -11.604 1.00 52.89  ? 783 LYS A CG  1 
ATOM   546 C CD  . LYS B 2 30 ? -1.589  -11.027 -12.304 1.00 58.21  ? 783 LYS A CD  1 
ATOM   547 C CE  . LYS B 2 30 ? -1.096  -11.339 -13.709 1.00 59.46  ? 783 LYS A CE  1 
ATOM   548 N NZ  . LYS B 2 30 ? -0.592  -10.124 -14.395 1.00 62.92  ? 783 LYS A NZ  1 
ATOM   549 N N   . LYS B 2 31 ? -1.733  -14.100 -8.338  1.00 46.39  ? 784 LYS A N   1 
ATOM   550 C CA  . LYS B 2 31 ? -0.746  -15.103 -7.931  1.00 41.17  ? 784 LYS A CA  1 
ATOM   551 C C   . LYS B 2 31 ? -1.393  -16.454 -7.633  1.00 47.41  ? 784 LYS A C   1 
ATOM   552 O O   . LYS B 2 31 ? -0.935  -17.484 -8.113  1.00 53.20  ? 784 LYS A O   1 
ATOM   553 C CB  . LYS B 2 31 ? 0.031   -14.635 -6.697  1.00 43.89  ? 784 LYS A CB  1 
ATOM   554 C CG  . LYS B 2 31 ? 1.209   -15.534 -6.327  1.00 47.72  ? 784 LYS A CG  1 
ATOM   555 C CD  . LYS B 2 31 ? 1.932   -15.068 -5.056  1.00 46.33  ? 784 LYS A CD  1 
ATOM   556 C CE  . LYS B 2 31 ? 1.143   -15.414 -3.809  1.00 49.18  ? 784 LYS A CE  1 
ATOM   557 N NZ  . LYS B 2 31 ? 1.760   -14.839 -2.561  1.00 55.69  ? 784 LYS A NZ  1 
ATOM   558 N N   . GLU B 2 32 ? -2.459  -16.450 -6.842  1.00 47.28  ? 785 GLU A N   1 
ATOM   559 C CA  . GLU B 2 32 ? -3.094  -17.694 -6.422  1.00 51.96  ? 785 GLU A CA  1 
ATOM   560 C C   . GLU B 2 32 ? -3.750  -18.415 -7.589  1.00 52.55  ? 785 GLU A C   1 
ATOM   561 O O   . GLU B 2 32 ? -3.785  -19.642 -7.626  1.00 48.53  ? 785 GLU A O   1 
ATOM   562 C CB  . GLU B 2 32 ? -4.121  -17.425 -5.324  1.00 52.02  ? 785 GLU A CB  1 
ATOM   563 C CG  . GLU B 2 32 ? -3.487  -16.993 -4.004  1.00 51.98  ? 785 GLU A CG  1 
ATOM   564 C CD  . GLU B 2 32 ? -4.518  -16.654 -2.953  1.00 55.22  ? 785 GLU A CD  1 
ATOM   565 O OE1 . GLU B 2 32 ? -5.723  -16.849 -3.227  1.00 63.32  ? 785 GLU A OE1 1 
ATOM   566 O OE2 . GLU B 2 32 ? -4.122  -16.195 -1.856  1.00 57.43  ? 785 GLU A OE2 1 
ATOM   567 N N   . ARG B 2 33 ? -4.263  -17.642 -8.538  1.00 48.05  ? 786 ARG A N   1 
ATOM   568 C CA  . ARG B 2 33 ? -4.884  -18.187 -9.731  1.00 50.96  ? 786 ARG A CA  1 
ATOM   569 C C   . ARG B 2 33 ? -3.815  -18.940 -10.508 1.00 52.23  ? 786 ARG A C   1 
ATOM   570 O O   . ARG B 2 33 ? -4.000  -20.105 -10.887 1.00 51.41  ? 786 ARG A O   1 
ATOM   571 C CB  . ARG B 2 33 ? -5.504  -17.058 -10.564 1.00 49.98  ? 786 ARG A CB  1 
ATOM   572 C CG  . ARG B 2 33 ? -6.408  -17.461 -11.702 1.00 51.86  ? 786 ARG A CG  1 
ATOM   573 C CD  . ARG B 2 33 ? -7.625  -18.260 -11.230 1.00 68.52  ? 786 ARG A CD  1 
ATOM   574 N NE  . ARG B 2 33 ? -8.399  -18.772 -12.362 1.00 73.13  ? 786 ARG A NE  1 
ATOM   575 C CZ  . ARG B 2 33 ? -8.982  -19.965 -12.398 1.00 85.48  ? 786 ARG A CZ  1 
ATOM   576 N NH1 . ARG B 2 33 ? -8.891  -20.781 -11.356 1.00 88.93  ? 786 ARG A NH1 1 
ATOM   577 N NH2 . ARG B 2 33 ? -9.662  -20.342 -13.475 1.00 85.23  ? 786 ARG A NH2 1 
ATOM   578 N N   . LEU B 2 34 ? -2.681  -18.277 -10.705 1.00 49.11  ? 787 LEU A N   1 
ATOM   579 C CA  . LEU B 2 34 ? -1.550  -18.865 -11.412 1.00 47.36  ? 787 LEU A CA  1 
ATOM   580 C C   . LEU B 2 34 ? -1.008  -20.102 -10.701 1.00 48.90  ? 787 LEU A C   1 
ATOM   581 O O   . LEU B 2 34 ? -0.564  -21.040 -11.361 1.00 46.44  ? 787 LEU A O   1 
ATOM   582 C CB  . LEU B 2 34 ? -0.420  -17.837 -11.581 1.00 39.84  ? 787 LEU A CB  1 
ATOM   583 C CG  . LEU B 2 34 ? -0.578  -16.744 -12.646 1.00 45.88  ? 787 LEU A CG  1 
ATOM   584 C CD1 . LEU B 2 34 ? 0.484   -15.671 -12.446 1.00 39.91  ? 787 LEU A CD1 1 
ATOM   585 C CD2 . LEU B 2 34 ? -0.505  -17.308 -14.070 1.00 40.55  ? 787 LEU A CD2 1 
ATOM   586 N N   . GLN B 2 35 ? -1.021  -20.097 -9.366  1.00 44.30  ? 788 GLN A N   1 
ATOM   587 C CA  . GLN B 2 35 ? -0.573  -21.263 -8.597  1.00 44.22  ? 788 GLN A CA  1 
ATOM   588 C C   . GLN B 2 35 ? -1.475  -22.467 -8.863  1.00 49.18  ? 788 GLN A C   1 
ATOM   589 O O   . GLN B 2 35 ? -1.008  -23.602 -9.040  1.00 45.58  ? 788 GLN A O   1 
ATOM   590 C CB  . GLN B 2 35 ? -0.554  -20.964 -7.096  1.00 46.95  ? 788 GLN A CB  1 
ATOM   591 C CG  . GLN B 2 35 ? 0.430   -19.891 -6.675  1.00 46.56  ? 788 GLN A CG  1 
ATOM   592 C CD  . GLN B 2 35 ? 0.317   -19.520 -5.194  1.00 49.46  ? 788 GLN A CD  1 
ATOM   593 O OE1 . GLN B 2 35 ? -0.730  -19.706 -4.557  1.00 48.04  ? 788 GLN A OE1 1 
ATOM   594 N NE2 . GLN B 2 35 ? 1.405   -19.009 -4.643  1.00 46.27  ? 788 GLN A NE2 1 
ATOM   595 N N   . LEU B 2 36 ? -2.778  -22.214 -8.879  1.00 42.65  ? 789 LEU A N   1 
ATOM   596 C CA  . LEU B 2 36 ? -3.737  -23.279 -9.055  1.00 48.47  ? 789 LEU A CA  1 
ATOM   597 C C   . LEU B 2 36 ? -3.661  -23.818 -10.470 1.00 50.71  ? 789 LEU A C   1 
ATOM   598 O O   . LEU B 2 36 ? -3.656  -25.034 -10.682 1.00 49.05  ? 789 LEU A O   1 
ATOM   599 C CB  . LEU B 2 36 ? -5.147  -22.784 -8.743  1.00 53.56  ? 789 LEU A CB  1 
ATOM   600 C CG  . LEU B 2 36 ? -6.228  -23.805 -9.073  1.00 48.63  ? 789 LEU A CG  1 
ATOM   601 C CD1 . LEU B 2 36 ? -5.930  -25.088 -8.342  1.00 49.27  ? 789 LEU A CD1 1 
ATOM   602 C CD2 . LEU B 2 36 ? -7.565  -23.260 -8.663  1.00 51.72  ? 789 LEU A CD2 1 
ATOM   603 N N   . LEU B 2 37 ? -3.581  -22.905 -11.434 1.00 48.76  ? 790 LEU A N   1 
ATOM   604 C CA  . LEU B 2 37 ? -3.619  -23.286 -12.839 1.00 49.82  ? 790 LEU A CA  1 
ATOM   605 C C   . LEU B 2 37 ? -2.391  -24.103 -13.199 1.00 47.40  ? 790 LEU A C   1 
ATOM   606 O O   . LEU B 2 37 ? -2.499  -25.071 -13.941 1.00 44.89  ? 790 LEU A O   1 
ATOM   607 C CB  . LEU B 2 37 ? -3.732  -22.057 -13.739 1.00 49.95  ? 790 LEU A CB  1 
ATOM   608 C CG  . LEU B 2 37 ? -5.110  -21.396 -13.699 1.00 53.46  ? 790 LEU A CG  1 
ATOM   609 C CD1 . LEU B 2 37 ? -5.109  -20.103 -14.476 1.00 47.83  ? 790 LEU A CD1 1 
ATOM   610 C CD2 . LEU B 2 37 ? -6.164  -22.335 -14.251 1.00 60.42  ? 790 LEU A CD2 1 
ATOM   611 N N   . ASN B 2 38 ? -1.238  -23.725 -12.651 1.00 45.96  ? 791 ASN A N   1 
ATOM   612 C CA  . ASN B 2 38 ? -0.007  -24.484 -12.856 1.00 42.50  ? 791 ASN A CA  1 
ATOM   613 C C   . ASN B 2 38 ? -0.076  -25.915 -12.343 1.00 46.05  ? 791 ASN A C   1 
ATOM   614 O O   . ASN B 2 38 ? 0.440   -26.833 -12.978 1.00 47.87  ? 791 ASN A O   1 
ATOM   615 C CB  . ASN B 2 38 ? 1.168   -23.796 -12.177 1.00 46.24  ? 791 ASN A CB  1 
ATOM   616 C CG  . ASN B 2 38 ? 1.768   -22.693 -13.021 1.00 51.95  ? 791 ASN A CG  1 
ATOM   617 O OD1 . ASN B 2 38 ? 1.268   -22.375 -14.101 1.00 51.60  ? 791 ASN A OD1 1 
ATOM   618 N ND2 . ASN B 2 38 ? 2.843   -22.092 -12.522 1.00 47.83  ? 791 ASN A ND2 1 
ATOM   619 N N   . ALA B 2 39 ? -0.662  -26.084 -11.166 1.00 41.18  ? 792 ALA A N   1 
ATOM   620 C CA  . ALA B 2 39 ? -0.828  -27.390 -10.581 1.00 45.60  ? 792 ALA A CA  1 
ATOM   621 C C   . ALA B 2 39 ? -1.816  -28.223 -11.406 1.00 54.21  ? 792 ALA A C   1 
ATOM   622 O O   . ALA B 2 39 ? -1.581  -29.413 -11.672 1.00 53.23  ? 792 ALA A O   1 
ATOM   623 C CB  . ALA B 2 39 ? -1.298  -27.260 -9.160  1.00 41.78  ? 792 ALA A CB  1 
ATOM   624 N N   . GLN B 2 40 ? -2.905  -27.580 -11.818 1.00 49.66  ? 793 GLN A N   1 
ATOM   625 C CA  . GLN B 2 40 ? -3.971  -28.225 -12.548 1.00 45.06  ? 793 GLN A CA  1 
ATOM   626 C C   . GLN B 2 40 ? -3.451  -28.742 -13.869 1.00 44.20  ? 793 GLN A C   1 
ATOM   627 O O   . GLN B 2 40 ? -3.879  -29.789 -14.333 1.00 47.72  ? 793 GLN A O   1 
ATOM   628 C CB  . GLN B 2 40 ? -5.122  -27.246 -12.766 1.00 47.19  ? 793 GLN A CB  1 
ATOM   629 C CG  . GLN B 2 40 ? -6.302  -27.587 -11.938 1.00 60.56  ? 793 GLN A CG  1 
ATOM   630 C CD  . GLN B 2 40 ? -7.167  -26.406 -11.571 1.00 51.64  ? 793 GLN A CD  1 
ATOM   631 O OE1 . GLN B 2 40 ? -8.042  -26.562 -10.763 1.00 57.44  ? 793 GLN A OE1 1 
ATOM   632 N NE2 . GLN B 2 40 ? -6.973  -25.264 -12.196 1.00 53.07  ? 793 GLN A NE2 1 
ATOM   633 N N   . LEU B 2 41 ? -2.509  -28.017 -14.461 1.00 43.15  ? 794 LEU A N   1 
ATOM   634 C CA  . LEU B 2 41 ? -1.946  -28.383 -15.760 1.00 47.03  ? 794 LEU A CA  1 
ATOM   635 C C   . LEU B 2 41 ? -0.770  -29.367 -15.662 1.00 52.66  ? 794 LEU A C   1 
ATOM   636 O O   . LEU B 2 41 ? -0.268  -29.866 -16.672 1.00 55.39  ? 794 LEU A O   1 
ATOM   637 C CB  . LEU B 2 41 ? -1.499  -27.128 -16.520 1.00 50.33  ? 794 LEU A CB  1 
ATOM   638 C CG  . LEU B 2 41 ? -2.663  -26.290 -17.041 1.00 55.90  ? 794 LEU A CG  1 
ATOM   639 C CD1 . LEU B 2 41 ? -2.190  -24.918 -17.391 1.00 51.38  ? 794 LEU A CD1 1 
ATOM   640 C CD2 . LEU B 2 41 ? -3.285  -26.965 -18.262 1.00 65.44  ? 794 LEU A CD2 1 
ATOM   641 N N   . SER B 2 42 ? -0.348  -29.664 -14.440 1.00 55.08  ? 795 SER A N   1 
ATOM   642 C CA  . SER B 2 42 ? 0.799   -30.543 -14.229 1.00 63.47  ? 795 SER A CA  1 
ATOM   643 C C   . SER B 2 42 ? 0.396   -32.007 -14.081 1.00 71.04  ? 795 SER A C   1 
ATOM   644 O O   . SER B 2 42 ? 1.238   -32.892 -14.210 1.00 75.44  ? 795 SER A O   1 
ATOM   645 C CB  . SER B 2 42 ? 1.594   -30.099 -12.997 1.00 71.45  ? 795 SER A CB  1 
ATOM   646 O OG  . SER B 2 42 ? 2.092   -28.773 -13.156 1.00 82.78  ? 795 SER A OG  1 
ATOM   647 N N   . VAL B 2 43 ? -0.882  -32.256 -13.805 1.00 75.07  ? 796 VAL A N   1 
ATOM   648 C CA  . VAL B 2 43 ? -1.401  -33.623 -13.742 1.00 76.16  ? 796 VAL A CA  1 
ATOM   649 C C   . VAL B 2 43 ? -2.038  -33.987 -15.073 1.00 81.71  ? 796 VAL A C   1 
ATOM   650 O O   . VAL B 2 43 ? -2.367  -33.106 -15.869 1.00 87.67  ? 796 VAL A O   1 
ATOM   651 C CB  . VAL B 2 43 ? -2.414  -33.795 -12.596 1.00 73.29  ? 796 VAL A CB  1 
ATOM   652 C CG1 . VAL B 2 43 ? -1.941  -33.044 -11.363 1.00 59.22  ? 796 VAL A CG1 1 
ATOM   653 C CG2 . VAL B 2 43 ? -3.790  -33.301 -13.028 1.00 77.54  ? 796 VAL A CG2 1 
HETATM 654 O O   . HOH C 3 .  ? 9.339   4.353   0.558   1.00 37.51  ? 701 HOH B O   1 
HETATM 655 O O   . HOH C 3 .  ? 6.247   13.820  6.330   1.00 77.40  ? 702 HOH B O   1 
HETATM 656 O O   . HOH C 3 .  ? 0.294   16.219  19.871  1.00 60.54  ? 703 HOH B O   1 
HETATM 657 O O   . HOH C 3 .  ? 0.931   -1.700  5.432   1.00 54.96  ? 704 HOH B O   1 
HETATM 658 O O   . HOH C 3 .  ? 0.943   -11.639 0.175   1.00 66.38  ? 705 HOH B O   1 
HETATM 659 O O   . HOH C 3 .  ? 0.856   -5.024  3.134   1.00 54.10  ? 706 HOH B O   1 
HETATM 660 O O   . HOH C 3 .  ? 4.577   -9.609  -12.231 1.00 50.25  ? 707 HOH B O   1 
HETATM 661 O O   . HOH C 3 .  ? 8.706   -12.494 -3.477  1.00 40.52  ? 708 HOH B O   1 
HETATM 662 O O   . HOH C 3 .  ? 5.833   6.348   1.335   1.00 44.42  ? 709 HOH B O   1 
HETATM 663 O O   . HOH C 3 .  ? 7.835   7.108   7.819   1.00 52.72  ? 710 HOH B O   1 
HETATM 664 O O   . HOH C 3 .  ? 4.553   -12.990 -2.634  1.00 50.71  ? 711 HOH B O   1 
HETATM 665 O O   . HOH C 3 .  ? 4.032   -1.562  -7.970  1.00 55.00  ? 712 HOH B O   1 
HETATM 666 O O   . HOH C 3 .  ? 6.282   -18.049 -6.505  1.00 45.04  ? 713 HOH B O   1 
HETATM 667 O O   . HOH C 3 .  ? 5.059   -0.576  -6.226  1.00 70.95  ? 714 HOH B O   1 
HETATM 668 O O   . HOH C 3 .  ? 8.627   -17.105 -5.632  1.00 67.36  ? 715 HOH B O   1 
HETATM 669 O O   . HOH C 3 .  ? 4.403   8.230   0.458   1.00 56.18  ? 716 HOH B O   1 
HETATM 670 O O   . HOH D 3 .  ? 2.250   4.874   -4.582  1.00 62.93  ? 801 HOH A O   1 
HETATM 671 O O   . HOH D 3 .  ? 1.028   -24.344 -8.046  1.00 63.74  ? 802 HOH A O   1 
HETATM 672 O O   . HOH D 3 .  ? -1.171  -11.305 -0.194  1.00 59.12  ? 803 HOH A O   1 
HETATM 673 O O   . HOH D 3 .  ? -1.765  20.136  -0.007  1.00 69.32  ? 804 HOH A O   1 
HETATM 674 O O   . HOH D 3 .  ? 3.830   -23.160 -10.287 1.00 48.31  ? 805 HOH A O   1 
HETATM 675 O O   . HOH D 3 .  ? 3.987   -19.171 -5.386  1.00 61.84  ? 806 HOH A O   1 
HETATM 676 O O   . HOH D 3 .  ? -6.148  -14.754 -0.441  1.00 53.31  ? 807 HOH A O   1 
HETATM 677 O O   . HOH D 3 .  ? -7.005  -11.516 -2.959  1.00 55.57  ? 808 HOH A O   1 
HETATM 678 O O   . HOH D 3 .  ? -0.296  26.638  13.834  1.00 68.08  ? 809 HOH A O   1 
HETATM 679 O O   . HOH D 3 .  ? 2.510   25.934  7.001   1.00 47.74  ? 810 HOH A O   1 
HETATM 680 O O   . HOH D 3 .  ? -5.393  4.926   4.919   1.00 57.80  ? 811 HOH A O   1 
HETATM 681 O O   . HOH D 3 .  ? -4.501  27.283  5.813   1.00 51.27  ? 812 HOH A O   1 
HETATM 682 O O   . HOH D 3 .  ? -5.891  -0.011  -7.122  1.00 54.81  ? 813 HOH A O   1 
HETATM 683 O O   . HOH D 3 .  ? -8.243  4.571   -3.262  1.00 49.63  ? 814 HOH A O   1 
HETATM 684 O O   . HOH D 3 .  ? -1.940  26.619  12.831  1.00 54.62  ? 815 HOH A O   1 
HETATM 685 O O   . HOH D 3 .  ? -4.817  0.999   -8.501  1.00 62.56  ? 816 HOH A O   1 
HETATM 686 O O   . HOH D 3 .  ? 2.229   -8.864  -12.160 1.00 50.71  ? 817 HOH A O   1 
HETATM 687 O O   . HOH D 3 .  ? -5.715  5.607   7.395   1.00 73.12  ? 818 HOH A O   1 
# 
loop_
_atom_site_anisotrop.id 
_atom_site_anisotrop.type_symbol 
_atom_site_anisotrop.pdbx_label_atom_id 
_atom_site_anisotrop.pdbx_label_alt_id 
_atom_site_anisotrop.pdbx_label_comp_id 
_atom_site_anisotrop.pdbx_label_asym_id 
_atom_site_anisotrop.pdbx_label_seq_id 
_atom_site_anisotrop.pdbx_PDB_ins_code 
_atom_site_anisotrop.U[1][1] 
_atom_site_anisotrop.U[2][2] 
_atom_site_anisotrop.U[3][3] 
_atom_site_anisotrop.U[1][2] 
_atom_site_anisotrop.U[1][3] 
_atom_site_anisotrop.U[2][3] 
_atom_site_anisotrop.pdbx_auth_seq_id 
_atom_site_anisotrop.pdbx_auth_comp_id 
_atom_site_anisotrop.pdbx_auth_asym_id 
_atom_site_anisotrop.pdbx_auth_atom_id 
1   N N   . ASP A 1  ? 1.6103 1.1349 1.3795 -0.2181 0.3132  -0.6083 610 ASP B N   
2   C CA  . ASP A 1  ? 1.5668 1.0926 1.2630 -0.1693 0.2751  -0.5755 610 ASP B CA  
3   C C   . ASP A 1  ? 1.5504 1.0218 1.2355 -0.1614 0.3136  -0.4975 610 ASP B C   
4   O O   . ASP A 1  ? 1.3707 0.8716 1.0662 -0.1537 0.2934  -0.4745 610 ASP B O   
5   C CB  . ASP A 1  ? 1.6067 1.1040 1.2171 -0.1320 0.2611  -0.5872 610 ASP B CB  
6   N N   . TRP A 2  ? 1.6597 1.0543 1.3215 -0.1611 0.3693  -0.4569 611 TRP B N   
7   C CA  . TRP A 2  ? 1.6645 1.0088 1.3080 -0.1458 0.4086  -0.3794 611 TRP B CA  
8   C C   . TRP A 2  ? 1.6127 0.9824 1.3137 -0.1610 0.4148  -0.3552 611 TRP B C   
9   O O   . TRP A 2  ? 1.5738 0.9604 1.2604 -0.1411 0.3941  -0.3241 611 TRP B O   
10  C CB  . TRP A 2  ? 1.7139 0.9832 1.3423 -0.1492 0.4730  -0.3473 611 TRP B CB  
11  N N   . ALA A 3  ? 1.5982 0.9684 1.3616 -0.1953 0.4474  -0.3691 612 ALA B N   
12  C CA  . ALA A 3  ? 1.4566 0.8444 1.2723 -0.2067 0.4626  -0.3432 612 ALA B CA  
13  C C   . ALA A 3  ? 1.2977 0.7657 1.1535 -0.2157 0.4040  -0.3784 612 ALA B C   
14  O O   . ALA A 3  ? 1.2267 0.7113 1.0881 -0.2038 0.3903  -0.3464 612 ALA B O   
15  C CB  . ALA A 3  ? 1.5270 0.8893 1.3881 -0.2364 0.5216  -0.3486 612 ALA B CB  
16  N N   . THR A 4  ? 1.2477 0.7684 1.1290 -0.2336 0.3692  -0.4444 613 THR B N   
17  C CA  . THR A 4  ? 1.2036 0.8107 1.1215 -0.2377 0.3118  -0.4816 613 THR B CA  
18  C C   . THR A 4  ? 1.2528 0.8767 1.1145 -0.2002 0.2645  -0.4589 613 THR B C   
19  O O   . THR A 4  ? 1.1358 0.8056 1.0235 -0.1989 0.2368  -0.4537 613 THR B O   
20  C CB  . THR A 4  ? 1.2321 0.8983 1.1741 -0.2529 0.2807  -0.5575 613 THR B CB  
21  O OG1 . THR A 4  ? 1.2292 0.9858 1.2260 -0.2617 0.2393  -0.5910 613 THR B OG1 
22  C CG2 . THR A 4  ? 1.2790 0.9429 1.1423 -0.2186 0.2424  -0.5778 613 THR B CG2 
23  N N   . LEU A 5  ? 1.3988 0.9811 1.1814 -0.1690 0.2622  -0.4419 614 LEU B N   
24  C CA  . LEU A 5  ? 1.3529 0.9412 1.0699 -0.1315 0.2297  -0.4190 614 LEU B CA  
25  C C   . LEU A 5  ? 1.2467 0.8098 0.9707 -0.1271 0.2527  -0.3519 614 LEU B C   
26  O O   . LEU A 5  ? 1.0675 0.6732 0.7894 -0.1096 0.2169  -0.3255 614 LEU B O   
27  C CB  . LEU A 5  ? 1.4065 0.9510 1.0356 -0.0979 0.2324  -0.4113 614 LEU B CB  
28  C CG  . LEU A 5  ? 1.4344 1.0177 0.9956 -0.0586 0.1800  -0.4411 614 LEU B CG  
29  C CD1 . LEU A 5  ? 1.4310 1.1059 1.0396 -0.0660 0.1277  -0.5011 614 LEU B CD1 
30  C CD2 . LEU A 5  ? 1.4964 1.0444 0.9929 -0.0338 0.1856  -0.4533 614 LEU B CD2 
31  N N   . SER A 6  ? 1.2835 0.7880 1.0189 -0.1360 0.3086  -0.3159 615 SER B N   
32  C CA  . SER A 6  ? 1.2575 0.7596 1.0150 -0.1276 0.3275  -0.2494 615 SER B CA  
33  C C   . SER A 6  ? 1.1811 0.7340 1.0034 -0.1479 0.3075  -0.2609 615 SER B C   
34  O O   . SER A 6  ? 1.1156 0.7089 0.9435 -0.1343 0.2779  -0.2277 615 SER B O   
35  C CB  . SER A 6  ? 1.3545 0.7895 1.1122 -0.1284 0.3943  -0.2204 615 SER B CB  
36  O OG  . SER A 6  ? 1.4153 0.8594 1.1844 -0.1089 0.4095  -0.1562 615 SER B OG  
37  N N   . LEU A 7  ? 1.1288 0.6842 1.0029 -0.1809 0.3244  -0.3070 616 LEU B N   
38  C CA  . LEU A 7  ? 0.9796 0.5815 0.9223 -0.2011 0.3157  -0.3145 616 LEU B CA  
39  C C   . LEU A 7  ? 0.8880 0.5559 0.8349 -0.1968 0.2547  -0.3396 616 LEU B C   
40  O O   . LEU A 7  ? 0.8317 0.5319 0.8139 -0.1980 0.2426  -0.3180 616 LEU B O   
41  C CB  . LEU A 7  ? 1.0120 0.6314 1.0120 -0.2321 0.3377  -0.3532 616 LEU B CB  
42  C CG  . LEU A 7  ? 1.0470 0.6051 1.0538 -0.2388 0.4097  -0.3267 616 LEU B CG  
43  C CD1 . LEU A 7  ? 1.0529 0.6339 1.1195 -0.2729 0.4338  -0.3721 616 LEU B CD1 
44  C CD2 . LEU A 7  ? 0.9700 0.5034 0.9778 -0.2195 0.4412  -0.2661 616 LEU B CD2 
45  N N   . GLU A 8  ? 0.9208 0.6176 0.8276 -0.1834 0.2139  -0.3771 617 GLU B N   
46  C CA  . GLU A 8  ? 0.8930 0.6638 0.7967 -0.1675 0.1537  -0.3972 617 GLU B CA  
47  C C   . GLU A 8  ? 0.8500 0.6196 0.7105 -0.1324 0.1342  -0.3293 617 GLU B C   
48  O O   . GLU A 8  ? 0.8098 0.6250 0.6840 -0.1241 0.1019  -0.3227 617 GLU B O   
49  C CB  . GLU A 8  ? 0.9724 0.7795 0.8390 -0.1513 0.1166  -0.4529 617 GLU B CB  
50  C CG  . GLU A 8  ? 1.0381 0.8890 0.9718 -0.1800 0.1170  -0.5028 617 GLU B CG  
51  C CD  . GLU A 8  ? 1.1869 1.0687 1.0827 -0.1617 0.0854  -0.5508 617 GLU B CD  
52  O OE1 . GLU A 8  ? 1.2049 1.0415 1.0200 -0.1324 0.0845  -0.5397 617 GLU B OE1 
53  O OE2 . GLU A 8  ? 1.2934 1.2467 1.2403 -0.1752 0.0647  -0.5996 617 GLU B OE2 
54  N N   . LYS A 9  ? 0.9075 0.6244 0.7187 -0.1136 0.1577  -0.2819 618 LYS B N   
55  C CA  . LYS A 9  ? 0.9785 0.6898 0.7581 -0.0884 0.1511  -0.2214 618 LYS B CA  
56  C C   . LYS A 9  ? 0.9158 0.6395 0.7520 -0.1036 0.1657  -0.1860 618 LYS B C   
57  O O   . LYS A 9  ? 0.9341 0.6850 0.7738 -0.0949 0.1436  -0.1634 618 LYS B O   
58  C CB  . LYS A 9  ? 0.9809 0.6399 0.7066 -0.0695 0.1791  -0.1849 618 LYS B CB  
59  N N   . LEU A 10 ? 0.8811 0.5807 0.7560 -0.1227 0.2063  -0.1820 619 LEU B N   
60  C CA  . LEU A 10 ? 0.8223 0.5332 0.7441 -0.1294 0.2236  -0.1495 619 LEU B CA  
61  C C   . LEU A 10 ? 0.7950 0.5528 0.7618 -0.1437 0.1943  -0.1746 619 LEU B C   
62  O O   . LEU A 10 ? 0.7416 0.5254 0.7272 -0.1385 0.1830  -0.1456 619 LEU B O   
63  C CB  . LEU A 10 ? 0.8366 0.5038 0.7798 -0.1385 0.2789  -0.1428 619 LEU B CB  
64  C CG  . LEU A 10 ? 0.9519 0.5865 0.8644 -0.1150 0.3150  -0.0947 619 LEU B CG  
65  C CD1 . LEU A 10 ? 1.0696 0.6762 0.9261 -0.1035 0.3138  -0.0991 619 LEU B CD1 
66  C CD2 . LEU A 10 ? 1.0770 0.6670 1.0077 -0.1162 0.3732  -0.0860 619 LEU B CD2 
67  N N   . LEU A 11 ? 0.7951 0.5699 0.7811 -0.1618 0.1814  -0.2326 620 LEU B N   
68  C CA  . LEU A 11 ? 0.7568 0.5864 0.7886 -0.1743 0.1522  -0.2629 620 LEU B CA  
69  C C   . LEU A 11 ? 0.7360 0.6051 0.7336 -0.1476 0.1023  -0.2482 620 LEU B C   
70  O O   . LEU A 11 ? 0.6200 0.5184 0.6442 -0.1468 0.0879  -0.2322 620 LEU B O   
71  C CB  . LEU A 11 ? 0.7787 0.6323 0.8418 -0.1996 0.1478  -0.3382 620 LEU B CB  
72  C CG  . LEU A 11 ? 0.7299 0.6562 0.8498 -0.2112 0.1185  -0.3737 620 LEU B CG  
73  C CD1 . LEU A 11 ? 0.6602 0.5796 0.8352 -0.2245 0.1495  -0.3411 620 LEU B CD1 
74  C CD2 . LEU A 11 ? 0.7463 0.7201 0.8972 -0.2224 0.1105  -0.4289 620 LEU B CD2 
75  N N   . LYS A 12 ? 0.7657 0.6285 0.6985 -0.1222 0.0809  -0.2518 621 LYS B N   
76  C CA  . LYS A 12 ? 0.7412 0.6245 0.6280 -0.0908 0.0442  -0.2353 621 LYS B CA  
77  C C   . LYS A 12 ? 0.6922 0.5531 0.5749 -0.0860 0.0582  -0.1749 621 LYS B C   
78  O O   . LYS A 12 ? 0.6740 0.5556 0.5543 -0.0756 0.0374  -0.1612 621 LYS B O   
79  C CB  . LYS A 12 ? 0.8448 0.7113 0.6515 -0.0577 0.0293  -0.2452 621 LYS B CB  
80  C CG  . LYS A 12 ? 0.9685 0.8813 0.7708 -0.0516 -0.0002 -0.3145 621 LYS B CG  
81  N N   . GLU A 13 ? 0.6983 0.5221 0.5817 -0.0924 0.0940  -0.1423 622 GLU B N   
82  C CA  . GLU A 13 ? 0.7355 0.5531 0.6227 -0.0894 0.1072  -0.0939 622 GLU B CA  
83  C C   . GLU A 13 ? 0.6904 0.5401 0.6376 -0.1038 0.1064  -0.0861 622 GLU B C   
84  O O   . GLU A 13 ? 0.6737 0.5385 0.6244 -0.0997 0.0963  -0.0639 622 GLU B O   
85  C CB  . GLU A 13 ? 0.8536 0.6403 0.7316 -0.0884 0.1444  -0.0664 622 GLU B CB  
86  C CG  . GLU A 13 ? 1.0870 0.8384 0.8998 -0.0701 0.1483  -0.0627 622 GLU B CG  
87  C CD  . GLU A 13 ? 1.2201 0.9419 1.0246 -0.0688 0.1856  -0.0461 622 GLU B CD  
88  O OE1 . GLU A 13 ? 1.3817 1.0715 1.1417 -0.0586 0.1905  -0.0606 622 GLU B OE1 
89  O OE2 . GLU A 13 ? 1.1550 0.8888 0.9930 -0.0729 0.2096  -0.0191 622 GLU B OE2 
90  N N   . LYS A 14 ? 0.6263 0.4810 0.6182 -0.1206 0.1211  -0.1063 623 LYS B N   
91  C CA  . LYS A 14 ? 0.5059 0.3853 0.5504 -0.1305 0.1246  -0.1002 623 LYS B CA  
92  C C   . LYS A 14 ? 0.6268 0.5448 0.6800 -0.1295 0.0850  -0.1189 623 LYS B C   
93  O O   . LYS A 14 ? 0.6114 0.5488 0.6823 -0.1267 0.0770  -0.0982 623 LYS B O   
94  C CB  . LYS A 14 ? 0.5465 0.4092 0.6313 -0.1482 0.1589  -0.1207 623 LYS B CB  
95  C CG  . LYS A 14 ? 0.6115 0.4845 0.7447 -0.1531 0.1778  -0.1069 623 LYS B CG  
96  C CD  . LYS A 14 ? 0.7331 0.5619 0.8863 -0.1612 0.2335  -0.1094 623 LYS B CD  
97  C CE  . LYS A 14 ? 0.7028 0.5340 0.8862 -0.1505 0.2574  -0.0858 623 LYS B CE  
98  N NZ  . LYS A 14 ? 0.8130 0.6020 1.0022 -0.1459 0.3048  -0.0962 623 LYS B NZ  
99  N N   . GLN A 15 ? 0.5615 0.4950 0.5981 -0.1271 0.0595  -0.1590 624 GLN B N   
100 C CA  . GLN A 15 ? 0.5632 0.5408 0.6032 -0.1179 0.0215  -0.1791 624 GLN B CA  
101 C C   . GLN A 15 ? 0.5935 0.5608 0.5811 -0.0924 0.0040  -0.1449 624 GLN B C   
102 O O   . GLN A 15 ? 0.5671 0.5584 0.5609 -0.0845 -0.0158 -0.1409 624 GLN B O   
103 C CB  . GLN A 15 ? 0.6054 0.6153 0.6351 -0.1130 -0.0038 -0.2351 624 GLN B CB  
104 C CG  . GLN A 15 ? 0.8558 0.8875 0.9532 -0.1467 0.0131  -0.2842 624 GLN B CG  
105 C CD  . GLN A 15 ? 0.9810 1.0441 1.1486 -0.1662 0.0189  -0.2887 624 GLN B CD  
106 O OE1 . GLN A 15 ? 0.9868 1.0186 1.1926 -0.1855 0.0591  -0.2676 624 GLN B OE1 
107 N NE2 . GLN A 15 ? 1.0419 1.1667 1.2219 -0.1559 -0.0188 -0.3155 624 GLN B NE2 
108 N N   . ALA A 16 ? 0.6010 0.5278 0.5373 -0.0803 0.0166  -0.1212 625 ALA B N   
109 C CA  . ALA A 16 ? 0.5966 0.4995 0.4823 -0.0606 0.0130  -0.0908 625 ALA B CA  
110 C C   . ALA A 16 ? 0.6700 0.5757 0.5917 -0.0756 0.0277  -0.0589 625 ALA B C   
111 O O   . ALA A 16 ? 0.7042 0.6064 0.6093 -0.0677 0.0198  -0.0447 625 ALA B O   
112 C CB  . ALA A 16 ? 0.5923 0.4496 0.4195 -0.0470 0.0304  -0.0779 625 ALA B CB  
113 N N   . LEU A 17 ? 0.6492 0.5610 0.6158 -0.0934 0.0509  -0.0494 626 LEU B N   
114 C CA  . LEU A 17 ? 0.5911 0.5203 0.5935 -0.1018 0.0618  -0.0251 626 LEU B CA  
115 C C   . LEU A 17 ? 0.5878 0.5477 0.6265 -0.1048 0.0443  -0.0329 626 LEU B C   
116 O O   . LEU A 17 ? 0.6166 0.5876 0.6603 -0.1037 0.0382  -0.0184 626 LEU B O   
117 C CB  . LEU A 17 ? 0.5440 0.4764 0.5758 -0.1074 0.0919  -0.0124 626 LEU B CB  
118 C CG  . LEU A 17 ? 0.5978 0.5145 0.6054 -0.1039 0.1131  0.0052  626 LEU B CG  
119 C CD1 . LEU A 17 ? 0.6039 0.5324 0.6389 -0.1004 0.1418  0.0184  626 LEU B CD1 
120 C CD2 . LEU A 17 ? 0.6484 0.5753 0.6500 -0.1062 0.1108  0.0191  626 LEU B CD2 
121 N N   . LYS A 18 ? 0.5656 0.5399 0.6328 -0.1107 0.0392  -0.0585 627 LYS B N   
122 C CA  . LYS A 18 ? 0.5165 0.5217 0.6227 -0.1141 0.0264  -0.0671 627 LYS B CA  
123 C C   . LYS A 18 ? 0.5653 0.5807 0.6399 -0.0993 -0.0054 -0.0706 627 LYS B C   
124 O O   . LYS A 18 ? 0.5435 0.5742 0.6329 -0.0967 -0.0138 -0.0596 627 LYS B O   
125 C CB  . LYS A 18 ? 0.4678 0.4878 0.6155 -0.1279 0.0322  -0.1017 627 LYS B CB  
126 C CG  . LYS A 18 ? 0.6069 0.6065 0.7889 -0.1400 0.0745  -0.0942 627 LYS B CG  
127 C CD  . LYS A 18 ? 0.6512 0.6565 0.8771 -0.1606 0.0888  -0.1355 627 LYS B CD  
128 C CE  . LYS A 18 ? 0.8105 0.7745 1.0573 -0.1697 0.1426  -0.1276 627 LYS B CE  
129 N NZ  . LYS A 18 ? 0.8612 0.8186 1.1196 -0.1527 0.1659  -0.0891 627 LYS B NZ  
130 N N   . SER A 19 ? 0.5586 0.5618 0.5826 -0.0841 -0.0203 -0.0842 628 SER B N   
131 C CA  . SER A 19 ? 0.5982 0.5993 0.5728 -0.0585 -0.0440 -0.0832 628 SER B CA  
132 C C   . SER A 19 ? 0.6039 0.5705 0.5517 -0.0563 -0.0309 -0.0481 628 SER B C   
133 O O   . SER A 19 ? 0.6187 0.5867 0.5543 -0.0454 -0.0420 -0.0411 628 SER B O   
134 C CB  . SER A 19 ? 0.6477 0.6355 0.5605 -0.0335 -0.0554 -0.1008 628 SER B CB  
135 O OG  . SER A 19 ? 0.6951 0.6689 0.5434 0.0021  -0.0707 -0.0934 628 SER B OG  
136 N N   . GLN A 20 ? 0.5636 0.5023 0.5053 -0.0680 -0.0053 -0.0297 629 GLN B N   
137 C CA  . GLN A 20 ? 0.6109 0.5258 0.5398 -0.0740 0.0114  -0.0065 629 GLN B CA  
138 C C   . GLN A 20 ? 0.6495 0.5994 0.6324 -0.0881 0.0094  -0.0004 629 GLN B C   
139 O O   . GLN A 20 ? 0.5766 0.5170 0.5492 -0.0885 0.0100  0.0079  629 GLN B O   
140 C CB  . GLN A 20 ? 0.6178 0.5107 0.5401 -0.0854 0.0402  0.0053  629 GLN B CB  
141 C CG  . GLN A 20 ? 0.8460 0.6923 0.7029 -0.0676 0.0483  0.0046  629 GLN B CG  
142 C CD  . GLN A 20 ? 1.0340 0.8597 0.8883 -0.0799 0.0806  0.0170  629 GLN B CD  
143 O OE1 . GLN A 20 ? 1.0618 0.8884 0.9353 -0.0974 0.1014  0.0273  629 GLN B OE1 
144 N NE2 . GLN A 20 ? 1.1145 0.9273 0.9484 -0.0716 0.0852  0.0120  629 GLN B NE2 
145 N N   . ILE A 21 ? 0.5329 0.5172 0.5680 -0.0970 0.0115  -0.0043 630 ILE B N   
146 C CA  . ILE A 21 ? 0.4742 0.4911 0.5541 -0.1021 0.0123  0.0035  630 ILE B CA  
147 C C   . ILE A 21 ? 0.5435 0.5693 0.6229 -0.0938 -0.0099 -0.0023 630 ILE B C   
148 O O   . ILE A 21 ? 0.5191 0.5495 0.6000 -0.0937 -0.0125 0.0064  630 ILE B O   
149 C CB  . ILE A 21 ? 0.4399 0.4777 0.5628 -0.1046 0.0276  0.0038  630 ILE B CB  
150 C CG1 . ILE A 21 ? 0.5011 0.5397 0.6244 -0.1062 0.0511  0.0161  630 ILE B CG1 
151 C CG2 . ILE A 21 ? 0.2920 0.3591 0.4531 -0.0999 0.0272  0.0102  630 ILE B CG2 
152 C CD1 . ILE A 21 ? 0.4999 0.5411 0.6470 -0.1015 0.0741  0.0188  630 ILE B CD1 
153 N N   . SER A 22 ? 0.4767 0.5093 0.5541 -0.0863 -0.0257 -0.0207 631 SER B N   
154 C CA  . SER A 22 ? 0.5055 0.5563 0.5845 -0.0744 -0.0478 -0.0291 631 SER B CA  
155 C C   . SER A 22 ? 0.5304 0.5508 0.5536 -0.0588 -0.0548 -0.0171 631 SER B C   
156 O O   . SER A 22 ? 0.4940 0.5208 0.5210 -0.0533 -0.0622 -0.0106 631 SER B O   
157 C CB  . SER A 22 ? 0.5004 0.5764 0.5857 -0.0675 -0.0648 -0.0598 631 SER B CB  
158 O OG  . SER A 22 ? 0.5376 0.6394 0.6859 -0.0862 -0.0521 -0.0742 631 SER B OG  
159 N N   . GLU A 23 ? 0.5228 0.5023 0.4903 -0.0507 -0.0468 -0.0131 632 GLU B N   
160 C CA  . GLU A 23 ? 0.5689 0.4997 0.4738 -0.0351 -0.0397 0.0002  632 GLU B CA  
161 C C   . GLU A 23 ? 0.6377 0.5575 0.5627 -0.0574 -0.0208 0.0136  632 GLU B C   
162 O O   . GLU A 23 ? 0.7151 0.6134 0.6176 -0.0508 -0.0193 0.0196  632 GLU B O   
163 C CB  . GLU A 23 ? 0.7057 0.5871 0.5472 -0.0217 -0.0244 0.0038  632 GLU B CB  
164 C CG  . GLU A 23 ? 1.0065 0.8252 0.7641 0.0088  -0.0128 0.0163  632 GLU B CG  
165 C CD  . GLU A 23 ? 1.2175 0.9813 0.9626 -0.0134 0.0253  0.0323  632 GLU B CD  
166 O OE1 . GLU A 23 ? 1.2416 0.9541 0.9353 0.0027  0.0400  0.0424  632 GLU B OE1 
167 O OE2 . GLU A 23 ? 1.2688 1.0425 1.0560 -0.0465 0.0431  0.0317  632 GLU B OE2 
168 N N   . LYS A 24 ? 0.6126 0.5527 0.5805 -0.0815 -0.0066 0.0148  633 LYS B N   
169 C CA  . LYS A 24 ? 0.5712 0.5197 0.5637 -0.1013 0.0086  0.0183  633 LYS B CA  
170 C C   . LYS A 24 ? 0.5800 0.5704 0.6127 -0.0999 -0.0071 0.0177  633 LYS B C   
171 O O   . LYS A 24 ? 0.5949 0.5845 0.6301 -0.1082 -0.0017 0.0164  633 LYS B O   
172 C CB  . LYS A 24 ? 0.5128 0.4855 0.5380 -0.1191 0.0262  0.0174  633 LYS B CB  
173 C CG  . LYS A 24 ? 0.5594 0.4853 0.5463 -0.1272 0.0518  0.0186  633 LYS B CG  
174 C CD  . LYS A 24 ? 0.5868 0.5416 0.6054 -0.1410 0.0688  0.0174  633 LYS B CD  
175 C CE  . LYS A 24 ? 0.8030 0.7016 0.7751 -0.1426 0.0939  0.0210  633 LYS B CE  
176 N NZ  . LYS A 24 ? 0.9320 0.8495 0.9197 -0.1441 0.1036  0.0231  633 LYS B NZ  
177 N N   . GLN A 25 ? 0.3954 0.4194 0.4593 -0.0903 -0.0226 0.0162  634 GLN B N   
178 C CA  . GLN A 25 ? 0.4624 0.5194 0.5597 -0.0847 -0.0329 0.0184  634 GLN B CA  
179 C C   . GLN A 25 ? 0.5680 0.6019 0.6315 -0.0721 -0.0458 0.0189  634 GLN B C   
180 O O   . GLN A 25 ? 0.4669 0.5067 0.5359 -0.0714 -0.0475 0.0219  634 GLN B O   
181 C CB  . GLN A 25 ? 0.3835 0.4705 0.5214 -0.0789 -0.0365 0.0159  634 GLN B CB  
182 C CG  . GLN A 25 ? 0.5896 0.6810 0.7446 -0.0863 -0.0196 0.0151  634 GLN B CG  
183 C CD  . GLN A 25 ? 0.6756 0.7845 0.8717 -0.0837 -0.0107 0.0116  634 GLN B CD  
184 O OE1 . GLN A 25 ? 0.8178 0.9448 1.0408 -0.0756 0.0017  0.0224  634 GLN B OE1 
185 N NE2 . GLN A 25 ? 0.8014 0.9040 1.0005 -0.0889 -0.0136 -0.0061 634 GLN B NE2 
186 N N   . ARG A 26 ? 0.6193 0.6297 0.6440 -0.0570 -0.0549 0.0150  635 ARG B N   
187 C CA  . ARG A 26 ? 0.5756 0.5636 0.5585 -0.0355 -0.0651 0.0177  635 ARG B CA  
188 C C   . ARG A 26 ? 0.6112 0.5440 0.5501 -0.0418 -0.0439 0.0260  635 ARG B C   
189 O O   . ARG A 26 ? 0.5759 0.4930 0.4975 -0.0334 -0.0445 0.0301  635 ARG B O   
190 C CB  . ARG A 26 ? 0.4658 0.4474 0.4076 -0.0087 -0.0790 0.0099  635 ARG B CB  
191 C CG  . ARG A 26 ? 0.6075 0.5568 0.4863 0.0245  -0.0842 0.0170  635 ARG B CG  
192 C CD  . ARG A 26 ? 0.8170 0.7525 0.6330 0.0611  -0.0926 0.0112  635 ARG B CD  
193 N NE  . ARG A 26 ? 1.0573 1.0577 0.8908 0.0877  -0.1246 -0.0069 635 ARG B NE  
194 C CZ  . ARG A 26 ? 1.1854 1.1901 0.9860 0.1228  -0.1360 -0.0028 635 ARG B CZ  
195 N NH1 . ARG A 26 ? 1.2622 1.1976 1.0048 0.1347  -0.1150 0.0210  635 ARG B NH1 
196 N NH2 . ARG A 26 ? 1.1810 1.2608 1.0086 0.1451  -0.1657 -0.0254 635 ARG B NH2 
197 N N   . HIS A 27 ? 0.6183 0.5196 0.5407 -0.0582 -0.0207 0.0260  636 HIS B N   
198 C CA  . HIS A 27 ? 0.6157 0.4618 0.5047 -0.0725 0.0094  0.0273  636 HIS B CA  
199 C C   . HIS A 27 ? 0.6258 0.5073 0.5625 -0.0943 0.0094  0.0187  636 HIS B C   
200 O O   . HIS A 27 ? 0.5675 0.4132 0.4790 -0.0966 0.0214  0.0166  636 HIS B O   
201 C CB  . HIS A 27 ? 0.6589 0.4778 0.5383 -0.0913 0.0373  0.0251  636 HIS B CB  
202 C CG  . HIS A 27 ? 0.8310 0.5759 0.6670 -0.1054 0.0791  0.0240  636 HIS B CG  
203 N ND1 . HIS A 27 ? 0.8779 0.5827 0.6955 -0.1204 0.1136  0.0231  636 HIS B ND1 
204 C CD2 . HIS A 27 ? 0.9243 0.6215 0.7315 -0.1090 0.0985  0.0221  636 HIS B CD2 
205 C CE1 . HIS A 27 ? 0.9828 0.6170 0.7658 -0.1349 0.1559  0.0196  636 HIS B CE1 
206 N NE2 . HIS A 27 ? 0.9458 0.5718 0.7204 -0.1287 0.1480  0.0182  636 HIS B NE2 
207 N N   . CYS A 28 ? 0.5513 0.5013 0.5507 -0.1051 -0.0026 0.0135  637 CYS B N   
208 C CA  . CYS A 28 ? 0.4906 0.4881 0.5332 -0.1165 -0.0057 0.0038  637 CYS B CA  
209 C C   . CYS A 28 ? 0.5444 0.5406 0.5787 -0.0990 -0.0214 0.0084  637 CYS B C   
210 O O   . CYS A 28 ? 0.5793 0.5719 0.6122 -0.1079 -0.0155 -0.0018 637 CYS B O   
211 C CB  . CYS A 28 ? 0.3965 0.4641 0.4939 -0.1142 -0.0147 0.0041  637 CYS B CB  
212 S SG  . CYS A 28 ? 0.5293 0.6213 0.6490 -0.1356 0.0055  -0.0064 637 CYS B SG  
213 N N   . LEU A 29 ? 0.4696 0.4734 0.5024 -0.0753 -0.0403 0.0201  638 LEU B N   
214 C CA  . LEU A 29 ? 0.4522 0.4603 0.4807 -0.0560 -0.0548 0.0256  638 LEU B CA  
215 C C   . LEU A 29 ? 0.5347 0.4772 0.5001 -0.0477 -0.0453 0.0279  638 LEU B C   
216 O O   . LEU A 29 ? 0.5646 0.5001 0.5203 -0.0389 -0.0485 0.0294  638 LEU B O   
217 C CB  . LEU A 29 ? 0.4902 0.5274 0.5391 -0.0365 -0.0729 0.0311  638 LEU B CB  
218 C CG  . LEU A 29 ? 0.4302 0.5159 0.5361 -0.0428 -0.0717 0.0305  638 LEU B CG  
219 C CD1 . LEU A 29 ? 0.3910 0.4931 0.5152 -0.0345 -0.0804 0.0261  638 LEU B CD1 
220 C CD2 . LEU A 29 ? 0.2817 0.4022 0.4210 -0.0362 -0.0709 0.0355  638 LEU B CD2 
221 N N   . GLU A 30 ? 0.4935 0.3812 0.4092 -0.0464 -0.0291 0.0301  639 GLU B N   
222 C CA  . GLU A 30 ? 0.6781 0.4890 0.5211 -0.0314 -0.0103 0.0366  639 GLU B CA  
223 C C   . GLU A 30 ? 0.7038 0.4761 0.5425 -0.0632 0.0211  0.0233  639 GLU B C   
224 O O   . GLU A 30 ? 0.6176 0.3408 0.4168 -0.0557 0.0348  0.0246  639 GLU B O   
225 C CB  . GLU A 30 ? 0.6928 0.4516 0.4734 -0.0104 0.0020  0.0454  639 GLU B CB  
226 C CG  . GLU A 30 ? 0.8439 0.6405 0.6161 0.0288  -0.0303 0.0505  639 GLU B CG  
227 C CD  . GLU A 30 ? 1.0444 0.8056 0.7547 0.0566  -0.0239 0.0550  639 GLU B CD  
228 O OE1 . GLU A 30 ? 0.9946 0.7918 0.6905 0.0937  -0.0509 0.0525  639 GLU B OE1 
229 O OE2 . GLU A 30 ? 1.1678 0.8699 0.8448 0.0430  0.0090  0.0585  639 GLU B OE2 
230 N N   . LEU A 31 ? 0.6221 0.4218 0.5045 -0.0986 0.0335  0.0071  640 LEU B N   
231 C CA  . LEU A 31 ? 0.6372 0.4275 0.5359 -0.1344 0.0594  -0.0174 640 LEU B CA  
232 C C   . LEU A 31 ? 0.6041 0.4485 0.5383 -0.1320 0.0367  -0.0272 640 LEU B C   
233 O O   . LEU A 31 ? 0.5973 0.4112 0.5172 -0.1457 0.0538  -0.0436 640 LEU B O   
234 C CB  . LEU A 31 ? 0.5975 0.4307 0.5457 -0.1680 0.0715  -0.0364 640 LEU B CB  
235 C CG  . LEU A 31 ? 0.6804 0.4404 0.5864 -0.1782 0.1092  -0.0320 640 LEU B CG  
236 C CD1 . LEU A 31 ? 0.5601 0.3769 0.5166 -0.1982 0.1098  -0.0413 640 LEU B CD1 
237 C CD2 . LEU A 31 ? 0.6926 0.3722 0.5663 -0.2062 0.1598  -0.0503 640 LEU B CD2 
238 N N   . GLN A 32 ? 0.4518 0.3700 0.4280 -0.1129 0.0022  -0.0174 641 GLN B N   
239 C CA  . GLN A 32 ? 0.5117 0.4819 0.5183 -0.1034 -0.0173 -0.0231 641 GLN B CA  
240 C C   . GLN A 32 ? 0.6037 0.5240 0.5642 -0.0815 -0.0194 -0.0115 641 GLN B C   
241 O O   . GLN A 32 ? 0.6509 0.5783 0.6136 -0.0833 -0.0202 -0.0240 641 GLN B O   
242 C CB  . GLN A 32 ? 0.4309 0.4729 0.4831 -0.0827 -0.0426 -0.0098 641 GLN B CB  
243 C CG  . GLN A 32 ? 0.5914 0.6978 0.6908 -0.0965 -0.0408 -0.0236 641 GLN B CG  
244 C CD  . GLN A 32 ? 0.6606 0.8132 0.7917 -0.0736 -0.0533 -0.0054 641 GLN B CD  
245 O OE1 . GLN A 32 ? 0.6818 0.8713 0.8310 -0.0500 -0.0635 0.0020  641 GLN B OE1 
246 N NE2 . GLN A 32 ? 0.6984 0.8420 0.8327 -0.0794 -0.0473 0.0018  641 GLN B NE2 
247 N N   . ILE A 33 ? 0.5842 0.4588 0.5008 -0.0571 -0.0208 0.0102  642 ILE B N   
248 C CA  . ILE A 33 ? 0.6490 0.4767 0.5144 -0.0286 -0.0212 0.0234  642 ILE B CA  
249 C C   . ILE A 33 ? 0.7161 0.4586 0.5276 -0.0447 0.0163  0.0122  642 ILE B C   
250 O O   . ILE A 33 ? 0.7838 0.4980 0.5699 -0.0359 0.0214  0.0109  642 ILE B O   
251 C CB  . ILE A 33 ? 0.6264 0.4403 0.4570 0.0070  -0.0329 0.0441  642 ILE B CB  
252 C CG1 . ILE A 33 ? 0.5777 0.4742 0.4679 0.0200  -0.0654 0.0488  642 ILE B CG1 
253 C CG2 . ILE A 33 ? 0.6043 0.3574 0.3638 0.0417  -0.0248 0.0577  642 ILE B CG2 
254 C CD1 . ILE A 33 ? 0.5569 0.4633 0.4284 0.0509  -0.0808 0.0568  642 ILE B CD1 
255 N N   . SER A 34 ? 0.7079 0.4038 0.5011 -0.0693 0.0479  0.0032  643 SER B N   
256 C CA  . SER A 34 ? 0.8002 0.4063 0.5478 -0.0927 0.0960  -0.0122 643 SER B CA  
257 C C   . SER A 34 ? 0.7436 0.3900 0.5401 -0.1280 0.0976  -0.0476 643 SER B C   
258 O O   . SER A 34 ? 0.7558 0.3436 0.5171 -0.1338 0.1218  -0.0589 643 SER B O   
259 C CB  . SER A 34 ? 0.8416 0.3987 0.5743 -0.1179 0.1346  -0.0187 643 SER B CB  
260 O OG  . SER A 34 ? 1.0144 0.4978 0.6683 -0.0778 0.1482  0.0120  643 SER B OG  
261 N N   . ILE A 35 ? 0.6942 0.4425 0.5677 -0.1472 0.0721  -0.0661 644 ILE B N   
262 C CA  . ILE A 35 ? 0.7057 0.5151 0.6295 -0.1752 0.0684  -0.1057 644 ILE B CA  
263 C C   . ILE A 35 ? 0.6686 0.4913 0.5812 -0.1468 0.0450  -0.0990 644 ILE B C   
264 O O   . ILE A 35 ? 0.6211 0.4357 0.5326 -0.1648 0.0573  -0.1297 644 ILE B O   
265 C CB  . ILE A 35 ? 0.6187 0.5400 0.6171 -0.1862 0.0447  -0.1212 644 ILE B CB  
266 C CG1 . ILE A 35 ? 0.6309 0.5349 0.6415 -0.2223 0.0762  -0.1370 644 ILE B CG1 
267 C CG2 . ILE A 35 ? 0.6070 0.6144 0.6539 -0.1975 0.0300  -0.1609 644 ILE B CG2 
268 C CD1 . ILE A 35 ? 0.5589 0.5665 0.6342 -0.2267 0.0560  -0.1462 644 ILE B CD1 
269 N N   . VAL A 36 ? 0.5638 0.4051 0.4689 -0.1041 0.0146  -0.0619 645 VAL B N   
270 C CA  . VAL A 36 ? 0.5933 0.4406 0.4840 -0.0725 -0.0043 -0.0495 645 VAL B CA  
271 C C   . VAL A 36 ? 0.6877 0.4324 0.5069 -0.0687 0.0252  -0.0479 645 VAL B C   
272 O O   . VAL A 36 ? 0.8124 0.5500 0.6203 -0.0652 0.0257  -0.0604 645 VAL B O   
273 C CB  . VAL A 36 ? 0.6601 0.5400 0.5591 -0.0319 -0.0336 -0.0125 645 VAL B CB  
274 C CG1 . VAL A 36 ? 0.7024 0.5682 0.5744 0.0024  -0.0443 0.0039  645 VAL B CG1 
275 C CG2 . VAL A 36 ? 0.5279 0.5015 0.4938 -0.0312 -0.0559 -0.0138 645 VAL B CG2 
276 N N   . GLU A 37 ? 0.7122 0.3736 0.4764 -0.0647 0.0527  -0.0315 646 GLU B N   
277 C CA  . GLU A 37 ? 0.8917 0.4397 0.5731 -0.0530 0.0904  -0.0242 646 GLU B CA  
278 C C   . GLU A 37 ? 0.9092 0.4117 0.5895 -0.1006 0.1310  -0.0669 646 GLU B C   
279 O O   . GLU A 37 ? 0.8921 0.3379 0.5310 -0.0949 0.1493  -0.0728 646 GLU B O   
280 C CB  . GLU A 37 ? 1.1329 0.6011 0.7487 -0.0322 0.1165  0.0020  646 GLU B CB  
281 C CG  . GLU A 37 ? 1.2740 0.7670 0.8654 0.0256  0.0828  0.0395  646 GLU B CG  
282 C CD  . GLU A 37 ? 1.3590 0.8287 0.9077 0.0654  0.0765  0.0555  646 GLU B CD  
283 O OE1 . GLU A 37 ? 1.4313 0.8001 0.9101 0.0687  0.1186  0.0547  646 GLU B OE1 
284 O OE2 . GLU A 37 ? 1.3025 0.8505 0.8877 0.0925  0.0346  0.0680  646 GLU B OE2 
285 N N   . LEU A 38 ? 0.8201 0.3524 0.5502 -0.1488 0.1461  -0.1003 647 LEU B N   
286 C CA  . LEU A 38 ? 0.9121 0.4112 0.6542 -0.2030 0.1895  -0.1518 647 LEU B CA  
287 C C   . LEU A 38 ? 0.8442 0.4263 0.6348 -0.2135 0.1611  -0.1888 647 LEU B C   
288 O O   . LEU A 38 ? 0.9081 0.4605 0.6970 -0.2461 0.1921  -0.2299 647 LEU B O   
289 C CB  . LEU A 38 ? 0.8732 0.4107 0.6686 -0.2456 0.2085  -0.1770 647 LEU B CB  
290 C CG  . LEU A 38 ? 0.9377 0.3932 0.6816 -0.2351 0.2492  -0.1462 647 LEU B CG  
291 C CD1 . LEU A 38 ? 0.9084 0.4344 0.7138 -0.2604 0.2484  -0.1601 647 LEU B CD1 
292 C CD2 . LEU A 38 ? 1.0595 0.4212 0.7463 -0.2395 0.3112  -0.1487 647 LEU B CD2 
293 N N   . GLU A 39 ? 0.8253 0.5120 0.6561 -0.1798 0.1042  -0.1710 648 GLU B N   
294 C CA  . GLU A 39 ? 0.8143 0.5888 0.6854 -0.1767 0.0735  -0.2004 648 GLU B CA  
295 C C   . GLU A 39 ? 0.7168 0.4585 0.5403 -0.1323 0.0587  -0.1727 648 GLU B C   
296 O O   . GLU A 39 ? 0.7585 0.5562 0.6007 -0.1238 0.0377  -0.1946 648 GLU B O   
297 C CB  . GLU A 39 ? 0.6913 0.5975 0.6317 -0.1626 0.0290  -0.1988 648 GLU B CB  
298 C CG  . GLU A 39 ? 0.7030 0.6598 0.6968 -0.2052 0.0412  -0.2337 648 GLU B CG  
299 C CD  . GLU A 39 ? 0.7282 0.8142 0.7820 -0.1842 0.0010  -0.2337 648 GLU B CD  
300 O OE1 . GLU A 39 ? 0.7265 0.8754 0.8289 -0.2119 0.0054  -0.2640 648 GLU B OE1 
301 O OE2 . GLU A 39 ? 0.7792 0.9007 0.8290 -0.1374 -0.0306 -0.2022 648 GLU B OE2 
302 N N   . LYS A 40 ? 0.7533 0.4076 0.5130 -0.1006 0.0706  -0.1265 649 LYS B N   
303 C CA  . LYS A 40 ? 0.9059 0.5347 0.6219 -0.0527 0.0560  -0.0941 649 LYS B CA  
304 C C   . LYS A 40 ? 0.9841 0.5605 0.6654 -0.0642 0.0792  -0.1244 649 LYS B C   
305 O O   . LYS A 40 ? 1.0379 0.5641 0.7125 -0.1112 0.1197  -0.1670 649 LYS B O   
306 C CB  . LYS A 40 ? 0.9646 0.5128 0.6148 -0.0167 0.0694  -0.0469 649 LYS B CB  
307 C CG  . LYS A 40 ? 0.9686 0.5362 0.6004 0.0397  0.0397  -0.0080 649 LYS B CG  
308 N N   . SER B 1  ? 0.6170 0.5543 1.2075 0.0212  -0.0881 -0.4025 754 SER A N   
309 C CA  . SER B 1  ? 0.6745 0.6194 1.2814 0.0109  -0.0763 -0.3881 754 SER A CA  
310 C C   . SER B 1  ? 0.6525 0.5988 1.2380 0.0075  -0.0557 -0.3769 754 SER A C   
311 O O   . SER B 1  ? 0.7240 0.6758 1.2811 0.0136  -0.0507 -0.3775 754 SER A O   
312 C CB  . SER B 1  ? 0.6372 0.5829 1.2254 0.0122  -0.0948 -0.3921 754 SER A CB  
313 O OG  . SER B 1  ? 0.6242 0.5536 1.1642 0.0248  -0.1165 -0.4075 754 SER A OG  
314 N N   . ASP B 2  ? 0.6799 0.6285 1.2757 -0.0004 -0.0429 -0.3595 755 ASP A N   
315 C CA  . ASP B 2  ? 0.7158 0.6700 1.2859 0.0001  -0.0270 -0.3399 755 ASP A CA  
316 C C   . ASP B 2  ? 0.6406 0.6127 1.1731 -0.0022 -0.0287 -0.3357 755 ASP A C   
317 O O   . ASP B 2  ? 0.5599 0.5352 1.0851 -0.0082 -0.0233 -0.3220 755 ASP A O   
318 C CB  . ASP B 2  ? 0.7667 0.7022 1.3537 -0.0047 -0.0103 -0.3228 755 ASP A CB  
319 C CG  . ASP B 2  ? 0.8080 0.7404 1.3605 0.0006  -0.0011 -0.3045 755 ASP A CG  
320 O OD1 . ASP B 2  ? 0.7917 0.7044 1.3390 -0.0023 0.0119  -0.2887 755 ASP A OD1 
321 O OD2 . ASP B 2  ? 0.8420 0.7889 1.3751 0.0086  -0.0073 -0.3085 755 ASP A OD2 
322 N N   . ILE B 3  ? 0.6351 0.6135 1.1416 0.0021  -0.0321 -0.3477 756 ILE A N   
323 C CA  . ILE B 3  ? 0.6529 0.6385 1.1212 -0.0013 -0.0264 -0.3460 756 ILE A CA  
324 C C   . ILE B 3  ? 0.6031 0.6072 1.0731 -0.0043 -0.0129 -0.3334 756 ILE A C   
325 O O   . ILE B 3  ? 0.5112 0.5211 0.9633 -0.0110 -0.0077 -0.3254 756 ILE A O   
326 C CB  . ILE B 3  ? 0.6610 0.6360 1.0964 0.0046  -0.0241 -0.3628 756 ILE A CB  
327 C CG1 . ILE B 3  ? 0.8080 0.7544 1.2153 0.0098  -0.0436 -0.3744 756 ILE A CG1 
328 C CG2 . ILE B 3  ? 0.5952 0.5772 1.0017 0.0003  -0.0030 -0.3618 756 ILE A CG2 
329 C CD1 . ILE B 3  ? 0.9424 0.8607 1.3071 0.0206  -0.0447 -0.3923 756 ILE A CD1 
330 N N   . LEU B 4  ? 0.5741 0.5844 1.0651 0.0028  -0.0111 -0.3334 757 LEU A N   
331 C CA  . LEU B 4  ? 0.5985 0.6207 1.0936 0.0053  -0.0078 -0.3255 757 LEU A CA  
332 C C   . LEU B 4  ? 0.5789 0.5901 1.0654 0.0005  -0.0082 -0.3064 757 LEU A C   
333 O O   . LEU B 4  ? 0.4926 0.5148 0.9682 -0.0043 -0.0053 -0.3004 757 LEU A O   
334 C CB  . LEU B 4  ? 0.5764 0.5941 1.0886 0.0198  -0.0138 -0.3300 757 LEU A CB  
335 C CG  . LEU B 4  ? 0.6551 0.6848 1.1833 0.0270  -0.0133 -0.3500 757 LEU A CG  
336 C CD1 . LEU B 4  ? 0.6669 0.6949 1.2116 0.0447  -0.0241 -0.3559 757 LEU A CD1 
337 C CD2 . LEU B 4  ? 0.6940 0.7459 1.2217 0.0186  0.0010  -0.3636 757 LEU A CD2 
338 N N   . GLY B 5  ? 0.5752 0.5625 1.0695 0.0010  -0.0085 -0.2983 758 GLY A N   
339 C CA  . GLY B 5  ? 0.5289 0.4996 1.0177 -0.0039 -0.0027 -0.2812 758 GLY A CA  
340 C C   . GLY B 5  ? 0.5619 0.5472 1.0429 -0.0154 -0.0038 -0.2796 758 GLY A C   
341 O O   . GLY B 5  ? 0.5606 0.5428 1.0292 -0.0192 0.0005  -0.2662 758 GLY A O   
342 N N   . MET B 6  ? 0.5879 0.5817 1.0679 -0.0184 -0.0110 -0.2936 759 MET A N   
343 C CA  . MET B 6  ? 0.5559 0.5518 1.0163 -0.0250 -0.0156 -0.2941 759 MET A CA  
344 C C   . MET B 6  ? 0.5424 0.5509 0.9713 -0.0282 -0.0070 -0.2910 759 MET A C   
345 O O   . MET B 6  ? 0.4909 0.4994 0.9019 -0.0341 -0.0051 -0.2822 759 MET A O   
346 C CB  . MET B 6  ? 0.5588 0.5445 1.0139 -0.0213 -0.0303 -0.3125 759 MET A CB  
347 C CG  . MET B 6  ? 0.6066 0.5828 1.1080 -0.0190 -0.0409 -0.3222 759 MET A CG  
348 S SD  . MET B 6  ? 0.7104 0.6712 1.2035 -0.0085 -0.0655 -0.3498 759 MET A SD  
349 C CE  . MET B 6  ? 0.6575 0.6152 1.2275 -0.0091 -0.0734 -0.3611 759 MET A CE  
350 N N   . LEU B 7  ? 0.4865 0.5057 0.9147 -0.0249 0.0000  -0.3001 760 LEU A N   
351 C CA  . LEU B 7  ? 0.4956 0.5280 0.9102 -0.0300 0.0135  -0.3019 760 LEU A CA  
352 C C   . LEU B 7  ? 0.4987 0.5419 0.9254 -0.0307 0.0122  -0.2893 760 LEU A C   
353 O O   . LEU B 7  ? 0.4691 0.5181 0.8825 -0.0381 0.0192  -0.2850 760 LEU A O   
354 C CB  . LEU B 7  ? 0.4968 0.5404 0.9249 -0.0264 0.0242  -0.3191 760 LEU A CB  
355 C CG  . LEU B 7  ? 0.5763 0.5986 0.9719 -0.0258 0.0320  -0.3317 760 LEU A CG  
356 C CD1 . LEU B 7  ? 0.5443 0.5741 0.9579 -0.0213 0.0451  -0.3492 760 LEU A CD1 
357 C CD2 . LEU B 7  ? 0.5952 0.5992 0.9439 -0.0337 0.0476  -0.3299 760 LEU A CD2 
358 N N   . LYS B 8  ? 0.5070 0.5444 0.9512 -0.0214 0.0034  -0.2835 761 LYS A N   
359 C CA  . LYS B 8  ? 0.5122 0.5438 0.9530 -0.0167 -0.0012 -0.2710 761 LYS A CA  
360 C C   . LYS B 8  ? 0.5324 0.5547 0.9535 -0.0260 0.0025  -0.2550 761 LYS A C   
361 O O   . LYS B 8  ? 0.5406 0.5696 0.9511 -0.0291 0.0034  -0.2499 761 LYS A O   
362 C CB  . LYS B 8  ? 0.5436 0.5480 0.9857 -0.0026 -0.0078 -0.2649 761 LYS A CB  
363 C CG  . LYS B 8  ? 0.6748 0.6588 1.0973 0.0093  -0.0154 -0.2546 761 LYS A CG  
364 C CD  . LYS B 8  ? 0.8141 0.7504 1.2172 0.0255  -0.0167 -0.2458 761 LYS A CD  
365 C CE  . LYS B 8  ? 0.8041 0.7043 1.1690 0.0432  -0.0272 -0.2365 761 LYS A CE  
366 N NZ  . LYS B 8  ? 0.8771 0.7099 1.2027 0.0591  -0.0197 -0.2235 761 LYS A NZ  
367 N N   . SER B 9  ? 0.5069 0.5147 0.9295 -0.0298 0.0037  -0.2501 762 SER A N   
368 C CA  . SER B 9  ? 0.5645 0.5630 0.9779 -0.0370 0.0064  -0.2375 762 SER A CA  
369 C C   . SER B 9  ? 0.5736 0.5856 0.9651 -0.0454 0.0064  -0.2405 762 SER A C   
370 O O   . SER B 9  ? 0.5291 0.5399 0.9051 -0.0499 0.0091  -0.2296 762 SER A O   
371 C CB  . SER B 9  ? 0.6532 0.6379 1.0909 -0.0390 0.0063  -0.2397 762 SER A CB  
372 O OG  . SER B 9  ? 0.6866 0.6787 1.1210 -0.0434 -0.0035 -0.2503 762 SER A OG  
373 N N   . LEU B 10 ? 0.5803 0.5969 0.9630 -0.0461 0.0057  -0.2551 763 LEU A N   
374 C CA  . LEU B 10 ? 0.5629 0.5769 0.9103 -0.0521 0.0117  -0.2585 763 LEU A CA  
375 C C   . LEU B 10 ? 0.5589 0.5880 0.9050 -0.0576 0.0243  -0.2554 763 LEU A C   
376 O O   . LEU B 10 ? 0.5421 0.5669 0.8639 -0.0646 0.0305  -0.2493 763 LEU A O   
377 C CB  . LEU B 10 ? 0.6277 0.6300 0.9539 -0.0490 0.0146  -0.2751 763 LEU A CB  
378 C CG  . LEU B 10 ? 0.7803 0.7569 1.0495 -0.0516 0.0228  -0.2783 763 LEU A CG  
379 C CD1 . LEU B 10 ? 0.8559 0.7991 1.0917 -0.0407 0.0052  -0.2895 763 LEU A CD1 
380 C CD2 . LEU B 10 ? 0.8438 0.8202 1.0986 -0.0576 0.0515  -0.2865 763 LEU A CD2 
381 N N   . HIS B 11 ? 0.4508 0.4965 0.8264 -0.0531 0.0255  -0.2622 764 HIS A N   
382 C CA  . HIS B 11 ? 0.5298 0.5927 0.9200 -0.0555 0.0305  -0.2652 764 HIS A CA  
383 C C   . HIS B 11 ? 0.5645 0.6209 0.9452 -0.0542 0.0212  -0.2481 764 HIS A C   
384 O O   . HIS B 11 ? 0.4840 0.5475 0.8603 -0.0607 0.0262  -0.2473 764 HIS A O   
385 C CB  . HIS B 11 ? 0.5102 0.5903 0.9405 -0.0456 0.0248  -0.2806 764 HIS A CB  
386 C CG  . HIS B 11 ? 0.6175 0.7190 1.0781 -0.0460 0.0252  -0.2930 764 HIS A CG  
387 N ND1 . HIS B 11 ? 0.6093 0.7104 1.0825 -0.0323 0.0028  -0.2917 764 HIS A ND1 
388 C CD2 . HIS B 11 ? 0.6674 0.7864 1.1500 -0.0576 0.0457  -0.3096 764 HIS A CD2 
389 C CE1 . HIS B 11 ? 0.6246 0.7486 1.1346 -0.0344 0.0030  -0.3099 764 HIS A CE1 
390 N NE2 . HIS B 11 ? 0.6478 0.7856 1.1700 -0.0517 0.0322  -0.3211 764 HIS A NE2 
391 N N   . GLN B 12 ? 0.4336 0.4720 0.8104 -0.0462 0.0113  -0.2351 765 GLN A N   
392 C CA  . GLN B 12 ? 0.4795 0.5005 0.8390 -0.0435 0.0076  -0.2177 765 GLN A CA  
393 C C   . GLN B 12 ? 0.4844 0.5045 0.8234 -0.0557 0.0144  -0.2091 765 GLN A C   
394 O O   . GLN B 12 ? 0.5175 0.5339 0.8417 -0.0574 0.0143  -0.1999 765 GLN A O   
395 C CB  . GLN B 12 ? 0.4931 0.4835 0.8494 -0.0345 0.0070  -0.2060 765 GLN A CB  
396 C CG  . GLN B 12 ? 0.6313 0.6056 0.9895 -0.0172 -0.0017 -0.2102 765 GLN A CG  
397 C CD  . GLN B 12 ? 0.7606 0.6958 1.1127 -0.0103 0.0069  -0.2001 765 GLN A CD  
398 O OE1 . GLN B 12 ? 0.8444 0.7775 1.2117 -0.0207 0.0184  -0.1970 765 GLN A OE1 
399 N NE2 . GLN B 12 ? 0.7971 0.6962 1.1274 0.0086  0.0012  -0.1975 765 GLN A NE2 
400 N N   . LEU B 13 ? 0.4939 0.5132 0.8278 -0.0615 0.0172  -0.2137 766 LEU A N   
401 C CA  . LEU B 13 ? 0.5168 0.5289 0.8243 -0.0691 0.0193  -0.2086 766 LEU A CA  
402 C C   . LEU B 13 ? 0.5305 0.5493 0.8174 -0.0770 0.0302  -0.2131 766 LEU A C   
403 O O   . LEU B 13 ? 0.5049 0.5179 0.7703 -0.0823 0.0331  -0.2042 766 LEU A O   
404 C CB  . LEU B 13 ? 0.5227 0.5236 0.8236 -0.0675 0.0124  -0.2177 766 LEU A CB  
405 C CG  . LEU B 13 ? 0.5000 0.4943 0.8334 -0.0628 0.0032  -0.2172 766 LEU A CG  
406 C CD1 . LEU B 13 ? 0.4707 0.4560 0.8034 -0.0579 -0.0111 -0.2341 766 LEU A CD1 
407 C CD2 . LEU B 13 ? 0.4441 0.4313 0.7826 -0.0656 0.0044  -0.2042 766 LEU A CD2 
408 N N   . GLN B 14 ? 0.5023 0.5318 0.7998 -0.0783 0.0398  -0.2281 767 GLN A N   
409 C CA  . GLN B 14 ? 0.5313 0.5642 0.8198 -0.0882 0.0592  -0.2366 767 GLN A CA  
410 C C   . GLN B 14 ? 0.5294 0.5789 0.8402 -0.0904 0.0566  -0.2337 767 GLN A C   
411 O O   . GLN B 14 ? 0.5520 0.5980 0.8482 -0.1001 0.0689  -0.2326 767 GLN A O   
412 C CB  . GLN B 14 ? 0.5851 0.6263 0.8941 -0.0891 0.0747  -0.2564 767 GLN A CB  
413 C CG  . GLN B 14 ? 0.6483 0.6604 0.9156 -0.0878 0.0840  -0.2619 767 GLN A CG  
414 C CD  . GLN B 14 ? 0.7121 0.7314 1.0034 -0.0861 0.0975  -0.2801 767 GLN A CD  
415 O OE1 . GLN B 14 ? 0.7008 0.7512 1.0468 -0.0828 0.0912  -0.2880 767 GLN A OE1 
416 N NE2 . GLN B 14 ? 0.7680 0.7525 1.0130 -0.0856 0.1152  -0.2880 767 GLN A NE2 
417 N N   . VAL B 15 ? 0.5554 0.6160 0.8962 -0.0793 0.0391  -0.2335 768 VAL A N   
418 C CA  . VAL B 15 ? 0.5467 0.6139 0.9013 -0.0748 0.0278  -0.2328 768 VAL A CA  
419 C C   . VAL B 15 ? 0.5027 0.5510 0.8200 -0.0775 0.0255  -0.2117 768 VAL A C   
420 O O   . VAL B 15 ? 0.5462 0.5973 0.8591 -0.0836 0.0282  -0.2113 768 VAL A O   
421 C CB  . VAL B 15 ? 0.5239 0.5885 0.8975 -0.0557 0.0054  -0.2359 768 VAL A CB  
422 C CG1 . VAL B 15 ? 0.4351 0.4902 0.8032 -0.0450 -0.0131 -0.2330 768 VAL A CG1 
423 C CG2 . VAL B 15 ? 0.4263 0.5143 0.8461 -0.0517 0.0051  -0.2611 768 VAL A CG2 
424 N N   . GLU B 16 ? 0.5128 0.5422 0.8095 -0.0737 0.0221  -0.1963 769 GLU A N   
425 C CA  . GLU B 16 ? 0.4670 0.4781 0.7365 -0.0752 0.0216  -0.1779 769 GLU A CA  
426 C C   . GLU B 16 ? 0.5297 0.5413 0.7759 -0.0879 0.0318  -0.1770 769 GLU A C   
427 O O   . GLU B 16 ? 0.5083 0.5128 0.7364 -0.0908 0.0320  -0.1671 769 GLU A O   
428 C CB  . GLU B 16 ? 0.5260 0.5197 0.7951 -0.0708 0.0212  -0.1681 769 GLU A CB  
429 C CG  . GLU B 16 ? 0.6072 0.5822 0.8588 -0.0724 0.0244  -0.1518 769 GLU A CG  
430 C CD  . GLU B 16 ? 0.7387 0.6936 0.9713 -0.0647 0.0233  -0.1393 769 GLU A CD  
431 O OE1 . GLU B 16 ? 0.7647 0.7192 0.9969 -0.0554 0.0140  -0.1451 769 GLU A OE1 
432 O OE2 . GLU B 16 ? 0.7418 0.6773 0.9589 -0.0654 0.0300  -0.1254 769 GLU A OE2 
433 N N   . ASN B 17 ? 0.5188 0.5311 0.7575 -0.0935 0.0409  -0.1876 770 ASN A N   
434 C CA  . ASN B 17 ? 0.4755 0.4734 0.6765 -0.1026 0.0534  -0.1882 770 ASN A CA  
435 C C   . ASN B 17 ? 0.5384 0.5449 0.7446 -0.1125 0.0674  -0.1928 770 ASN A C   
436 O O   . ASN B 17 ? 0.6517 0.6444 0.8281 -0.1187 0.0734  -0.1849 770 ASN A O   
437 C CB  . ASN B 17 ? 0.5365 0.5198 0.7168 -0.1027 0.0628  -0.2008 770 ASN A CB  
438 C CG  . ASN B 17 ? 0.6161 0.5629 0.7349 -0.1046 0.0698  -0.1987 770 ASN A CG  
439 O OD1 . ASN B 17 ? 0.5631 0.4988 0.6620 -0.1020 0.0576  -0.1877 770 ASN A OD1 
440 N ND2 . ASN B 17 ? 0.6870 0.6079 0.7704 -0.1074 0.0909  -0.2100 770 ASN A ND2 
441 N N   . ARG B 18 ? 0.5538 0.5829 0.8033 -0.1133 0.0716  -0.2085 771 ARG A N   
442 C CA  . ARG B 18 ? 0.5509 0.5937 0.8265 -0.1224 0.0827  -0.2202 771 ARG A CA  
443 C C   . ARG B 18 ? 0.6020 0.6485 0.8825 -0.1158 0.0611  -0.2104 771 ARG A C   
444 O O   . ARG B 18 ? 0.6031 0.6508 0.8859 -0.1240 0.0673  -0.2132 771 ARG A O   
445 C CB  . ARG B 18 ? 0.4881 0.5575 0.8239 -0.1229 0.0894  -0.2460 771 ARG A CB  
446 C CG  . ARG B 18 ? 0.5708 0.6294 0.8987 -0.1327 0.1224  -0.2587 771 ARG A CG  
447 C CD  . ARG B 18 ? 0.6588 0.7464 1.0562 -0.1325 0.1306  -0.2861 771 ARG A CD  
448 N NE  . ARG B 18 ? 0.7483 0.8483 1.1621 -0.1158 0.1028  -0.2853 771 ARG A NE  
449 C CZ  . ARG B 18 ? 0.7719 0.8762 1.2026 -0.1131 0.1120  -0.2981 771 ARG A CZ  
450 N NH1 . ARG B 18 ? 0.8344 0.9285 1.2654 -0.1255 0.1505  -0.3127 771 ARG A NH1 
451 N NH2 . ARG B 18 ? 0.8433 0.9554 1.2863 -0.0975 0.0861  -0.2961 771 ARG A NH2 
452 N N   . ARG B 19 ? 0.6190 0.6608 0.8971 -0.1005 0.0383  -0.1995 772 ARG A N   
453 C CA  . ARG B 19 ? 0.6363 0.6655 0.9012 -0.0905 0.0200  -0.1879 772 ARG A CA  
454 C C   . ARG B 19 ? 0.6742 0.6850 0.8965 -0.0984 0.0281  -0.1688 772 ARG A C   
455 O O   . ARG B 19 ? 0.6049 0.6087 0.8160 -0.0981 0.0226  -0.1641 772 ARG A O   
456 C CB  . ARG B 19 ? 0.6262 0.6373 0.8830 -0.0717 0.0031  -0.1783 772 ARG A CB  
457 C CG  . ARG B 19 ? 0.6042 0.5835 0.8270 -0.0588 -0.0098 -0.1626 772 ARG A CG  
458 C CD  . ARG B 19 ? 0.6275 0.5731 0.8235 -0.0489 -0.0058 -0.1437 772 ARG A CD  
459 N NE  . ARG B 19 ? 0.8244 0.7371 0.9808 -0.0461 -0.0011 -0.1238 772 ARG A NE  
460 C CZ  . ARG B 19 ? 0.9177 0.8284 1.0661 -0.0576 0.0146  -0.1112 772 ARG A CZ  
461 N NH1 . ARG B 19 ? 0.8372 0.7716 1.0076 -0.0700 0.0226  -0.1167 772 ARG A NH1 
462 N NH2 . ARG B 19 ? 1.0705 0.9508 1.1870 -0.0542 0.0204  -0.0948 772 ARG A NH2 
463 N N   . LEU B 20 ? 0.7122 0.7134 0.9117 -0.1035 0.0381  -0.1605 773 LEU A N   
464 C CA  . LEU B 20 ? 0.6272 0.6101 0.7894 -0.1079 0.0418  -0.1454 773 LEU A CA  
465 C C   . LEU B 20 ? 0.6469 0.6264 0.7898 -0.1211 0.0569  -0.1504 773 LEU A C   
466 O O   . LEU B 20 ? 0.5577 0.5257 0.6770 -0.1237 0.0564  -0.1398 773 LEU A O   
467 C CB  . LEU B 20 ? 0.4993 0.4711 0.6491 -0.1055 0.0408  -0.1413 773 LEU A CB  
468 C CG  . LEU B 20 ? 0.5506 0.5155 0.7164 -0.0956 0.0326  -0.1315 773 LEU A CG  
469 C CD1 . LEU B 20 ? 0.4499 0.4119 0.6246 -0.0933 0.0287  -0.1375 773 LEU A CD1 
470 C CD2 . LEU B 20 ? 0.4496 0.3979 0.5993 -0.0936 0.0330  -0.1152 773 LEU A CD2 
471 N N   . GLU B 21 ? 0.5667 0.5505 0.7164 -0.1295 0.0742  -0.1662 774 GLU A N   
472 C CA  . GLU B 21 ? 0.6956 0.6658 0.8241 -0.1435 0.0984  -0.1723 774 GLU A CA  
473 C C   . GLU B 21 ? 0.6697 0.6577 0.8329 -0.1490 0.0971  -0.1787 774 GLU A C   
474 O O   . GLU B 21 ? 0.6141 0.5879 0.7564 -0.1588 0.1102  -0.1765 774 GLU A O   
475 C CB  . GLU B 21 ? 0.8804 0.8432 1.0099 -0.1512 0.1254  -0.1895 774 GLU A CB  
476 C CG  . GLU B 21 ? 1.1042 1.0296 1.1873 -0.1646 0.1602  -0.1928 774 GLU A CG  
477 C CD  . GLU B 21 ? 1.2945 1.1762 1.2978 -0.1585 0.1537  -0.1752 774 GLU A CD  
478 O OE1 . GLU B 21 ? 1.4125 1.2624 1.3673 -0.1484 0.1494  -0.1740 774 GLU A OE1 
479 O OE2 . GLU B 21 ? 1.3141 1.1906 1.3027 -0.1618 0.1501  -0.1650 774 GLU A OE2 
480 N N   . GLU B 22 ? 0.6195 0.6334 0.8327 -0.1400 0.0779  -0.1884 775 GLU A N   
481 C CA  . GLU B 22 ? 0.6088 0.6363 0.8563 -0.1379 0.0639  -0.1984 775 GLU A CA  
482 C C   . GLU B 22 ? 0.6679 0.6748 0.8736 -0.1296 0.0462  -0.1763 775 GLU A C   
483 O O   . GLU B 22 ? 0.6907 0.6958 0.8991 -0.1334 0.0434  -0.1796 775 GLU A O   
484 C CB  . GLU B 22 ? 0.6890 0.7390 0.9899 -0.1232 0.0404  -0.2165 775 GLU A CB  
485 C CG  . GLU B 22 ? 0.8358 0.8956 1.1742 -0.1140 0.0150  -0.2333 775 GLU A CG  
486 C CD  . GLU B 22 ? 0.9499 1.0351 1.3528 -0.1316 0.0341  -0.2640 775 GLU A CD  
487 O OE1 . GLU B 22 ? 0.9492 1.0420 1.3867 -0.1265 0.0133  -0.2807 775 GLU A OE1 
488 O OE2 . GLU B 22 ? 0.9823 1.0746 1.4014 -0.1497 0.0712  -0.2731 775 GLU A OE2 
489 N N   . GLN B 23 ? 0.6738 0.6640 0.8455 -0.1187 0.0367  -0.1557 776 GLN A N   
490 C CA  . GLN B 23 ? 0.6306 0.5966 0.7631 -0.1116 0.0274  -0.1347 776 GLN A CA  
491 C C   . GLN B 23 ? 0.5673 0.5215 0.6658 -0.1250 0.0432  -0.1258 776 GLN A C   
492 O O   . GLN B 23 ? 0.5355 0.4778 0.6153 -0.1251 0.0391  -0.1185 776 GLN A O   
493 C CB  . GLN B 23 ? 0.6956 0.6451 0.8117 -0.0996 0.0226  -0.1184 776 GLN A CB  
494 C CG  . GLN B 23 ? 0.8857 0.8048 0.9660 -0.0913 0.0194  -0.0979 776 GLN A CG  
495 C CD  . GLN B 23 ? 1.1355 1.0344 1.2033 -0.0758 0.0020  -0.0980 776 GLN A CD  
496 O OE1 . GLN B 23 ? 1.2049 1.1089 1.2930 -0.0652 -0.0132 -0.1125 776 GLN A OE1 
497 N NE2 . GLN B 23 ? 1.2099 1.0809 1.2404 -0.0714 0.0015  -0.0836 776 GLN A NE2 
498 N N   . ILE B 24 ? 0.5849 0.5354 0.6686 -0.1334 0.0591  -0.1272 777 ILE A N   
499 C CA  . ILE B 24 ? 0.6758 0.6040 0.7155 -0.1425 0.0731  -0.1207 777 ILE A CA  
500 C C   . ILE B 24 ? 0.7392 0.6676 0.7850 -0.1555 0.0871  -0.1302 777 ILE A C   
501 O O   . ILE B 24 ? 0.7029 0.6143 0.7183 -0.1589 0.0891  -0.1207 777 ILE A O   
502 C CB  . ILE B 24 ? 0.5961 0.5084 0.6097 -0.1447 0.0856  -0.1260 777 ILE A CB  
503 C CG1 . ILE B 24 ? 0.6795 0.5888 0.6893 -0.1315 0.0676  -0.1183 777 ILE A CG1 
504 C CG2 . ILE B 24 ? 0.6005 0.4765 0.5569 -0.1522 0.1030  -0.1236 777 ILE A CG2 
505 C CD1 . ILE B 24 ? 0.7836 0.6757 0.7703 -0.1282 0.0707  -0.1275 777 ILE A CD1 
506 N N   . LYS B 25 ? 0.6943 0.6434 0.7873 -0.1628 0.0974  -0.1515 778 LYS A N   
507 C CA  . LYS B 25 ? 0.6907 0.6457 0.8128 -0.1768 0.1135  -0.1682 778 LYS A CA  
508 C C   . LYS B 25 ? 0.6398 0.6009 0.7735 -0.1699 0.0884  -0.1652 778 LYS A C   
509 O O   . LYS B 25 ? 0.6916 0.6407 0.8141 -0.1801 0.0988  -0.1656 778 LYS A O   
510 C CB  . LYS B 25 ? 0.6358 0.6190 0.8276 -0.1831 0.1254  -0.1969 778 LYS A CB  
511 C CG  . LYS B 25 ? 0.6982 0.6738 0.9118 -0.2052 0.1674  -0.2170 778 LYS A CG  
512 N N   . ASN B 26 ? 0.6384 0.6091 0.7863 -0.1511 0.0564  -0.1620 779 ASN A N   
513 C CA  . ASN B 26 ? 0.6452 0.6086 0.7905 -0.1397 0.0304  -0.1602 779 ASN A CA  
514 C C   . ASN B 26 ? 0.6059 0.5394 0.6874 -0.1384 0.0324  -0.1328 779 ASN A C   
515 O O   . ASN B 26 ? 0.6683 0.5914 0.7387 -0.1415 0.0294  -0.1323 779 ASN A O   
516 C CB  . ASN B 26 ? 0.6715 0.6339 0.8276 -0.1153 -0.0025 -0.1626 779 ASN A CB  
517 C CG  . ASN B 26 ? 0.8345 0.8272 1.0576 -0.1131 -0.0098 -0.1922 779 ASN A CG  
518 O OD1 . ASN B 26 ? 0.9228 0.9407 1.1971 -0.1308 0.0100  -0.2150 779 ASN A OD1 
519 N ND2 . ASN B 26 ? 0.8550 0.8410 1.0778 -0.0909 -0.0351 -0.1930 779 ASN A ND2 
520 N N   . LEU B 27 ? 0.5825 0.5029 0.6286 -0.1340 0.0371  -0.1129 780 LEU A N   
521 C CA  . LEU B 27 ? 0.6496 0.5442 0.6462 -0.1317 0.0389  -0.0906 780 LEU A CA  
522 C C   . LEU B 27 ? 0.6729 0.5579 0.6459 -0.1477 0.0572  -0.0910 780 LEU A C   
523 O O   . LEU B 27 ? 0.6568 0.5240 0.6007 -0.1474 0.0547  -0.0805 780 LEU A O   
524 C CB  . LEU B 27 ? 0.5048 0.3923 0.4869 -0.1252 0.0413  -0.0770 780 LEU A CB  
525 C CG  . LEU B 27 ? 0.5704 0.4523 0.5628 -0.1089 0.0297  -0.0710 780 LEU A CG  
526 C CD1 . LEU B 27 ? 0.5793 0.4619 0.5785 -0.1067 0.0361  -0.0656 780 LEU A CD1 
527 C CD2 . LEU B 27 ? 0.5206 0.3720 0.4816 -0.0974 0.0234  -0.0561 780 LEU A CD2 
528 N N   . THR B 28 ? 0.5756 0.4641 0.5541 -0.1605 0.0781  -0.1028 781 THR A N   
529 C CA  . THR B 28 ? 0.6338 0.4987 0.5776 -0.1748 0.1019  -0.1037 781 THR A CA  
530 C C   . THR B 28 ? 0.6717 0.5406 0.6384 -0.1847 0.1055  -0.1140 781 THR A C   
531 O O   . THR B 28 ? 0.6599 0.5049 0.5890 -0.1896 0.1123  -0.1052 781 THR A O   
532 C CB  . THR B 28 ? 0.6562 0.5118 0.5955 -0.1850 0.1295  -0.1166 781 THR A CB  
533 O OG1 . THR B 28 ? 0.7843 0.6313 0.6973 -0.1734 0.1204  -0.1085 781 THR A OG1 
534 C CG2 . THR B 28 ? 0.6183 0.4327 0.5079 -0.1984 0.1605  -0.1172 781 THR A CG2 
535 N N   . ALA B 29 ? 0.6604 0.5590 0.6926 -0.1859 0.0981  -0.1355 782 ALA A N   
536 C CA  . ALA B 29 ? 0.6539 0.5608 0.7240 -0.1922 0.0936  -0.1523 782 ALA A CA  
537 C C   . ALA B 29 ? 0.6468 0.5402 0.6858 -0.1765 0.0630  -0.1363 782 ALA A C   
538 O O   . ALA B 29 ? 0.6982 0.5801 0.7306 -0.1826 0.0637  -0.1385 782 ALA A O   
539 C CB  . ALA B 29 ? 0.6109 0.5537 0.7659 -0.1913 0.0832  -0.1838 782 ALA A CB  
540 N N   . LYS B 30 ? 0.5935 0.4823 0.6108 -0.1564 0.0398  -0.1204 783 LYS A N   
541 C CA  . LYS B 30 ? 0.6687 0.5326 0.6455 -0.1402 0.0181  -0.1033 783 LYS A CA  
542 C C   . LYS B 30 ? 0.7384 0.5784 0.6625 -0.1484 0.0347  -0.0832 783 LYS A C   
543 O O   . LYS B 30 ? 0.7966 0.6202 0.7012 -0.1477 0.0282  -0.0800 783 LYS A O   
544 C CB  . LYS B 30 ? 0.7203 0.5720 0.6774 -0.1191 0.0028  -0.0886 783 LYS A CB  
545 C CG  . LYS B 30 ? 0.7630 0.5763 0.6702 -0.1010 -0.0118 -0.0704 783 LYS A CG  
546 C CD  . LYS B 30 ? 0.8444 0.6347 0.7325 -0.0797 -0.0204 -0.0595 783 LYS A CD  
547 C CE  . LYS B 30 ? 0.8971 0.6349 0.7272 -0.0590 -0.0312 -0.0442 783 LYS A CE  
548 N NZ  . LYS B 30 ? 0.9628 0.6633 0.7644 -0.0383 -0.0305 -0.0328 783 LYS A NZ  
549 N N   . LYS B 31 ? 0.6754 0.5110 0.5761 -0.1539 0.0525  -0.0722 784 LYS A N   
550 C CA  . LYS B 31 ? 0.6351 0.4449 0.4841 -0.1579 0.0641  -0.0561 784 LYS A CA  
551 C C   . LYS B 31 ? 0.7223 0.5193 0.5599 -0.1741 0.0805  -0.0640 784 LYS A C   
552 O O   . LYS B 31 ? 0.8142 0.5900 0.6173 -0.1732 0.0783  -0.0531 784 LYS A O   
553 C CB  . LYS B 31 ? 0.6776 0.4822 0.5078 -0.1580 0.0743  -0.0518 784 LYS A CB  
554 C CG  . LYS B 31 ? 0.7539 0.5285 0.5310 -0.1547 0.0765  -0.0378 784 LYS A CG  
555 C CD  . LYS B 31 ? 0.7466 0.5101 0.5036 -0.1498 0.0779  -0.0396 784 LYS A CD  
556 C CE  . LYS B 31 ? 0.7990 0.5412 0.5283 -0.1613 0.1000  -0.0513 784 LYS A CE  
557 N NZ  . LYS B 31 ? 0.8978 0.6202 0.5982 -0.1516 0.0967  -0.0555 784 LYS A NZ  
558 N N   . GLU B 32 ? 0.7071 0.5138 0.5754 -0.1897 0.1008  -0.0839 785 GLU A N   
559 C CA  . GLU B 32 ? 0.7754 0.5631 0.6356 -0.2081 0.1270  -0.0934 785 GLU A CA  
560 C C   . GLU B 32 ? 0.7689 0.5659 0.6618 -0.2098 0.1123  -0.1034 785 GLU A C   
561 O O   . GLU B 32 ? 0.7335 0.5075 0.6028 -0.2197 0.1253  -0.1021 785 GLU A O   
562 C CB  . GLU B 32 ? 0.7640 0.5555 0.6569 -0.2253 0.1604  -0.1150 785 GLU A CB  
563 C CG  . GLU B 32 ? 0.7910 0.5544 0.6296 -0.2231 0.1785  -0.1058 785 GLU A CG  
564 C CD  . GLU B 32 ? 0.8249 0.5840 0.6891 -0.2385 0.2160  -0.1266 785 GLU A CD  
565 O OE1 . GLU B 32 ? 0.8967 0.6781 0.8309 -0.2538 0.2318  -0.1500 785 GLU A OE1 
566 O OE2 . GLU B 32 ? 0.8781 0.6090 0.6949 -0.2342 0.2295  -0.1220 785 GLU A OE2 
567 N N   . ARG B 33 ? 0.6860 0.5112 0.6286 -0.1975 0.0827  -0.1149 786 ARG A N   
568 C CA  . ARG B 33 ? 0.7122 0.5413 0.6828 -0.1918 0.0578  -0.1280 786 ARG A CA  
569 C C   . ARG B 33 ? 0.7618 0.5588 0.6640 -0.1802 0.0449  -0.1017 786 ARG A C   
570 O O   . ARG B 33 ? 0.7596 0.5415 0.6524 -0.1865 0.0459  -0.1047 786 ARG A O   
571 C CB  . ARG B 33 ? 0.6762 0.5284 0.6947 -0.1727 0.0221  -0.1443 786 ARG A CB  
572 C CG  . ARG B 33 ? 0.6854 0.5410 0.7439 -0.1624 -0.0117 -0.1689 786 ARG A CG  
573 C CD  . ARG B 33 ? 0.8631 0.7411 0.9995 -0.1865 0.0071  -0.2040 786 ARG A CD  
574 N NE  . ARG B 33 ? 0.9070 0.7866 1.0850 -0.1746 -0.0317 -0.2307 786 ARG A NE  
575 C CZ  . ARG B 33 ? 1.0506 0.9309 1.2662 -0.1916 -0.0213 -0.2508 786 ARG A CZ  
576 N NH1 . ARG B 33 ? 1.0987 0.9721 1.3081 -0.2220 0.0319  -0.2449 786 ARG A NH1 
577 N NH2 . ARG B 33 ? 1.0341 0.9149 1.2896 -0.1766 -0.0647 -0.2784 786 ARG A NH2 
578 N N   . LEU B 34 ? 0.7404 0.5261 0.5994 -0.1643 0.0366  -0.0774 787 LEU A N   
579 C CA  . LEU B 34 ? 0.7486 0.5033 0.5476 -0.1527 0.0296  -0.0525 787 LEU A CA  
580 C C   . LEU B 34 ? 0.7882 0.5227 0.5471 -0.1665 0.0522  -0.0423 787 LEU A C   
581 O O   . LEU B 34 ? 0.7769 0.4879 0.4998 -0.1623 0.0469  -0.0314 787 LEU A O   
582 C CB  . LEU B 34 ? 0.6631 0.4113 0.4396 -0.1365 0.0257  -0.0329 787 LEU A CB  
583 C CG  . LEU B 34 ? 0.7389 0.4817 0.5228 -0.1155 0.0038  -0.0335 787 LEU A CG  
584 C CD1 . LEU B 34 ? 0.6672 0.4069 0.4424 -0.1071 0.0128  -0.0180 787 LEU A CD1 
585 C CD2 . LEU B 34 ? 0.6971 0.4022 0.4412 -0.0981 -0.0150 -0.0267 787 LEU A CD2 
586 N N   . GLN B 35 ? 0.7304 0.4664 0.4863 -0.1803 0.0768  -0.0458 788 GLN A N   
587 C CA  . GLN B 35 ? 0.7573 0.4610 0.4619 -0.1904 0.0981  -0.0377 788 GLN A CA  
588 C C   . GLN B 35 ? 0.8206 0.5136 0.5343 -0.2057 0.1095  -0.0503 788 GLN A C   
589 O O   . GLN B 35 ? 0.8002 0.4635 0.4682 -0.2068 0.1134  -0.0394 788 GLN A O   
590 C CB  . GLN B 35 ? 0.8013 0.4938 0.4887 -0.1983 0.1221  -0.0418 788 GLN A CB  
591 C CG  . GLN B 35 ? 0.7974 0.4966 0.4751 -0.1832 0.1095  -0.0323 788 GLN A CG  
592 C CD  . GLN B 35 ? 0.8467 0.5291 0.5034 -0.1879 0.1290  -0.0398 788 GLN A CD  
593 O OE1 . GLN B 35 ? 0.8287 0.5027 0.4939 -0.2039 0.1564  -0.0543 788 GLN A OE1 
594 N NE2 . GLN B 35 ? 0.8185 0.4912 0.4482 -0.1729 0.1160  -0.0322 788 GLN A NE2 
595 N N   . LEU B 36 ? 0.7078 0.4255 0.4873 -0.2175 0.1152  -0.0759 789 LEU A N   
596 C CA  . LEU B 36 ? 0.7736 0.4857 0.5822 -0.2347 0.1289  -0.0951 789 LEU A CA  
597 C C   . LEU B 36 ? 0.8026 0.5134 0.6108 -0.2219 0.0952  -0.0930 789 LEU A C   
598 O O   . LEU B 36 ? 0.7972 0.4840 0.5827 -0.2299 0.1028  -0.0918 789 LEU A O   
599 C CB  . LEU B 36 ? 0.7975 0.5417 0.6957 -0.2494 0.1421  -0.1292 789 LEU A CB  
600 C CG  . LEU B 36 ? 0.7155 0.4618 0.6704 -0.2673 0.1532  -0.1571 789 LEU A CG  
601 C CD1 . LEU B 36 ? 0.7597 0.4573 0.6550 -0.2852 0.1952  -0.1464 789 LEU A CD1 
602 C CD2 . LEU B 36 ? 0.7094 0.4900 0.7658 -0.2823 0.1702  -0.1948 789 LEU A CD2 
603 N N   . LEU B 37 ? 0.7667 0.4950 0.5908 -0.2005 0.0588  -0.0922 790 LEU A N   
604 C CA  . LEU B 37 ? 0.7869 0.5034 0.6026 -0.1832 0.0238  -0.0930 790 LEU A CA  
605 C C   . LEU B 37 ? 0.7950 0.4745 0.5312 -0.1756 0.0257  -0.0628 790 LEU A C   
606 O O   . LEU B 37 ? 0.7752 0.4350 0.4955 -0.1733 0.0144  -0.0647 790 LEU A O   
607 C CB  . LEU B 37 ? 0.7811 0.5064 0.6102 -0.1577 -0.0121 -0.0964 790 LEU A CB  
608 C CG  . LEU B 37 ? 0.7848 0.5453 0.7009 -0.1598 -0.0265 -0.1334 790 LEU A CG  
609 C CD1 . LEU B 37 ? 0.7151 0.4743 0.6281 -0.1314 -0.0611 -0.1336 790 LEU A CD1 
610 C CD2 . LEU B 37 ? 0.8549 0.6191 0.8218 -0.1649 -0.0431 -0.1651 790 LEU A CD2 
611 N N   . ASN B 38 ? 0.7942 0.4652 0.4869 -0.1712 0.0389  -0.0384 791 ASN A N   
612 C CA  . ASN B 38 ? 0.7826 0.4220 0.4102 -0.1642 0.0427  -0.0131 791 ASN A CA  
613 C C   . ASN B 38 ? 0.8441 0.4611 0.4446 -0.1807 0.0624  -0.0134 791 ASN A C   
614 O O   . ASN B 38 ? 0.8894 0.4802 0.4493 -0.1748 0.0566  -0.0016 791 ASN A O   
615 C CB  . ASN B 38 ? 0.8373 0.4770 0.4425 -0.1576 0.0519  0.0044  791 ASN A CB  
616 C CG  . ASN B 38 ? 0.9077 0.5501 0.5161 -0.1372 0.0368  0.0146  791 ASN A CG  
617 O OD1 . ASN B 38 ? 0.9029 0.5396 0.5179 -0.1254 0.0185  0.0100  791 ASN A OD1 
618 N ND2 . ASN B 38 ? 0.8570 0.5016 0.4590 -0.1315 0.0445  0.0263  791 ASN A ND2 
619 N N   . ALA B 39 ? 0.7764 0.3963 0.3920 -0.2005 0.0894  -0.0258 792 ALA A N   
620 C CA  . ALA B 39 ? 0.8535 0.4414 0.4378 -0.2172 0.1154  -0.0276 792 ALA A CA  
621 C C   . ALA B 39 ? 0.9494 0.5393 0.5711 -0.2268 0.1096  -0.0463 792 ALA A C   
622 O O   . ALA B 39 ? 0.9597 0.5193 0.5437 -0.2302 0.1141  -0.0398 792 ALA A O   
623 C CB  . ALA B 39 ? 0.8078 0.3864 0.3934 -0.2345 0.1512  -0.0376 792 ALA A CB  
624 N N   . GLN B 40 ? 0.8543 0.4793 0.5533 -0.2292 0.0961  -0.0721 793 GLN A N   
625 C CA  . GLN B 40 ? 0.7748 0.4077 0.5295 -0.2366 0.0845  -0.0994 793 GLN A CA  
626 C C   . GLN B 40 ? 0.7839 0.3970 0.4984 -0.2158 0.0486  -0.0873 793 GLN A C   
627 O O   . GLN B 40 ? 0.8304 0.4293 0.5534 -0.2223 0.0449  -0.0995 793 GLN A O   
628 C CB  . GLN B 40 ? 0.7561 0.4323 0.6046 -0.2357 0.0669  -0.1320 793 GLN A CB  
629 C CG  . GLN B 40 ? 0.8952 0.5857 0.8202 -0.2650 0.1035  -0.1646 793 GLN A CG  
630 C CD  . GLN B 40 ? 0.7407 0.4733 0.7481 -0.2676 0.1032  -0.1903 793 GLN A CD  
631 O OE1 . GLN B 40 ? 0.7900 0.5338 0.8587 -0.2906 0.1413  -0.2141 793 GLN A OE1 
632 N NE2 . GLN B 40 ? 0.7509 0.5042 0.7612 -0.2423 0.0625  -0.1861 793 GLN A NE2 
633 N N   . LEU B 41 ? 0.7878 0.3946 0.4570 -0.1909 0.0261  -0.0638 794 LEU A N   
634 C CA  . LEU B 41 ? 0.8631 0.4407 0.4833 -0.1679 -0.0033 -0.0501 794 LEU A CA  
635 C C   . LEU B 41 ? 0.9708 0.5136 0.5164 -0.1680 0.0135  -0.0217 794 LEU A C   
636 O O   . LEU B 41 ? 1.0304 0.5433 0.5310 -0.1517 -0.0036 -0.0096 794 LEU A O   
637 C CB  . LEU B 41 ? 0.9112 0.4866 0.5145 -0.1405 -0.0281 -0.0391 794 LEU A CB  
638 C CG  . LEU B 41 ? 0.9555 0.5509 0.6177 -0.1300 -0.0596 -0.0688 794 LEU A CG  
639 C CD1 . LEU B 41 ? 0.9063 0.4974 0.5486 -0.1078 -0.0709 -0.0559 794 LEU A CD1 
640 C CD2 . LEU B 41 ? 1.0859 0.6557 0.7446 -0.1141 -0.0974 -0.0871 794 LEU A CD2 
641 N N   . SER B 42 ? 1.0079 0.5485 0.5364 -0.1842 0.0459  -0.0126 795 SER A N   
642 C CA  . SER B 42 ? 1.1483 0.6554 0.6078 -0.1813 0.0583  0.0114  795 SER A CA  
643 C C   . SER B 42 ? 1.2593 0.7391 0.7009 -0.1976 0.0731  0.0049  795 SER A C   
644 O O   . SER B 42 ? 1.3301 0.7980 0.7382 -0.1842 0.0709  0.0147  795 SER A O   
645 C CB  . SER B 42 ? 1.2470 0.7670 0.7007 -0.1777 0.0741  0.0185  795 SER A CB  
646 O OG  . SER B 42 ? 1.3779 0.9193 0.8480 -0.1640 0.0627  0.0256  795 SER A OG  
647 N N   . VAL B 43 ? 1.2878 0.7799 0.7848 -0.2181 0.0847  -0.0222 796 VAL A N   
648 C CA  . VAL B 43 ? 1.3118 0.7772 0.8046 -0.2362 0.1023  -0.0331 796 VAL A CA  
649 C C   . VAL B 43 ? 1.3682 0.8398 0.8967 -0.2286 0.0684  -0.0506 796 VAL A C   
650 O O   . VAL B 43 ? 1.4237 0.9196 0.9879 -0.2120 0.0345  -0.0607 796 VAL A O   
651 C CB  . VAL B 43 ? 1.2605 0.7269 0.7971 -0.2656 0.1443  -0.0559 796 VAL A CB  
652 C CG1 . VAL B 43 ? 1.0907 0.5596 0.6000 -0.2628 0.1667  -0.0437 796 VAL A CG1 
653 C CG2 . VAL B 43 ? 1.2640 0.7734 0.9087 -0.2747 0.1323  -0.0933 796 VAL A CG2 
# 
loop_
_pdbx_poly_seq_scheme.asym_id 
_pdbx_poly_seq_scheme.entity_id 
_pdbx_poly_seq_scheme.seq_id 
_pdbx_poly_seq_scheme.mon_id 
_pdbx_poly_seq_scheme.ndb_seq_num 
_pdbx_poly_seq_scheme.pdb_seq_num 
_pdbx_poly_seq_scheme.auth_seq_num 
_pdbx_poly_seq_scheme.pdb_mon_id 
_pdbx_poly_seq_scheme.auth_mon_id 
_pdbx_poly_seq_scheme.pdb_strand_id 
_pdbx_poly_seq_scheme.pdb_ins_code 
_pdbx_poly_seq_scheme.hetero 
A 1 1  ASP 1  610 610 ASP ASP B . n 
A 1 2  TRP 2  611 611 TRP TRP B . n 
A 1 3  ALA 3  612 612 ALA ALA B . n 
A 1 4  THR 4  613 613 THR THR B . n 
A 1 5  LEU 5  614 614 LEU LEU B . n 
A 1 6  SER 6  615 615 SER SER B . n 
A 1 7  LEU 7  616 616 LEU LEU B . n 
A 1 8  GLU 8  617 617 GLU GLU B . n 
A 1 9  LYS 9  618 618 LYS LYS B . n 
A 1 10 LEU 10 619 619 LEU LEU B . n 
A 1 11 LEU 11 620 620 LEU LEU B . n 
A 1 12 LYS 12 621 621 LYS LYS B . n 
A 1 13 GLU 13 622 622 GLU GLU B . n 
A 1 14 LYS 14 623 623 LYS LYS B . n 
A 1 15 GLN 15 624 624 GLN GLN B . n 
A 1 16 ALA 16 625 625 ALA ALA B . n 
A 1 17 LEU 17 626 626 LEU LEU B . n 
A 1 18 LYS 18 627 627 LYS LYS B . n 
A 1 19 SER 19 628 628 SER SER B . n 
A 1 20 GLN 20 629 629 GLN GLN B . n 
A 1 21 ILE 21 630 630 ILE ILE B . n 
A 1 22 SER 22 631 631 SER SER B . n 
A 1 23 GLU 23 632 632 GLU GLU B . n 
A 1 24 LYS 24 633 633 LYS LYS B . n 
A 1 25 GLN 25 634 634 GLN GLN B . n 
A 1 26 ARG 26 635 635 ARG ARG B . n 
A 1 27 HIS 27 636 636 HIS HIS B . n 
A 1 28 CYS 28 637 637 CYS CYS B . n 
A 1 29 LEU 29 638 638 LEU LEU B . n 
A 1 30 GLU 30 639 639 GLU GLU B . n 
A 1 31 LEU 31 640 640 LEU LEU B . n 
A 1 32 GLN 32 641 641 GLN GLN B . n 
A 1 33 ILE 33 642 642 ILE ILE B . n 
A 1 34 SER 34 643 643 SER SER B . n 
A 1 35 ILE 35 644 644 ILE ILE B . n 
A 1 36 VAL 36 645 645 VAL VAL B . n 
A 1 37 GLU 37 646 646 GLU GLU B . n 
A 1 38 LEU 38 647 647 LEU LEU B . n 
A 1 39 GLU 39 648 648 GLU GLU B . n 
A 1 40 LYS 40 649 649 LYS LYS B . n 
B 2 1  SER 1  754 754 SER SER A . n 
B 2 2  ASP 2  755 755 ASP ASP A . n 
B 2 3  ILE 3  756 756 ILE ILE A . n 
B 2 4  LEU 4  757 757 LEU LEU A . n 
B 2 5  GLY 5  758 758 GLY GLY A . n 
B 2 6  MET 6  759 759 MET MET A . n 
B 2 7  LEU 7  760 760 LEU LEU A . n 
B 2 8  LYS 8  761 761 LYS LYS A . n 
B 2 9  SER 9  762 762 SER SER A . n 
B 2 10 LEU 10 763 763 LEU LEU A . n 
B 2 11 HIS 11 764 764 HIS HIS A . n 
B 2 12 GLN 12 765 765 GLN GLN A . n 
B 2 13 LEU 13 766 766 LEU LEU A . n 
B 2 14 GLN 14 767 767 GLN GLN A . n 
B 2 15 VAL 15 768 768 VAL VAL A . n 
B 2 16 GLU 16 769 769 GLU GLU A . n 
B 2 17 ASN 17 770 770 ASN ASN A . n 
B 2 18 ARG 18 771 771 ARG ARG A . n 
B 2 19 ARG 19 772 772 ARG ARG A . n 
B 2 20 LEU 20 773 773 LEU LEU A . n 
B 2 21 GLU 21 774 774 GLU GLU A . n 
B 2 22 GLU 22 775 775 GLU GLU A . n 
B 2 23 GLN 23 776 776 GLN GLN A . n 
B 2 24 ILE 24 777 777 ILE ILE A . n 
B 2 25 LYS 25 778 778 LYS LYS A . n 
B 2 26 ASN 26 779 779 ASN ASN A . n 
B 2 27 LEU 27 780 780 LEU LEU A . n 
B 2 28 THR 28 781 781 THR THR A . n 
B 2 29 ALA 29 782 782 ALA ALA A . n 
B 2 30 LYS 30 783 783 LYS LYS A . n 
B 2 31 LYS 31 784 784 LYS LYS A . n 
B 2 32 GLU 32 785 785 GLU GLU A . n 
B 2 33 ARG 33 786 786 ARG ARG A . n 
B 2 34 LEU 34 787 787 LEU LEU A . n 
B 2 35 GLN 35 788 788 GLN GLN A . n 
B 2 36 LEU 36 789 789 LEU LEU A . n 
B 2 37 LEU 37 790 790 LEU LEU A . n 
B 2 38 ASN 38 791 791 ASN ASN A . n 
B 2 39 ALA 39 792 792 ALA ALA A . n 
B 2 40 GLN 40 793 793 GLN GLN A . n 
B 2 41 LEU 41 794 794 LEU LEU A . n 
B 2 42 SER 42 795 795 SER SER A . n 
B 2 43 VAL 43 796 796 VAL VAL A . n 
# 
loop_
_pdbx_nonpoly_scheme.asym_id 
_pdbx_nonpoly_scheme.entity_id 
_pdbx_nonpoly_scheme.mon_id 
_pdbx_nonpoly_scheme.ndb_seq_num 
_pdbx_nonpoly_scheme.pdb_seq_num 
_pdbx_nonpoly_scheme.auth_seq_num 
_pdbx_nonpoly_scheme.pdb_mon_id 
_pdbx_nonpoly_scheme.auth_mon_id 
_pdbx_nonpoly_scheme.pdb_strand_id 
_pdbx_nonpoly_scheme.pdb_ins_code 
C 3 HOH 1  701 2  HOH HOH B . 
C 3 HOH 2  702 30 HOH HOH B . 
C 3 HOH 3  703 32 HOH HOH B . 
C 3 HOH 4  704 3  HOH HOH B . 
C 3 HOH 5  705 20 HOH HOH B . 
C 3 HOH 6  706 4  HOH HOH B . 
C 3 HOH 7  707 8  HOH HOH B . 
C 3 HOH 8  708 7  HOH HOH B . 
C 3 HOH 9  709 9  HOH HOH B . 
C 3 HOH 10 710 10 HOH HOH B . 
C 3 HOH 11 711 27 HOH HOH B . 
C 3 HOH 12 712 26 HOH HOH B . 
C 3 HOH 13 713 16 HOH HOH B . 
C 3 HOH 14 714 31 HOH HOH B . 
C 3 HOH 15 715 22 HOH HOH B . 
C 3 HOH 16 716 11 HOH HOH B . 
D 3 HOH 1  801 24 HOH HOH A . 
D 3 HOH 2  802 13 HOH HOH A . 
D 3 HOH 3  803 18 HOH HOH A . 
D 3 HOH 4  804 12 HOH HOH A . 
D 3 HOH 5  805 15 HOH HOH A . 
D 3 HOH 6  806 19 HOH HOH A . 
D 3 HOH 7  807 1  HOH HOH A . 
D 3 HOH 8  808 14 HOH HOH A . 
D 3 HOH 9  809 33 HOH HOH A . 
D 3 HOH 10 810 6  HOH HOH A . 
D 3 HOH 11 811 17 HOH HOH A . 
D 3 HOH 12 812 21 HOH HOH A . 
D 3 HOH 13 813 25 HOH HOH A . 
D 3 HOH 14 814 28 HOH HOH A . 
D 3 HOH 15 815 29 HOH HOH A . 
D 3 HOH 16 816 34 HOH HOH A . 
D 3 HOH 17 817 5  HOH HOH A . 
D 3 HOH 18 818 23 HOH HOH A . 
# 
_pdbx_struct_assembly.id                   1 
_pdbx_struct_assembly.details              author_and_software_defined_assembly 
_pdbx_struct_assembly.method_details       PISA 
_pdbx_struct_assembly.oligomeric_details   dimeric 
_pdbx_struct_assembly.oligomeric_count     2 
# 
_pdbx_struct_assembly_gen.assembly_id       1 
_pdbx_struct_assembly_gen.oper_expression   1 
_pdbx_struct_assembly_gen.asym_id_list      A,B,C,D 
# 
loop_
_pdbx_struct_assembly_prop.biol_id 
_pdbx_struct_assembly_prop.type 
_pdbx_struct_assembly_prop.value 
_pdbx_struct_assembly_prop.details 
1 'ABSA (A^2)' 1850 ? 
1 MORE         -20  ? 
1 'SSA (A^2)'  6310 ? 
# 
_pdbx_struct_oper_list.id                   1 
_pdbx_struct_oper_list.type                 'identity operation' 
_pdbx_struct_oper_list.name                 1_555 
_pdbx_struct_oper_list.symmetry_operation   x,y,z 
_pdbx_struct_oper_list.matrix[1][1]         1.0000000000 
_pdbx_struct_oper_list.matrix[1][2]         0.0000000000 
_pdbx_struct_oper_list.matrix[1][3]         0.0000000000 
_pdbx_struct_oper_list.vector[1]            0.0000000000 
_pdbx_struct_oper_list.matrix[2][1]         0.0000000000 
_pdbx_struct_oper_list.matrix[2][2]         1.0000000000 
_pdbx_struct_oper_list.matrix[2][3]         0.0000000000 
_pdbx_struct_oper_list.vector[2]            0.0000000000 
_pdbx_struct_oper_list.matrix[3][1]         0.0000000000 
_pdbx_struct_oper_list.matrix[3][2]         0.0000000000 
_pdbx_struct_oper_list.matrix[3][3]         1.0000000000 
_pdbx_struct_oper_list.vector[3]            0.0000000000 
# 
loop_
_pdbx_audit_revision_history.ordinal 
_pdbx_audit_revision_history.data_content_type 
_pdbx_audit_revision_history.major_revision 
_pdbx_audit_revision_history.minor_revision 
_pdbx_audit_revision_history.revision_date 
1 'Structure model' 1 0 2021-04-28 
2 'Structure model' 1 1 2021-11-10 
3 'Structure model' 1 2 2022-02-16 
4 'Structure model' 1 3 2023-11-29 
# 
_pdbx_audit_revision_details.ordinal             1 
_pdbx_audit_revision_details.revision_ordinal    1 
_pdbx_audit_revision_details.data_content_type   'Structure model' 
_pdbx_audit_revision_details.provider            repository 
_pdbx_audit_revision_details.type                'Initial release' 
_pdbx_audit_revision_details.description         ? 
_pdbx_audit_revision_details.details             ? 
# 
loop_
_pdbx_audit_revision_group.ordinal 
_pdbx_audit_revision_group.revision_ordinal 
_pdbx_audit_revision_group.data_content_type 
_pdbx_audit_revision_group.group 
1 2 'Structure model' 'Database references'    
2 3 'Structure model' 'Database references'    
3 4 'Structure model' 'Data collection'        
4 4 'Structure model' 'Refinement description' 
# 
loop_
_pdbx_audit_revision_category.ordinal 
_pdbx_audit_revision_category.revision_ordinal 
_pdbx_audit_revision_category.data_content_type 
_pdbx_audit_revision_category.category 
1 2 'Structure model' citation                      
2 2 'Structure model' citation_author               
3 2 'Structure model' database_2                    
4 3 'Structure model' citation                      
5 4 'Structure model' chem_comp_atom                
6 4 'Structure model' chem_comp_bond                
7 4 'Structure model' pdbx_initial_refinement_model 
# 
loop_
_pdbx_audit_revision_item.ordinal 
_pdbx_audit_revision_item.revision_ordinal 
_pdbx_audit_revision_item.data_content_type 
_pdbx_audit_revision_item.item 
1  2 'Structure model' '_citation.journal_abbrev'            
2  2 'Structure model' '_citation.journal_id_CSD'            
3  2 'Structure model' '_citation.journal_id_ISSN'           
4  2 'Structure model' '_citation.pdbx_database_id_DOI'      
5  2 'Structure model' '_citation.pdbx_database_id_PubMed'   
6  2 'Structure model' '_citation.title'                     
7  2 'Structure model' '_citation.year'                      
8  2 'Structure model' '_database_2.pdbx_DOI'                
9  2 'Structure model' '_database_2.pdbx_database_accession' 
10 3 'Structure model' '_citation.journal_volume'            
11 3 'Structure model' '_citation.page_first'                
12 3 'Structure model' '_citation.page_last'                 
# 
loop_
_pdbx_refine_tls.id 
_pdbx_refine_tls.pdbx_refine_id 
_pdbx_refine_tls.details 
_pdbx_refine_tls.method 
_pdbx_refine_tls.origin_x 
_pdbx_refine_tls.origin_y 
_pdbx_refine_tls.origin_z 
_pdbx_refine_tls.T[1][1] 
_pdbx_refine_tls.T[1][1]_esd 
_pdbx_refine_tls.T[1][2] 
_pdbx_refine_tls.T[1][2]_esd 
_pdbx_refine_tls.T[1][3] 
_pdbx_refine_tls.T[1][3]_esd 
_pdbx_refine_tls.T[2][2] 
_pdbx_refine_tls.T[2][2]_esd 
_pdbx_refine_tls.T[2][3] 
_pdbx_refine_tls.T[2][3]_esd 
_pdbx_refine_tls.T[3][3] 
_pdbx_refine_tls.T[3][3]_esd 
_pdbx_refine_tls.L[1][1] 
_pdbx_refine_tls.L[1][1]_esd 
_pdbx_refine_tls.L[1][2] 
_pdbx_refine_tls.L[1][2]_esd 
_pdbx_refine_tls.L[1][3] 
_pdbx_refine_tls.L[1][3]_esd 
_pdbx_refine_tls.L[2][2] 
_pdbx_refine_tls.L[2][2]_esd 
_pdbx_refine_tls.L[2][3] 
_pdbx_refine_tls.L[2][3]_esd 
_pdbx_refine_tls.L[3][3] 
_pdbx_refine_tls.L[3][3]_esd 
_pdbx_refine_tls.S[1][1] 
_pdbx_refine_tls.S[1][1]_esd 
_pdbx_refine_tls.S[1][2] 
_pdbx_refine_tls.S[1][2]_esd 
_pdbx_refine_tls.S[1][3] 
_pdbx_refine_tls.S[1][3]_esd 
_pdbx_refine_tls.S[2][1] 
_pdbx_refine_tls.S[2][1]_esd 
_pdbx_refine_tls.S[2][2] 
_pdbx_refine_tls.S[2][2]_esd 
_pdbx_refine_tls.S[2][3] 
_pdbx_refine_tls.S[2][3]_esd 
_pdbx_refine_tls.S[3][1] 
_pdbx_refine_tls.S[3][1]_esd 
_pdbx_refine_tls.S[3][2] 
_pdbx_refine_tls.S[3][2]_esd 
_pdbx_refine_tls.S[3][3] 
_pdbx_refine_tls.S[3][3]_esd 
1 'X-RAY DIFFRACTION' ? refined 3.7145  2.1656  3.0205  0.3256 ? -0.0866 ? -0.0112 ? 0.3178 ? -0.0091 ? 0.3541 ? 4.4158 ? -3.7969 ? -4.8542 ? 3.9716 ? 2.6456 ? 7.1736 ? -0.0587 ? -0.3791 ? 0.3222 ? 0.9157 ? 0.2575  ? -0.1241 ? 0.4460 ? 0.2940  ? -0.3046 ? 
2 'X-RAY DIFFRACTION' ? refined -3.4635 -2.5425 -3.4314 0.4489 ? -0.1234 ? 0.0511  ? 0.4294 ? -0.1466 ? 0.5932 ? 0.7898 ? -2.2052 ? -0.6961 ? 8.8768 ? 3.0663 ? 2.0138 ? 0.0176  ? -0.1514 ? 0.2889 ? 0.1675 ? -0.3815 ? 0.7777  ? 0.2113 ? -0.3855 ? 0.4080  ? 
# 
loop_
_pdbx_refine_tls_group.id 
_pdbx_refine_tls_group.pdbx_refine_id 
_pdbx_refine_tls_group.refine_tls_id 
_pdbx_refine_tls_group.beg_label_asym_id 
_pdbx_refine_tls_group.beg_label_seq_id 
_pdbx_refine_tls_group.beg_auth_asym_id 
_pdbx_refine_tls_group.beg_auth_seq_id 
_pdbx_refine_tls_group.beg_PDB_ins_code 
_pdbx_refine_tls_group.end_label_asym_id 
_pdbx_refine_tls_group.end_label_seq_id 
_pdbx_refine_tls_group.end_auth_asym_id 
_pdbx_refine_tls_group.end_auth_seq_id 
_pdbx_refine_tls_group.end_PDB_ins_code 
_pdbx_refine_tls_group.selection 
_pdbx_refine_tls_group.selection_details 
1 'X-RAY DIFFRACTION' 1 ? ? B 610 ? ? ? B 649 ? ? 
;chain 'B' and (resid 610 through 649 )
;
2 'X-RAY DIFFRACTION' 2 ? ? A 754 ? ? ? A 796 ? ? 
;chain 'A' and (resid 754 through 796 )
;
# 
loop_
_software.citation_id 
_software.classification 
_software.compiler_name 
_software.compiler_version 
_software.contact_author 
_software.contact_author_email 
_software.date 
_software.description 
_software.dependencies 
_software.hardware 
_software.language 
_software.location 
_software.mods 
_software.name 
_software.os 
_software.os_version 
_software.type 
_software.version 
_software.pdbx_ordinal 
? refinement        ? ? ? ? ? ? ? ? ? ? ? PHENIX      ? ? ? dev_1951 1 
? 'data extraction' ? ? ? ? ? ? ? ? ? ? ? PDB_EXTRACT ? ? ? 3.27     2 
? 'data reduction'  ? ? ? ? ? ? ? ? ? ? ? HKL-3000    ? ? ? .        3 
? 'data scaling'    ? ? ? ? ? ? ? ? ? ? ? HKL-3000    ? ? ? .        4 
? phasing           ? ? ? ? ? ? ? ? ? ? ? PHENIX      ? ? ? .        5 
# 
loop_
_pdbx_validate_close_contact.id 
_pdbx_validate_close_contact.PDB_model_num 
_pdbx_validate_close_contact.auth_atom_id_1 
_pdbx_validate_close_contact.auth_asym_id_1 
_pdbx_validate_close_contact.auth_comp_id_1 
_pdbx_validate_close_contact.auth_seq_id_1 
_pdbx_validate_close_contact.PDB_ins_code_1 
_pdbx_validate_close_contact.label_alt_id_1 
_pdbx_validate_close_contact.auth_atom_id_2 
_pdbx_validate_close_contact.auth_asym_id_2 
_pdbx_validate_close_contact.auth_comp_id_2 
_pdbx_validate_close_contact.auth_seq_id_2 
_pdbx_validate_close_contact.PDB_ins_code_2 
_pdbx_validate_close_contact.label_alt_id_2 
_pdbx_validate_close_contact.dist 
1 1 O A HOH 809 ? ? O A HOH 815 ? ? 1.93 
2 1 O A HOH 813 ? ? O A HOH 816 ? ? 2.02 
3 1 O B HOH 705 ? ? O A HOH 803 ? ? 2.17 
# 
loop_
_pdbx_unobs_or_zero_occ_atoms.id 
_pdbx_unobs_or_zero_occ_atoms.PDB_model_num 
_pdbx_unobs_or_zero_occ_atoms.polymer_flag 
_pdbx_unobs_or_zero_occ_atoms.occupancy_flag 
_pdbx_unobs_or_zero_occ_atoms.auth_asym_id 
_pdbx_unobs_or_zero_occ_atoms.auth_comp_id 
_pdbx_unobs_or_zero_occ_atoms.auth_seq_id 
_pdbx_unobs_or_zero_occ_atoms.PDB_ins_code 
_pdbx_unobs_or_zero_occ_atoms.auth_atom_id 
_pdbx_unobs_or_zero_occ_atoms.label_alt_id 
_pdbx_unobs_or_zero_occ_atoms.label_asym_id 
_pdbx_unobs_or_zero_occ_atoms.label_comp_id 
_pdbx_unobs_or_zero_occ_atoms.label_seq_id 
_pdbx_unobs_or_zero_occ_atoms.label_atom_id 
1  1 Y 1 B ASP 610 ? CG  ? A ASP 1  CG  
2  1 Y 1 B ASP 610 ? OD1 ? A ASP 1  OD1 
3  1 Y 1 B ASP 610 ? OD2 ? A ASP 1  OD2 
4  1 Y 1 B TRP 611 ? CG  ? A TRP 2  CG  
5  1 Y 1 B TRP 611 ? CD1 ? A TRP 2  CD1 
6  1 Y 1 B TRP 611 ? CD2 ? A TRP 2  CD2 
7  1 Y 1 B TRP 611 ? NE1 ? A TRP 2  NE1 
8  1 Y 1 B TRP 611 ? CE2 ? A TRP 2  CE2 
9  1 Y 1 B TRP 611 ? CE3 ? A TRP 2  CE3 
10 1 Y 1 B TRP 611 ? CZ2 ? A TRP 2  CZ2 
11 1 Y 1 B TRP 611 ? CZ3 ? A TRP 2  CZ3 
12 1 Y 1 B TRP 611 ? CH2 ? A TRP 2  CH2 
13 1 Y 1 B LYS 618 ? CG  ? A LYS 9  CG  
14 1 Y 1 B LYS 618 ? CD  ? A LYS 9  CD  
15 1 Y 1 B LYS 618 ? CE  ? A LYS 9  CE  
16 1 Y 1 B LYS 618 ? NZ  ? A LYS 9  NZ  
17 1 Y 1 B LYS 621 ? CD  ? A LYS 12 CD  
18 1 Y 1 B LYS 621 ? CE  ? A LYS 12 CE  
19 1 Y 1 B LYS 621 ? NZ  ? A LYS 12 NZ  
20 1 Y 1 B LYS 649 ? CD  ? A LYS 40 CD  
21 1 Y 1 B LYS 649 ? CE  ? A LYS 40 CE  
22 1 Y 1 B LYS 649 ? NZ  ? A LYS 40 NZ  
23 1 Y 1 A LYS 778 ? CD  ? B LYS 25 CD  
24 1 Y 1 A LYS 778 ? CE  ? B LYS 25 CE  
25 1 Y 1 A LYS 778 ? NZ  ? B LYS 25 NZ  
# 
loop_
_chem_comp_atom.comp_id 
_chem_comp_atom.atom_id 
_chem_comp_atom.type_symbol 
_chem_comp_atom.pdbx_aromatic_flag 
_chem_comp_atom.pdbx_stereo_config 
_chem_comp_atom.pdbx_ordinal 
ALA N    N N N 1   
ALA CA   C N S 2   
ALA C    C N N 3   
ALA O    O N N 4   
ALA CB   C N N 5   
ALA OXT  O N N 6   
ALA H    H N N 7   
ALA H2   H N N 8   
ALA HA   H N N 9   
ALA HB1  H N N 10  
ALA HB2  H N N 11  
ALA HB3  H N N 12  
ALA HXT  H N N 13  
ARG N    N N N 14  
ARG CA   C N S 15  
ARG C    C N N 16  
ARG O    O N N 17  
ARG CB   C N N 18  
ARG CG   C N N 19  
ARG CD   C N N 20  
ARG NE   N N N 21  
ARG CZ   C N N 22  
ARG NH1  N N N 23  
ARG NH2  N N N 24  
ARG OXT  O N N 25  
ARG H    H N N 26  
ARG H2   H N N 27  
ARG HA   H N N 28  
ARG HB2  H N N 29  
ARG HB3  H N N 30  
ARG HG2  H N N 31  
ARG HG3  H N N 32  
ARG HD2  H N N 33  
ARG HD3  H N N 34  
ARG HE   H N N 35  
ARG HH11 H N N 36  
ARG HH12 H N N 37  
ARG HH21 H N N 38  
ARG HH22 H N N 39  
ARG HXT  H N N 40  
ASN N    N N N 41  
ASN CA   C N S 42  
ASN C    C N N 43  
ASN O    O N N 44  
ASN CB   C N N 45  
ASN CG   C N N 46  
ASN OD1  O N N 47  
ASN ND2  N N N 48  
ASN OXT  O N N 49  
ASN H    H N N 50  
ASN H2   H N N 51  
ASN HA   H N N 52  
ASN HB2  H N N 53  
ASN HB3  H N N 54  
ASN HD21 H N N 55  
ASN HD22 H N N 56  
ASN HXT  H N N 57  
ASP N    N N N 58  
ASP CA   C N S 59  
ASP C    C N N 60  
ASP O    O N N 61  
ASP CB   C N N 62  
ASP CG   C N N 63  
ASP OD1  O N N 64  
ASP OD2  O N N 65  
ASP OXT  O N N 66  
ASP H    H N N 67  
ASP H2   H N N 68  
ASP HA   H N N 69  
ASP HB2  H N N 70  
ASP HB3  H N N 71  
ASP HD2  H N N 72  
ASP HXT  H N N 73  
CYS N    N N N 74  
CYS CA   C N R 75  
CYS C    C N N 76  
CYS O    O N N 77  
CYS CB   C N N 78  
CYS SG   S N N 79  
CYS OXT  O N N 80  
CYS H    H N N 81  
CYS H2   H N N 82  
CYS HA   H N N 83  
CYS HB2  H N N 84  
CYS HB3  H N N 85  
CYS HG   H N N 86  
CYS HXT  H N N 87  
GLN N    N N N 88  
GLN CA   C N S 89  
GLN C    C N N 90  
GLN O    O N N 91  
GLN CB   C N N 92  
GLN CG   C N N 93  
GLN CD   C N N 94  
GLN OE1  O N N 95  
GLN NE2  N N N 96  
GLN OXT  O N N 97  
GLN H    H N N 98  
GLN H2   H N N 99  
GLN HA   H N N 100 
GLN HB2  H N N 101 
GLN HB3  H N N 102 
GLN HG2  H N N 103 
GLN HG3  H N N 104 
GLN HE21 H N N 105 
GLN HE22 H N N 106 
GLN HXT  H N N 107 
GLU N    N N N 108 
GLU CA   C N S 109 
GLU C    C N N 110 
GLU O    O N N 111 
GLU CB   C N N 112 
GLU CG   C N N 113 
GLU CD   C N N 114 
GLU OE1  O N N 115 
GLU OE2  O N N 116 
GLU OXT  O N N 117 
GLU H    H N N 118 
GLU H2   H N N 119 
GLU HA   H N N 120 
GLU HB2  H N N 121 
GLU HB3  H N N 122 
GLU HG2  H N N 123 
GLU HG3  H N N 124 
GLU HE2  H N N 125 
GLU HXT  H N N 126 
GLY N    N N N 127 
GLY CA   C N N 128 
GLY C    C N N 129 
GLY O    O N N 130 
GLY OXT  O N N 131 
GLY H    H N N 132 
GLY H2   H N N 133 
GLY HA2  H N N 134 
GLY HA3  H N N 135 
GLY HXT  H N N 136 
HIS N    N N N 137 
HIS CA   C N S 138 
HIS C    C N N 139 
HIS O    O N N 140 
HIS CB   C N N 141 
HIS CG   C Y N 142 
HIS ND1  N Y N 143 
HIS CD2  C Y N 144 
HIS CE1  C Y N 145 
HIS NE2  N Y N 146 
HIS OXT  O N N 147 
HIS H    H N N 148 
HIS H2   H N N 149 
HIS HA   H N N 150 
HIS HB2  H N N 151 
HIS HB3  H N N 152 
HIS HD1  H N N 153 
HIS HD2  H N N 154 
HIS HE1  H N N 155 
HIS HE2  H N N 156 
HIS HXT  H N N 157 
HOH O    O N N 158 
HOH H1   H N N 159 
HOH H2   H N N 160 
ILE N    N N N 161 
ILE CA   C N S 162 
ILE C    C N N 163 
ILE O    O N N 164 
ILE CB   C N S 165 
ILE CG1  C N N 166 
ILE CG2  C N N 167 
ILE CD1  C N N 168 
ILE OXT  O N N 169 
ILE H    H N N 170 
ILE H2   H N N 171 
ILE HA   H N N 172 
ILE HB   H N N 173 
ILE HG12 H N N 174 
ILE HG13 H N N 175 
ILE HG21 H N N 176 
ILE HG22 H N N 177 
ILE HG23 H N N 178 
ILE HD11 H N N 179 
ILE HD12 H N N 180 
ILE HD13 H N N 181 
ILE HXT  H N N 182 
LEU N    N N N 183 
LEU CA   C N S 184 
LEU C    C N N 185 
LEU O    O N N 186 
LEU CB   C N N 187 
LEU CG   C N N 188 
LEU CD1  C N N 189 
LEU CD2  C N N 190 
LEU OXT  O N N 191 
LEU H    H N N 192 
LEU H2   H N N 193 
LEU HA   H N N 194 
LEU HB2  H N N 195 
LEU HB3  H N N 196 
LEU HG   H N N 197 
LEU HD11 H N N 198 
LEU HD12 H N N 199 
LEU HD13 H N N 200 
LEU HD21 H N N 201 
LEU HD22 H N N 202 
LEU HD23 H N N 203 
LEU HXT  H N N 204 
LYS N    N N N 205 
LYS CA   C N S 206 
LYS C    C N N 207 
LYS O    O N N 208 
LYS CB   C N N 209 
LYS CG   C N N 210 
LYS CD   C N N 211 
LYS CE   C N N 212 
LYS NZ   N N N 213 
LYS OXT  O N N 214 
LYS H    H N N 215 
LYS H2   H N N 216 
LYS HA   H N N 217 
LYS HB2  H N N 218 
LYS HB3  H N N 219 
LYS HG2  H N N 220 
LYS HG3  H N N 221 
LYS HD2  H N N 222 
LYS HD3  H N N 223 
LYS HE2  H N N 224 
LYS HE3  H N N 225 
LYS HZ1  H N N 226 
LYS HZ2  H N N 227 
LYS HZ3  H N N 228 
LYS HXT  H N N 229 
MET N    N N N 230 
MET CA   C N S 231 
MET C    C N N 232 
MET O    O N N 233 
MET CB   C N N 234 
MET CG   C N N 235 
MET SD   S N N 236 
MET CE   C N N 237 
MET OXT  O N N 238 
MET H    H N N 239 
MET H2   H N N 240 
MET HA   H N N 241 
MET HB2  H N N 242 
MET HB3  H N N 243 
MET HG2  H N N 244 
MET HG3  H N N 245 
MET HE1  H N N 246 
MET HE2  H N N 247 
MET HE3  H N N 248 
MET HXT  H N N 249 
SER N    N N N 250 
SER CA   C N S 251 
SER C    C N N 252 
SER O    O N N 253 
SER CB   C N N 254 
SER OG   O N N 255 
SER OXT  O N N 256 
SER H    H N N 257 
SER H2   H N N 258 
SER HA   H N N 259 
SER HB2  H N N 260 
SER HB3  H N N 261 
SER HG   H N N 262 
SER HXT  H N N 263 
THR N    N N N 264 
THR CA   C N S 265 
THR C    C N N 266 
THR O    O N N 267 
THR CB   C N R 268 
THR OG1  O N N 269 
THR CG2  C N N 270 
THR OXT  O N N 271 
THR H    H N N 272 
THR H2   H N N 273 
THR HA   H N N 274 
THR HB   H N N 275 
THR HG1  H N N 276 
THR HG21 H N N 277 
THR HG22 H N N 278 
THR HG23 H N N 279 
THR HXT  H N N 280 
TRP N    N N N 281 
TRP CA   C N S 282 
TRP C    C N N 283 
TRP O    O N N 284 
TRP CB   C N N 285 
TRP CG   C Y N 286 
TRP CD1  C Y N 287 
TRP CD2  C Y N 288 
TRP NE1  N Y N 289 
TRP CE2  C Y N 290 
TRP CE3  C Y N 291 
TRP CZ2  C Y N 292 
TRP CZ3  C Y N 293 
TRP CH2  C Y N 294 
TRP OXT  O N N 295 
TRP H    H N N 296 
TRP H2   H N N 297 
TRP HA   H N N 298 
TRP HB2  H N N 299 
TRP HB3  H N N 300 
TRP HD1  H N N 301 
TRP HE1  H N N 302 
TRP HE3  H N N 303 
TRP HZ2  H N N 304 
TRP HZ3  H N N 305 
TRP HH2  H N N 306 
TRP HXT  H N N 307 
VAL N    N N N 308 
VAL CA   C N S 309 
VAL C    C N N 310 
VAL O    O N N 311 
VAL CB   C N N 312 
VAL CG1  C N N 313 
VAL CG2  C N N 314 
VAL OXT  O N N 315 
VAL H    H N N 316 
VAL H2   H N N 317 
VAL HA   H N N 318 
VAL HB   H N N 319 
VAL HG11 H N N 320 
VAL HG12 H N N 321 
VAL HG13 H N N 322 
VAL HG21 H N N 323 
VAL HG22 H N N 324 
VAL HG23 H N N 325 
VAL HXT  H N N 326 
# 
loop_
_chem_comp_bond.comp_id 
_chem_comp_bond.atom_id_1 
_chem_comp_bond.atom_id_2 
_chem_comp_bond.value_order 
_chem_comp_bond.pdbx_aromatic_flag 
_chem_comp_bond.pdbx_stereo_config 
_chem_comp_bond.pdbx_ordinal 
ALA N   CA   sing N N 1   
ALA N   H    sing N N 2   
ALA N   H2   sing N N 3   
ALA CA  C    sing N N 4   
ALA CA  CB   sing N N 5   
ALA CA  HA   sing N N 6   
ALA C   O    doub N N 7   
ALA C   OXT  sing N N 8   
ALA CB  HB1  sing N N 9   
ALA CB  HB2  sing N N 10  
ALA CB  HB3  sing N N 11  
ALA OXT HXT  sing N N 12  
ARG N   CA   sing N N 13  
ARG N   H    sing N N 14  
ARG N   H2   sing N N 15  
ARG CA  C    sing N N 16  
ARG CA  CB   sing N N 17  
ARG CA  HA   sing N N 18  
ARG C   O    doub N N 19  
ARG C   OXT  sing N N 20  
ARG CB  CG   sing N N 21  
ARG CB  HB2  sing N N 22  
ARG CB  HB3  sing N N 23  
ARG CG  CD   sing N N 24  
ARG CG  HG2  sing N N 25  
ARG CG  HG3  sing N N 26  
ARG CD  NE   sing N N 27  
ARG CD  HD2  sing N N 28  
ARG CD  HD3  sing N N 29  
ARG NE  CZ   sing N N 30  
ARG NE  HE   sing N N 31  
ARG CZ  NH1  sing N N 32  
ARG CZ  NH2  doub N N 33  
ARG NH1 HH11 sing N N 34  
ARG NH1 HH12 sing N N 35  
ARG NH2 HH21 sing N N 36  
ARG NH2 HH22 sing N N 37  
ARG OXT HXT  sing N N 38  
ASN N   CA   sing N N 39  
ASN N   H    sing N N 40  
ASN N   H2   sing N N 41  
ASN CA  C    sing N N 42  
ASN CA  CB   sing N N 43  
ASN CA  HA   sing N N 44  
ASN C   O    doub N N 45  
ASN C   OXT  sing N N 46  
ASN CB  CG   sing N N 47  
ASN CB  HB2  sing N N 48  
ASN CB  HB3  sing N N 49  
ASN CG  OD1  doub N N 50  
ASN CG  ND2  sing N N 51  
ASN ND2 HD21 sing N N 52  
ASN ND2 HD22 sing N N 53  
ASN OXT HXT  sing N N 54  
ASP N   CA   sing N N 55  
ASP N   H    sing N N 56  
ASP N   H2   sing N N 57  
ASP CA  C    sing N N 58  
ASP CA  CB   sing N N 59  
ASP CA  HA   sing N N 60  
ASP C   O    doub N N 61  
ASP C   OXT  sing N N 62  
ASP CB  CG   sing N N 63  
ASP CB  HB2  sing N N 64  
ASP CB  HB3  sing N N 65  
ASP CG  OD1  doub N N 66  
ASP CG  OD2  sing N N 67  
ASP OD2 HD2  sing N N 68  
ASP OXT HXT  sing N N 69  
CYS N   CA   sing N N 70  
CYS N   H    sing N N 71  
CYS N   H2   sing N N 72  
CYS CA  C    sing N N 73  
CYS CA  CB   sing N N 74  
CYS CA  HA   sing N N 75  
CYS C   O    doub N N 76  
CYS C   OXT  sing N N 77  
CYS CB  SG   sing N N 78  
CYS CB  HB2  sing N N 79  
CYS CB  HB3  sing N N 80  
CYS SG  HG   sing N N 81  
CYS OXT HXT  sing N N 82  
GLN N   CA   sing N N 83  
GLN N   H    sing N N 84  
GLN N   H2   sing N N 85  
GLN CA  C    sing N N 86  
GLN CA  CB   sing N N 87  
GLN CA  HA   sing N N 88  
GLN C   O    doub N N 89  
GLN C   OXT  sing N N 90  
GLN CB  CG   sing N N 91  
GLN CB  HB2  sing N N 92  
GLN CB  HB3  sing N N 93  
GLN CG  CD   sing N N 94  
GLN CG  HG2  sing N N 95  
GLN CG  HG3  sing N N 96  
GLN CD  OE1  doub N N 97  
GLN CD  NE2  sing N N 98  
GLN NE2 HE21 sing N N 99  
GLN NE2 HE22 sing N N 100 
GLN OXT HXT  sing N N 101 
GLU N   CA   sing N N 102 
GLU N   H    sing N N 103 
GLU N   H2   sing N N 104 
GLU CA  C    sing N N 105 
GLU CA  CB   sing N N 106 
GLU CA  HA   sing N N 107 
GLU C   O    doub N N 108 
GLU C   OXT  sing N N 109 
GLU CB  CG   sing N N 110 
GLU CB  HB2  sing N N 111 
GLU CB  HB3  sing N N 112 
GLU CG  CD   sing N N 113 
GLU CG  HG2  sing N N 114 
GLU CG  HG3  sing N N 115 
GLU CD  OE1  doub N N 116 
GLU CD  OE2  sing N N 117 
GLU OE2 HE2  sing N N 118 
GLU OXT HXT  sing N N 119 
GLY N   CA   sing N N 120 
GLY N   H    sing N N 121 
GLY N   H2   sing N N 122 
GLY CA  C    sing N N 123 
GLY CA  HA2  sing N N 124 
GLY CA  HA3  sing N N 125 
GLY C   O    doub N N 126 
GLY C   OXT  sing N N 127 
GLY OXT HXT  sing N N 128 
HIS N   CA   sing N N 129 
HIS N   H    sing N N 130 
HIS N   H2   sing N N 131 
HIS CA  C    sing N N 132 
HIS CA  CB   sing N N 133 
HIS CA  HA   sing N N 134 
HIS C   O    doub N N 135 
HIS C   OXT  sing N N 136 
HIS CB  CG   sing N N 137 
HIS CB  HB2  sing N N 138 
HIS CB  HB3  sing N N 139 
HIS CG  ND1  sing Y N 140 
HIS CG  CD2  doub Y N 141 
HIS ND1 CE1  doub Y N 142 
HIS ND1 HD1  sing N N 143 
HIS CD2 NE2  sing Y N 144 
HIS CD2 HD2  sing N N 145 
HIS CE1 NE2  sing Y N 146 
HIS CE1 HE1  sing N N 147 
HIS NE2 HE2  sing N N 148 
HIS OXT HXT  sing N N 149 
HOH O   H1   sing N N 150 
HOH O   H2   sing N N 151 
ILE N   CA   sing N N 152 
ILE N   H    sing N N 153 
ILE N   H2   sing N N 154 
ILE CA  C    sing N N 155 
ILE CA  CB   sing N N 156 
ILE CA  HA   sing N N 157 
ILE C   O    doub N N 158 
ILE C   OXT  sing N N 159 
ILE CB  CG1  sing N N 160 
ILE CB  CG2  sing N N 161 
ILE CB  HB   sing N N 162 
ILE CG1 CD1  sing N N 163 
ILE CG1 HG12 sing N N 164 
ILE CG1 HG13 sing N N 165 
ILE CG2 HG21 sing N N 166 
ILE CG2 HG22 sing N N 167 
ILE CG2 HG23 sing N N 168 
ILE CD1 HD11 sing N N 169 
ILE CD1 HD12 sing N N 170 
ILE CD1 HD13 sing N N 171 
ILE OXT HXT  sing N N 172 
LEU N   CA   sing N N 173 
LEU N   H    sing N N 174 
LEU N   H2   sing N N 175 
LEU CA  C    sing N N 176 
LEU CA  CB   sing N N 177 
LEU CA  HA   sing N N 178 
LEU C   O    doub N N 179 
LEU C   OXT  sing N N 180 
LEU CB  CG   sing N N 181 
LEU CB  HB2  sing N N 182 
LEU CB  HB3  sing N N 183 
LEU CG  CD1  sing N N 184 
LEU CG  CD2  sing N N 185 
LEU CG  HG   sing N N 186 
LEU CD1 HD11 sing N N 187 
LEU CD1 HD12 sing N N 188 
LEU CD1 HD13 sing N N 189 
LEU CD2 HD21 sing N N 190 
LEU CD2 HD22 sing N N 191 
LEU CD2 HD23 sing N N 192 
LEU OXT HXT  sing N N 193 
LYS N   CA   sing N N 194 
LYS N   H    sing N N 195 
LYS N   H2   sing N N 196 
LYS CA  C    sing N N 197 
LYS CA  CB   sing N N 198 
LYS CA  HA   sing N N 199 
LYS C   O    doub N N 200 
LYS C   OXT  sing N N 201 
LYS CB  CG   sing N N 202 
LYS CB  HB2  sing N N 203 
LYS CB  HB3  sing N N 204 
LYS CG  CD   sing N N 205 
LYS CG  HG2  sing N N 206 
LYS CG  HG3  sing N N 207 
LYS CD  CE   sing N N 208 
LYS CD  HD2  sing N N 209 
LYS CD  HD3  sing N N 210 
LYS CE  NZ   sing N N 211 
LYS CE  HE2  sing N N 212 
LYS CE  HE3  sing N N 213 
LYS NZ  HZ1  sing N N 214 
LYS NZ  HZ2  sing N N 215 
LYS NZ  HZ3  sing N N 216 
LYS OXT HXT  sing N N 217 
MET N   CA   sing N N 218 
MET N   H    sing N N 219 
MET N   H2   sing N N 220 
MET CA  C    sing N N 221 
MET CA  CB   sing N N 222 
MET CA  HA   sing N N 223 
MET C   O    doub N N 224 
MET C   OXT  sing N N 225 
MET CB  CG   sing N N 226 
MET CB  HB2  sing N N 227 
MET CB  HB3  sing N N 228 
MET CG  SD   sing N N 229 
MET CG  HG2  sing N N 230 
MET CG  HG3  sing N N 231 
MET SD  CE   sing N N 232 
MET CE  HE1  sing N N 233 
MET CE  HE2  sing N N 234 
MET CE  HE3  sing N N 235 
MET OXT HXT  sing N N 236 
SER N   CA   sing N N 237 
SER N   H    sing N N 238 
SER N   H2   sing N N 239 
SER CA  C    sing N N 240 
SER CA  CB   sing N N 241 
SER CA  HA   sing N N 242 
SER C   O    doub N N 243 
SER C   OXT  sing N N 244 
SER CB  OG   sing N N 245 
SER CB  HB2  sing N N 246 
SER CB  HB3  sing N N 247 
SER OG  HG   sing N N 248 
SER OXT HXT  sing N N 249 
THR N   CA   sing N N 250 
THR N   H    sing N N 251 
THR N   H2   sing N N 252 
THR CA  C    sing N N 253 
THR CA  CB   sing N N 254 
THR CA  HA   sing N N 255 
THR C   O    doub N N 256 
THR C   OXT  sing N N 257 
THR CB  OG1  sing N N 258 
THR CB  CG2  sing N N 259 
THR CB  HB   sing N N 260 
THR OG1 HG1  sing N N 261 
THR CG2 HG21 sing N N 262 
THR CG2 HG22 sing N N 263 
THR CG2 HG23 sing N N 264 
THR OXT HXT  sing N N 265 
TRP N   CA   sing N N 266 
TRP N   H    sing N N 267 
TRP N   H2   sing N N 268 
TRP CA  C    sing N N 269 
TRP CA  CB   sing N N 270 
TRP CA  HA   sing N N 271 
TRP C   O    doub N N 272 
TRP C   OXT  sing N N 273 
TRP CB  CG   sing N N 274 
TRP CB  HB2  sing N N 275 
TRP CB  HB3  sing N N 276 
TRP CG  CD1  doub Y N 277 
TRP CG  CD2  sing Y N 278 
TRP CD1 NE1  sing Y N 279 
TRP CD1 HD1  sing N N 280 
TRP CD2 CE2  doub Y N 281 
TRP CD2 CE3  sing Y N 282 
TRP NE1 CE2  sing Y N 283 
TRP NE1 HE1  sing N N 284 
TRP CE2 CZ2  sing Y N 285 
TRP CE3 CZ3  doub Y N 286 
TRP CE3 HE3  sing N N 287 
TRP CZ2 CH2  doub Y N 288 
TRP CZ2 HZ2  sing N N 289 
TRP CZ3 CH2  sing Y N 290 
TRP CZ3 HZ3  sing N N 291 
TRP CH2 HH2  sing N N 292 
TRP OXT HXT  sing N N 293 
VAL N   CA   sing N N 294 
VAL N   H    sing N N 295 
VAL N   H2   sing N N 296 
VAL CA  C    sing N N 297 
VAL CA  CB   sing N N 298 
VAL CA  HA   sing N N 299 
VAL C   O    doub N N 300 
VAL C   OXT  sing N N 301 
VAL CB  CG1  sing N N 302 
VAL CB  CG2  sing N N 303 
VAL CB  HB   sing N N 304 
VAL CG1 HG11 sing N N 305 
VAL CG1 HG12 sing N N 306 
VAL CG1 HG13 sing N N 307 
VAL CG2 HG21 sing N N 308 
VAL CG2 HG22 sing N N 309 
VAL CG2 HG23 sing N N 310 
VAL OXT HXT  sing N N 311 
# 
_pdbx_audit_support.funding_organization   'National Natural Science Foundation of China (NSFC)' 
_pdbx_audit_support.country                China 
_pdbx_audit_support.grant_number           31770801 
_pdbx_audit_support.ordinal                1 
# 
_pdbx_entity_nonpoly.entity_id   3 
_pdbx_entity_nonpoly.name        water 
_pdbx_entity_nonpoly.comp_id     HOH 
# 
_pdbx_initial_refinement_model.id               1 
_pdbx_initial_refinement_model.entity_id_list   ? 
_pdbx_initial_refinement_model.type             'experimental model' 
_pdbx_initial_refinement_model.source_name      PDB 
_pdbx_initial_refinement_model.accession_code   1ZIK 
_pdbx_initial_refinement_model.details          ? 
# 
_pdbx_struct_assembly_auth_evidence.id                     1 
_pdbx_struct_assembly_auth_evidence.assembly_id            1 
_pdbx_struct_assembly_auth_evidence.experimental_support   'gel filtration' 
_pdbx_struct_assembly_auth_evidence.details                ? 
# 
